data_6SML
#
_entry.id   6SML
#
_cell.length_a   1.00
_cell.length_b   1.00
_cell.length_c   1.00
_cell.angle_alpha   90.00
_cell.angle_beta   90.00
_cell.angle_gamma   90.00
#
_symmetry.space_group_name_H-M   'P 1'
#
loop_
_entity.id
_entity.type
_entity.pdbx_description
1 polymer 'Lipoprotein RagB'
2 polymer 'RagA protein'
3 polymer GLY-THR-GLY-GLY-SER-THR-GLY-THR-THR-SER-ALA-GLY
4 non-polymer '(1R,4S,6R)-6-({[2-(ACETYLAMINO)-2-DEOXY-ALPHA-D-GLUCOPYRANOSYL]OXY}METHYL)-4-HYDROXY-1-{[(15-METHYLHEXADECANOYL)OXY]METHYL}-4-OXIDO-7-OXO-3,5-DIOXA-8-AZA-4-PHOSPHAHEPTACOS-1-YL 15-METHYLHEXADECANOATE'
5 non-polymer 'PALMITIC ACID'
#
loop_
_entity_poly.entity_id
_entity_poly.type
_entity_poly.pdbx_seq_one_letter_code
_entity_poly.pdbx_strand_id
1 'polypeptide(L)'
;CELDRDPEGKDFQQPYTSFVQTKQNRDGLYALLRNTENPRMHFYQELQSDMYCTTITDGNSLAPFVNWDLGILNDHGRAD
EDEVSGIAGYYFVYNRLNQQANAFVNNTEAALQNQVYKNSTEIANAKSFLAEGKVLQALAIWRLMDRFSFHESVTEVNSG
AKDLGVILLKEYNPGYIGPRATKAQCYDYILSRLSEAIEVLPENRESVLYVSRDYAYALRARIYLALGEYGKAAADAKMV
VDKYPLIGAADASEFENIYRSDANNPEIIFRGFASATLGSFTATTLNGAAPAGKDIKYNPSAVPFQWVVDLYENEDFRKS
VYIAKVVKKDKGYLVNKFLEDKAYRDVQDKPNLKVGARYFSVAEVYLILVESALQTGDTPTAEKYLKALSKARGAEVSVV
NMEALQAERTRELIGEGSRLRDMVRWSIPNNHDAFETQPGLEGFANTTPLKAQAPVGFYAYTWEFPQRDRQTNPQLIKNW
PI
;
A
2 'polypeptide(L)'
;QVVVLGYGTGQKLSTVSGSVAKVSSEKLAEKPVANIMDALQGQVAGMQVMTTSGDPTAVASVEIHGTGSLGASSAPLYIV
DGMQTSLDVVATMNPNDFESMSVLKDASATSIYGARAANGVVFIQTKKGKMSERGRITFNASYGISQILNTKPLDNMMTG
DELLDFQVKAGFWGNNQTVQKVKDMILAGAEDLYGNYDSLKDEYGKTLFPVDFNHDADWLKALFKTAPTSQGDISFSGGS
QGTSYYASIGYFDQEGMAREPANFKRYSGRLNFESRINEWLKVGANLSGAIANRRSADYFGKYYMGSGTFGVLTMPRYYN
PFDVNGDLADVYYMYGATRPSMTEPYFAKMRPFSSESHQANVNGFAQITPIKGLTLKAQAGVDITNTRTSSKRMPNNPYD
STPLGERRERAYRDVSKSFTNTAEYKFSIDEKHDLTALMGHEYIEYEGDVIGASSKGFESDKLMLLSQGKTGNSLSLPEH
RVAEYAYLSFFSRFNYGFDKWMYIDFSVRNDQSSRFGSNNRSAWFYSVGGMFDIYNKFIQESNWLSDLRLKMSYGTTGNS
EIGNYNHQALVTVNNYTEDAMGLSISTAGNPDLSWEKQSQFNFGLAAGAFNNRLSAEVDFYVRTTNDMLIDVPMPYISGF
FSQYQNVGSMKNTGVDLSLKGTIYQNKDWNVYASANFNYNRQEITKLFFGLNKYMLPNTGTIWEIGYPNSFYMAEYAGID
KKTGKQLWYVPGQVDADGNKVTTSQYSADLETRIDKSVTPPITGGFSLGASWKGLSLDADFAYIVGKWMINNDRYFTENG
GGLMQLNKDKMLLNAWTEDNKETDVPKLGQSPQFDTHLLENASFLRLKNLKLTYVLPNSLFAGQNVIGGARVYLMARNLL
TVTKYKGFDPEAGGNVGKNQYPNSKQYVAGIQLSF
;
B
3 'polypeptide(L)' GTGGSTGTTSAG C
#
loop_
_chem_comp.id
_chem_comp.type
_chem_comp.name
_chem_comp.formula
5PL non-polymer '(1R,4S,6R)-6-({[2-(ACETYLAMINO)-2-DEOXY-ALPHA-D-GLUCOPYRANOSYL]OXY}METHYL)-4-HYDROXY-1-{[(15-METHYLHEXADECANOYL)OXY]METHYL}-4-OXIDO-7-OXO-3,5-DIOXA-8-AZA-4-PHOSPHAHEPTACOS-1-YL 15-METHYLHEXADECANOATE' 'C67 H129 N2 O15 P'
PLM non-polymer 'PALMITIC ACID' 'C16 H32 O2'
#
# COMPACT_ATOMS: atom_id res chain seq x y z
N CYS A 1 16.77 -22.64 19.11
CA CYS A 1 16.68 -21.68 18.02
C CYS A 1 15.40 -20.87 18.12
N GLU A 2 15.52 -19.64 18.61
CA GLU A 2 14.40 -18.71 18.65
C GLU A 2 14.43 -17.84 17.41
N LEU A 3 13.28 -17.73 16.75
CA LEU A 3 13.21 -17.09 15.45
C LEU A 3 12.06 -16.10 15.37
N ASP A 4 11.89 -15.26 16.37
CA ASP A 4 11.02 -14.11 16.19
C ASP A 4 11.83 -12.83 16.31
N ARG A 5 11.42 -11.84 15.52
CA ARG A 5 12.16 -10.59 15.38
C ARG A 5 11.26 -9.43 15.81
N ASP A 6 11.78 -8.56 16.64
CA ASP A 6 11.07 -7.36 17.02
C ASP A 6 11.33 -6.27 15.99
N PRO A 7 10.30 -5.50 15.61
CA PRO A 7 10.50 -4.46 14.60
C PRO A 7 11.37 -3.33 15.13
N GLU A 8 12.51 -3.13 14.49
CA GLU A 8 13.41 -2.05 14.86
C GLU A 8 12.76 -0.72 14.51
N GLY A 9 12.63 0.15 15.49
CA GLY A 9 12.11 1.48 15.26
C GLY A 9 10.76 1.76 15.84
N LYS A 10 10.02 0.74 16.24
CA LYS A 10 8.75 0.95 16.91
C LYS A 10 8.53 -0.19 17.89
N ASP A 11 7.82 0.11 18.95
CA ASP A 11 7.47 -0.88 19.96
C ASP A 11 6.11 -1.47 19.59
N PHE A 12 5.79 -2.62 20.19
CA PHE A 12 4.55 -3.29 19.89
C PHE A 12 3.90 -3.76 21.18
N GLN A 13 2.73 -4.36 21.07
CA GLN A 13 1.88 -4.65 22.23
C GLN A 13 2.21 -6.02 22.80
N GLN A 14 2.48 -6.06 24.11
CA GLN A 14 2.97 -7.22 24.86
C GLN A 14 2.91 -6.85 26.34
N PRO A 15 3.06 -7.79 27.27
CA PRO A 15 3.21 -7.40 28.68
C PRO A 15 4.48 -6.59 28.93
N TYR A 16 4.39 -5.66 29.87
CA TYR A 16 5.42 -4.65 30.05
C TYR A 16 6.64 -5.24 30.75
N THR A 17 7.80 -4.69 30.44
CA THR A 17 9.06 -5.19 30.96
C THR A 17 9.82 -4.16 31.79
N SER A 18 9.31 -2.96 31.97
CA SER A 18 9.98 -1.94 32.78
C SER A 18 8.93 -0.98 33.30
N PHE A 19 9.39 0.11 33.91
CA PHE A 19 8.48 1.11 34.44
C PHE A 19 8.29 2.30 33.53
N VAL A 20 9.32 2.66 32.76
CA VAL A 20 9.17 3.80 31.86
C VAL A 20 8.28 3.43 30.69
N GLN A 21 8.24 2.15 30.33
CA GLN A 21 7.30 1.67 29.31
C GLN A 21 5.87 1.81 29.80
N THR A 22 5.63 1.51 31.08
CA THR A 22 4.31 1.69 31.68
C THR A 22 3.91 3.16 31.72
N LYS A 23 4.84 4.03 32.13
CA LYS A 23 4.51 5.45 32.24
C LYS A 23 4.25 6.07 30.87
N GLN A 24 4.97 5.63 29.83
CA GLN A 24 4.76 6.19 28.51
C GLN A 24 3.48 5.68 27.88
N ASN A 25 3.12 4.42 28.11
CA ASN A 25 1.84 3.95 27.62
C ASN A 25 0.66 4.60 28.35
N ARG A 26 0.85 4.96 29.62
CA ARG A 26 -0.19 5.68 30.34
C ARG A 26 -0.39 7.09 29.81
N ASP A 27 0.71 7.79 29.48
CA ASP A 27 0.57 9.11 28.86
C ASP A 27 -0.08 9.03 27.50
N GLY A 28 0.20 7.98 26.73
CA GLY A 28 -0.49 7.81 25.46
C GLY A 28 -1.97 7.53 25.61
N LEU A 29 -2.35 6.80 26.66
CA LEU A 29 -3.76 6.56 26.94
C LEU A 29 -4.48 7.84 27.35
N TYR A 30 -3.81 8.72 28.08
CA TYR A 30 -4.44 10.00 28.43
C TYR A 30 -4.57 10.92 27.23
N ALA A 31 -3.60 10.88 26.31
CA ALA A 31 -3.72 11.68 25.09
C ALA A 31 -4.80 11.12 24.18
N LEU A 32 -5.09 9.83 24.26
CA LEU A 32 -6.24 9.28 23.53
C LEU A 32 -7.56 9.70 24.17
N LEU A 33 -7.61 9.72 25.51
CA LEU A 33 -8.81 10.19 26.21
C LEU A 33 -9.10 11.65 25.93
N ARG A 34 -8.06 12.44 25.64
CA ARG A 34 -8.26 13.85 25.31
C ARG A 34 -9.07 14.03 24.03
N ASN A 35 -8.76 13.26 22.98
CA ASN A 35 -9.50 13.38 21.73
C ASN A 35 -10.80 12.60 21.74
N THR A 36 -10.93 11.59 22.60
CA THR A 36 -12.18 10.83 22.65
C THR A 36 -13.29 11.63 23.33
N GLU A 37 -13.07 12.11 24.54
CA GLU A 37 -14.09 12.79 25.32
C GLU A 37 -13.90 14.30 25.18
N ASN A 38 -14.32 14.83 24.05
CA ASN A 38 -14.28 16.24 23.76
C ASN A 38 -15.59 16.89 24.12
N PRO A 39 -15.69 18.22 24.01
CA PRO A 39 -17.02 18.82 23.85
C PRO A 39 -17.58 18.63 22.46
N ARG A 40 -16.73 18.30 21.48
CA ARG A 40 -17.20 18.15 20.11
C ARG A 40 -18.04 16.90 19.93
N MET A 41 -17.88 15.91 20.80
CA MET A 41 -18.60 14.66 20.66
C MET A 41 -19.95 14.68 21.35
N HIS A 42 -20.23 15.69 22.17
CA HIS A 42 -21.44 15.71 22.97
C HIS A 42 -22.43 16.75 22.49
N PHE A 43 -22.21 17.34 21.32
CA PHE A 43 -23.18 18.28 20.78
C PHE A 43 -24.40 17.59 20.22
N TYR A 44 -24.32 16.28 19.92
CA TYR A 44 -25.45 15.59 19.33
C TYR A 44 -26.47 15.17 20.36
N GLN A 45 -26.08 15.00 21.62
CA GLN A 45 -27.08 14.79 22.66
C GLN A 45 -27.75 16.10 23.04
N GLU A 46 -27.07 17.22 22.80
CA GLU A 46 -27.60 18.52 23.18
C GLU A 46 -28.53 19.07 22.10
N LEU A 47 -28.18 18.88 20.84
CA LEU A 47 -29.00 19.38 19.74
C LEU A 47 -30.27 18.57 19.55
N GLN A 48 -30.35 17.35 20.07
CA GLN A 48 -31.57 16.56 19.93
C GLN A 48 -32.62 16.91 20.96
N SER A 49 -32.34 17.84 21.88
CA SER A 49 -33.25 18.15 22.96
C SER A 49 -34.26 19.21 22.54
N ASP A 50 -35.10 19.62 23.49
CA ASP A 50 -36.12 20.63 23.25
C ASP A 50 -35.63 22.03 23.60
N MET A 51 -34.47 22.40 23.11
CA MET A 51 -33.91 23.70 23.38
C MET A 51 -33.65 24.52 22.13
N TYR A 52 -33.25 23.87 21.04
CA TYR A 52 -32.65 24.54 19.90
C TYR A 52 -33.62 24.57 18.73
N CYS A 53 -33.48 25.60 17.91
CA CYS A 53 -34.13 25.68 16.62
C CYS A 53 -33.09 26.05 15.57
N THR A 54 -33.31 25.54 14.36
CA THR A 54 -32.33 25.60 13.30
C THR A 54 -32.50 26.88 12.50
N THR A 55 -31.40 27.54 12.19
CA THR A 55 -31.47 28.78 11.42
C THR A 55 -31.34 28.49 9.93
N ILE A 56 -31.27 29.56 9.14
CA ILE A 56 -31.28 29.41 7.68
C ILE A 56 -29.93 28.96 7.13
N THR A 57 -28.83 29.33 7.79
CA THR A 57 -27.49 29.04 7.27
C THR A 57 -27.07 27.58 7.41
N ASP A 58 -27.94 26.72 7.94
CA ASP A 58 -27.61 25.31 8.13
C ASP A 58 -27.88 24.54 6.85
N GLY A 59 -26.88 23.80 6.38
CA GLY A 59 -27.03 22.98 5.20
C GLY A 59 -27.43 21.55 5.51
N ASN A 60 -28.49 21.39 6.31
CA ASN A 60 -29.01 20.09 6.77
C ASN A 60 -27.93 19.25 7.44
N SER A 61 -27.14 19.89 8.30
CA SER A 61 -26.07 19.24 9.05
C SER A 61 -26.45 18.97 10.49
N LEU A 62 -27.10 19.92 11.15
CA LEU A 62 -27.62 19.73 12.50
C LEU A 62 -29.14 19.55 12.51
N ALA A 63 -29.79 19.84 11.40
CA ALA A 63 -31.23 19.63 11.21
C ALA A 63 -31.71 18.17 11.27
N PRO A 64 -30.93 17.13 10.94
CA PRO A 64 -31.38 15.77 11.28
C PRO A 64 -31.52 15.51 12.76
N PHE A 65 -30.80 16.24 13.61
CA PHE A 65 -30.90 15.99 15.03
C PHE A 65 -32.01 16.83 15.67
N VAL A 66 -32.19 18.07 15.22
CA VAL A 66 -33.19 18.93 15.83
C VAL A 66 -34.60 18.52 15.41
N ASN A 67 -34.81 18.29 14.12
CA ASN A 67 -36.12 17.98 13.58
C ASN A 67 -36.50 16.52 13.74
N TRP A 68 -35.62 15.70 14.32
CA TRP A 68 -35.83 14.28 14.58
C TRP A 68 -36.17 13.50 13.31
N ASP A 69 -35.37 13.70 12.27
CA ASP A 69 -35.57 13.01 11.01
C ASP A 69 -34.99 11.61 11.13
N LEU A 70 -35.85 10.63 11.44
CA LEU A 70 -35.41 9.28 11.74
C LEU A 70 -34.90 8.51 10.53
N GLY A 71 -35.06 9.04 9.32
CA GLY A 71 -34.52 8.37 8.16
C GLY A 71 -33.02 8.56 8.02
N ILE A 72 -32.52 9.69 8.52
CA ILE A 72 -31.08 9.92 8.46
C ILE A 72 -30.39 9.41 9.72
N LEU A 73 -31.07 9.47 10.88
CA LEU A 73 -30.46 9.03 12.13
C LEU A 73 -30.32 7.52 12.25
N ASN A 74 -30.90 6.75 11.32
CA ASN A 74 -30.78 5.30 11.40
C ASN A 74 -29.40 4.84 10.96
N ASP A 75 -28.76 5.57 10.06
CA ASP A 75 -27.42 5.24 9.59
C ASP A 75 -26.58 6.49 9.46
N HIS A 76 -26.67 7.39 10.43
CA HIS A 76 -25.91 8.62 10.42
C HIS A 76 -24.45 8.32 10.76
N GLY A 77 -23.56 9.21 10.33
CA GLY A 77 -22.19 9.14 10.82
C GLY A 77 -21.17 8.70 9.80
N ARG A 78 -19.90 8.82 10.18
CA ARG A 78 -18.78 8.55 9.32
C ARG A 78 -17.54 8.36 10.18
N ALA A 79 -16.81 7.28 9.96
CA ALA A 79 -15.59 7.01 10.71
C ALA A 79 -14.50 6.48 9.80
N ASP A 80 -14.29 7.14 8.67
CA ASP A 80 -13.19 6.81 7.78
C ASP A 80 -11.92 7.47 8.29
N GLU A 81 -10.85 7.41 7.48
CA GLU A 81 -9.58 8.00 7.89
C GLU A 81 -9.65 9.53 7.88
N ASP A 82 -10.47 10.09 6.99
CA ASP A 82 -10.50 11.54 6.79
C ASP A 82 -11.13 12.25 7.99
N GLU A 83 -12.40 11.99 8.28
CA GLU A 83 -13.04 12.58 9.44
C GLU A 83 -13.68 11.48 10.28
N VAL A 84 -13.89 11.80 11.56
CA VAL A 84 -14.60 10.93 12.50
C VAL A 84 -15.69 11.78 13.12
N SER A 85 -16.94 11.55 12.74
CA SER A 85 -18.04 12.37 13.22
C SER A 85 -19.35 11.61 13.13
N GLY A 86 -20.30 12.01 13.95
CA GLY A 86 -21.63 11.44 13.91
C GLY A 86 -21.87 10.38 14.96
N ILE A 87 -22.94 9.60 14.73
CA ILE A 87 -23.28 8.51 15.63
C ILE A 87 -22.24 7.39 15.55
N ALA A 88 -21.85 7.03 14.33
CA ALA A 88 -20.78 6.06 14.15
C ALA A 88 -19.45 6.59 14.65
N GLY A 89 -19.25 7.91 14.59
CA GLY A 89 -18.05 8.49 15.18
C GLY A 89 -18.02 8.36 16.69
N TYR A 90 -19.17 8.57 17.33
CA TYR A 90 -19.29 8.40 18.78
C TYR A 90 -18.99 6.96 19.19
N TYR A 91 -19.63 6.00 18.51
CA TYR A 91 -19.43 4.58 18.75
C TYR A 91 -17.97 4.19 18.54
N PHE A 92 -17.34 4.72 17.49
CA PHE A 92 -15.96 4.38 17.18
C PHE A 92 -14.99 4.92 18.22
N VAL A 93 -15.15 6.18 18.65
CA VAL A 93 -14.16 6.73 19.56
C VAL A 93 -14.28 6.12 20.95
N TYR A 94 -15.49 5.82 21.41
CA TYR A 94 -15.55 5.22 22.73
C TYR A 94 -15.15 3.75 22.71
N ASN A 95 -15.37 3.04 21.60
CA ASN A 95 -14.85 1.68 21.51
C ASN A 95 -13.33 1.65 21.39
N ARG A 96 -12.73 2.65 20.73
CA ARG A 96 -11.27 2.70 20.66
C ARG A 96 -10.65 2.96 22.03
N LEU A 97 -11.25 3.87 22.80
CA LEU A 97 -10.75 4.10 24.17
C LEU A 97 -10.91 2.86 25.03
N ASN A 98 -12.01 2.12 24.86
CA ASN A 98 -12.22 0.90 25.64
C ASN A 98 -11.20 -0.18 25.29
N GLN A 99 -10.88 -0.35 24.00
CA GLN A 99 -9.89 -1.34 23.59
C GLN A 99 -8.50 -1.01 24.09
N GLN A 100 -8.10 0.26 24.00
CA GLN A 100 -6.75 0.59 24.43
C GLN A 100 -6.61 0.62 25.95
N ALA A 101 -7.70 0.91 26.68
CA ALA A 101 -7.66 0.79 28.12
C ALA A 101 -7.59 -0.66 28.56
N ASN A 102 -8.26 -1.57 27.83
CA ASN A 102 -8.16 -2.99 28.12
C ASN A 102 -6.74 -3.49 27.91
N ALA A 103 -6.10 -3.06 26.82
CA ALA A 103 -4.70 -3.44 26.56
C ALA A 103 -3.78 -2.93 27.65
N PHE A 104 -3.94 -1.68 28.07
CA PHE A 104 -3.05 -1.12 29.10
C PHE A 104 -3.24 -1.81 30.44
N VAL A 105 -4.48 -2.08 30.83
CA VAL A 105 -4.74 -2.69 32.13
C VAL A 105 -4.26 -4.13 32.18
N ASN A 106 -4.48 -4.89 31.09
CA ASN A 106 -4.02 -6.28 31.06
C ASN A 106 -2.50 -6.36 31.03
N ASN A 107 -1.84 -5.43 30.33
CA ASN A 107 -0.38 -5.47 30.29
C ASN A 107 0.24 -5.07 31.62
N THR A 108 -0.35 -4.09 32.32
CA THR A 108 0.20 -3.71 33.62
C THR A 108 -0.04 -4.79 34.67
N GLU A 109 -1.19 -5.48 34.59
CA GLU A 109 -1.43 -6.61 35.50
C GLU A 109 -0.47 -7.76 35.23
N ALA A 110 -0.20 -8.06 33.95
CA ALA A 110 0.72 -9.14 33.63
C ALA A 110 2.16 -8.76 33.92
N ALA A 111 2.46 -7.46 34.02
CA ALA A 111 3.79 -7.06 34.46
C ALA A 111 3.93 -7.07 35.98
N LEU A 112 2.87 -6.72 36.70
CA LEU A 112 2.92 -6.77 38.16
C LEU A 112 2.90 -8.19 38.67
N GLN A 113 2.36 -9.14 37.88
CA GLN A 113 2.35 -10.52 38.31
C GLN A 113 3.70 -11.20 38.11
N ASN A 114 4.49 -10.75 37.14
CA ASN A 114 5.76 -11.41 36.82
C ASN A 114 6.96 -10.79 37.51
N GLN A 115 6.76 -9.74 38.32
CA GLN A 115 7.79 -9.05 39.10
C GLN A 115 8.91 -8.51 38.20
N VAL A 116 8.53 -7.54 37.36
CA VAL A 116 9.50 -6.87 36.50
C VAL A 116 9.94 -5.53 37.05
N TYR A 117 9.31 -5.03 38.11
CA TYR A 117 9.67 -3.75 38.70
C TYR A 117 10.69 -3.97 39.80
N LYS A 118 11.69 -3.10 39.84
CA LYS A 118 12.92 -3.45 40.53
C LYS A 118 12.94 -2.99 41.99
N ASN A 119 12.18 -1.96 42.33
CA ASN A 119 12.12 -1.45 43.70
C ASN A 119 10.68 -1.36 44.16
N SER A 120 10.47 -0.69 45.30
CA SER A 120 9.13 -0.63 45.88
C SER A 120 8.35 0.60 45.42
N THR A 121 9.05 1.64 45.00
CA THR A 121 8.39 2.85 44.51
C THR A 121 7.74 2.61 43.16
N GLU A 122 8.38 1.82 42.30
CA GLU A 122 7.78 1.49 41.01
C GLU A 122 6.54 0.62 41.17
N ILE A 123 6.54 -0.28 42.14
CA ILE A 123 5.34 -1.09 42.38
C ILE A 123 4.22 -0.24 42.98
N ALA A 124 4.56 0.63 43.93
CA ALA A 124 3.57 1.52 44.52
C ALA A 124 3.03 2.54 43.55
N ASN A 125 3.76 2.82 42.46
CA ASN A 125 3.23 3.67 41.39
C ASN A 125 2.48 2.87 40.33
N ALA A 126 2.90 1.65 40.02
CA ALA A 126 2.24 0.88 38.99
C ALA A 126 0.87 0.41 39.43
N LYS A 127 0.69 0.17 40.74
CA LYS A 127 -0.65 -0.13 41.25
C LYS A 127 -1.60 1.04 41.04
N SER A 128 -1.10 2.26 41.25
CA SER A 128 -1.90 3.45 41.01
C SER A 128 -2.17 3.67 39.53
N PHE A 129 -1.23 3.29 38.66
CA PHE A 129 -1.45 3.43 37.21
C PHE A 129 -2.54 2.48 36.74
N LEU A 130 -2.53 1.25 37.26
CA LEU A 130 -3.58 0.28 36.94
C LEU A 130 -4.94 0.75 37.47
N ALA A 131 -4.96 1.33 38.67
CA ALA A 131 -6.20 1.87 39.19
C ALA A 131 -6.67 3.09 38.41
N GLU A 132 -5.77 3.81 37.75
CA GLU A 132 -6.19 4.87 36.85
C GLU A 132 -6.78 4.32 35.56
N GLY A 133 -6.26 3.19 35.08
CA GLY A 133 -6.79 2.61 33.86
C GLY A 133 -8.18 2.01 34.02
N LYS A 134 -8.48 1.50 35.21
CA LYS A 134 -9.81 0.91 35.43
C LYS A 134 -10.94 1.95 35.37
N VAL A 135 -10.67 3.20 35.78
CA VAL A 135 -11.67 4.25 35.71
C VAL A 135 -11.97 4.59 34.25
N LEU A 136 -10.96 4.52 33.39
CA LEU A 136 -11.16 4.85 31.99
C LEU A 136 -11.90 3.73 31.27
N GLN A 137 -11.67 2.49 31.68
CA GLN A 137 -12.52 1.38 31.24
C GLN A 137 -13.98 1.60 31.61
N ALA A 138 -14.23 1.97 32.86
CA ALA A 138 -15.61 2.15 33.32
C ALA A 138 -16.29 3.34 32.66
N LEU A 139 -15.55 4.40 32.41
CA LEU A 139 -16.09 5.57 31.71
C LEU A 139 -16.42 5.25 30.26
N ALA A 140 -15.52 4.56 29.56
CA ALA A 140 -15.77 4.24 28.15
C ALA A 140 -16.86 3.20 27.99
N ILE A 141 -17.14 2.40 29.01
CA ILE A 141 -18.30 1.51 28.92
C ILE A 141 -19.59 2.26 29.28
N TRP A 142 -19.52 3.16 30.26
CA TRP A 142 -20.74 3.87 30.67
C TRP A 142 -21.23 4.82 29.60
N ARG A 143 -20.35 5.40 28.80
CA ARG A 143 -20.82 6.29 27.74
C ARG A 143 -21.63 5.54 26.68
N LEU A 144 -21.16 4.36 26.31
CA LEU A 144 -21.89 3.53 25.35
C LEU A 144 -23.18 3.01 25.96
N MET A 145 -23.18 2.66 27.24
CA MET A 145 -24.42 2.22 27.88
C MET A 145 -25.40 3.36 28.03
N ASP A 146 -24.90 4.59 28.12
CA ASP A 146 -25.77 5.75 28.23
C ASP A 146 -26.45 6.04 26.89
N ARG A 147 -25.72 5.91 25.80
CA ARG A 147 -26.26 6.41 24.54
C ARG A 147 -26.76 5.32 23.60
N PHE A 148 -26.43 4.05 23.83
CA PHE A 148 -26.84 2.96 22.95
C PHE A 148 -27.59 1.87 23.69
N SER A 149 -28.30 2.23 24.76
CA SER A 149 -29.07 1.24 25.52
C SER A 149 -30.32 1.90 26.07
N PHE A 150 -31.37 1.10 26.19
CA PHE A 150 -32.69 1.62 26.52
C PHE A 150 -32.82 1.94 28.01
N HIS A 151 -33.80 2.78 28.32
CA HIS A 151 -34.19 3.06 29.68
C HIS A 151 -35.22 2.00 30.10
N GLU A 152 -35.79 2.15 31.29
CA GLU A 152 -36.82 1.25 31.77
C GLU A 152 -38.23 1.75 31.48
N SER A 153 -38.36 2.90 30.82
CA SER A 153 -39.66 3.49 30.53
C SER A 153 -40.04 3.39 29.06
N VAL A 154 -39.27 2.67 28.25
CA VAL A 154 -39.52 2.59 26.82
C VAL A 154 -40.67 1.61 26.57
N THR A 155 -41.56 1.97 25.64
CA THR A 155 -42.80 1.24 25.42
C THR A 155 -42.65 0.14 24.37
N GLU A 156 -42.30 0.50 23.15
CA GLU A 156 -42.14 -0.48 22.07
C GLU A 156 -40.68 -0.50 21.63
N VAL A 157 -40.17 -1.71 21.43
CA VAL A 157 -38.78 -1.96 21.08
C VAL A 157 -38.75 -3.05 20.01
N ASN A 158 -37.54 -3.40 19.59
CA ASN A 158 -37.36 -4.66 18.87
C ASN A 158 -37.59 -5.81 19.85
N SER A 159 -38.15 -6.90 19.34
CA SER A 159 -38.52 -8.02 20.21
C SER A 159 -37.26 -8.73 20.71
N GLY A 160 -36.87 -8.42 21.95
CA GLY A 160 -35.68 -8.98 22.54
C GLY A 160 -34.61 -7.96 22.92
N ALA A 161 -34.77 -6.70 22.51
CA ALA A 161 -33.77 -5.67 22.76
C ALA A 161 -34.12 -4.79 23.95
N LYS A 162 -34.93 -5.29 24.88
CA LYS A 162 -35.34 -4.47 26.02
C LYS A 162 -34.31 -4.51 27.14
N ASP A 163 -33.75 -5.68 27.40
CA ASP A 163 -32.84 -5.87 28.51
C ASP A 163 -31.39 -5.58 28.14
N LEU A 164 -31.01 -5.81 26.89
CA LEU A 164 -29.61 -5.88 26.49
C LEU A 164 -28.93 -4.51 26.53
N GLY A 165 -27.60 -4.55 26.68
CA GLY A 165 -26.75 -3.39 26.65
C GLY A 165 -25.73 -3.49 25.53
N VAL A 166 -24.58 -2.86 25.74
CA VAL A 166 -23.54 -2.81 24.73
C VAL A 166 -22.63 -4.01 24.86
N ILE A 167 -21.83 -4.27 23.84
CA ILE A 167 -20.92 -5.42 23.82
C ILE A 167 -19.75 -5.15 24.74
N LEU A 168 -19.39 -6.13 25.55
CA LEU A 168 -18.49 -5.94 26.69
C LEU A 168 -17.18 -6.65 26.43
N LEU A 169 -16.20 -5.92 25.91
CA LEU A 169 -14.85 -6.45 25.77
C LEU A 169 -14.15 -6.36 27.12
N LYS A 170 -13.57 -7.46 27.55
CA LYS A 170 -12.69 -7.45 28.72
C LYS A 170 -11.22 -7.56 28.34
N GLU A 171 -10.92 -7.88 27.09
CA GLU A 171 -9.54 -8.02 26.66
C GLU A 171 -9.35 -7.33 25.32
N TYR A 172 -8.11 -7.25 24.87
CA TYR A 172 -7.78 -6.58 23.62
C TYR A 172 -8.06 -7.52 22.47
N ASN A 173 -9.03 -7.19 21.65
CA ASN A 173 -9.49 -8.07 20.58
C ASN A 173 -10.15 -7.22 19.52
N PRO A 174 -9.40 -6.78 18.50
CA PRO A 174 -10.01 -6.03 17.40
C PRO A 174 -10.80 -6.89 16.41
N GLY A 175 -10.80 -8.21 16.55
CA GLY A 175 -11.58 -9.03 15.66
C GLY A 175 -12.69 -9.74 16.40
N TYR A 176 -13.34 -9.04 17.32
CA TYR A 176 -14.29 -9.66 18.23
C TYR A 176 -15.66 -9.72 17.57
N ILE A 177 -16.21 -10.93 17.47
CA ILE A 177 -17.56 -11.17 17.00
C ILE A 177 -18.31 -11.79 18.16
N GLY A 178 -19.21 -11.03 18.78
CA GLY A 178 -19.91 -11.49 19.95
C GLY A 178 -21.26 -10.86 20.13
N PRO A 179 -22.07 -11.40 21.03
CA PRO A 179 -23.41 -10.86 21.27
C PRO A 179 -23.40 -9.78 22.36
N ARG A 180 -24.52 -9.08 22.47
CA ARG A 180 -24.67 -8.07 23.49
C ARG A 180 -24.85 -8.71 24.86
N ALA A 181 -24.51 -7.94 25.89
CA ALA A 181 -24.71 -8.38 27.27
C ALA A 181 -25.91 -7.67 27.86
N THR A 182 -26.41 -8.22 28.96
CA THR A 182 -27.54 -7.63 29.64
C THR A 182 -27.13 -6.33 30.34
N LYS A 183 -28.12 -5.56 30.77
CA LYS A 183 -27.84 -4.33 31.49
C LYS A 183 -27.30 -4.58 32.88
N ALA A 184 -27.69 -5.70 33.50
CA ALA A 184 -27.20 -6.02 34.83
C ALA A 184 -25.72 -6.35 34.83
N GLN A 185 -25.26 -7.10 33.82
CA GLN A 185 -23.84 -7.44 33.72
C GLN A 185 -23.00 -6.21 33.42
N CYS A 186 -23.48 -5.33 32.54
CA CYS A 186 -22.75 -4.12 32.20
C CYS A 186 -22.65 -3.16 33.37
N TYR A 187 -23.75 -2.94 34.09
CA TYR A 187 -23.72 -1.99 35.18
C TYR A 187 -22.96 -2.55 36.38
N ASP A 188 -23.06 -3.87 36.62
CA ASP A 188 -22.22 -4.52 37.61
C ASP A 188 -20.74 -4.43 37.27
N TYR A 189 -20.37 -4.57 36.00
CA TYR A 189 -18.98 -4.45 35.60
C TYR A 189 -18.45 -3.04 35.79
N ILE A 190 -19.26 -2.03 35.44
CA ILE A 190 -18.89 -0.63 35.64
C ILE A 190 -18.64 -0.33 37.11
N LEU A 191 -19.61 -0.67 37.96
CA LEU A 191 -19.47 -0.36 39.37
C LEU A 191 -18.42 -1.23 40.05
N SER A 192 -18.13 -2.40 39.50
CA SER A 192 -17.04 -3.21 40.03
C SER A 192 -15.68 -2.62 39.70
N ARG A 193 -15.52 -2.06 38.49
CA ARG A 193 -14.27 -1.37 38.16
C ARG A 193 -14.08 -0.14 39.04
N LEU A 194 -15.15 0.62 39.29
CA LEU A 194 -15.01 1.80 40.15
C LEU A 194 -14.79 1.42 41.61
N SER A 195 -15.37 0.31 42.06
CA SER A 195 -15.11 -0.18 43.41
C SER A 195 -13.67 -0.64 43.59
N GLU A 196 -13.12 -1.32 42.59
CA GLU A 196 -11.72 -1.72 42.67
C GLU A 196 -10.78 -0.53 42.54
N ALA A 197 -11.19 0.52 41.84
CA ALA A 197 -10.31 1.67 41.64
C ALA A 197 -10.35 2.68 42.76
N ILE A 198 -11.42 2.70 43.57
CA ILE A 198 -11.51 3.71 44.62
C ILE A 198 -10.59 3.37 45.79
N GLU A 199 -10.48 2.08 46.13
CA GLU A 199 -9.71 1.69 47.31
C GLU A 199 -8.20 1.77 47.12
N VAL A 200 -7.72 2.03 45.91
CA VAL A 200 -6.28 2.01 45.63
C VAL A 200 -5.71 3.41 45.52
N LEU A 201 -6.47 4.34 44.97
CA LEU A 201 -5.97 5.68 44.66
C LEU A 201 -5.75 6.48 45.94
N PRO A 202 -4.76 7.38 45.95
CA PRO A 202 -4.50 8.19 47.15
C PRO A 202 -5.60 9.23 47.38
N GLU A 203 -5.65 9.72 48.60
CA GLU A 203 -6.73 10.62 49.00
C GLU A 203 -6.55 12.00 48.38
N ASN A 204 -5.35 12.55 48.43
CA ASN A 204 -5.11 13.87 47.88
C ASN A 204 -5.06 13.80 46.35
N ARG A 205 -5.30 14.93 45.71
CA ARG A 205 -5.23 15.03 44.26
C ARG A 205 -3.80 15.41 43.86
N GLU A 206 -3.12 14.50 43.16
CA GLU A 206 -1.74 14.77 42.76
C GLU A 206 -1.68 15.79 41.64
N SER A 207 -2.58 15.68 40.66
CA SER A 207 -2.56 16.58 39.52
C SER A 207 -3.97 16.72 38.96
N VAL A 208 -4.21 17.86 38.31
CA VAL A 208 -5.50 18.08 37.65
C VAL A 208 -5.60 17.22 36.40
N LEU A 209 -4.47 16.98 35.74
CA LEU A 209 -4.45 16.36 34.43
C LEU A 209 -4.68 14.85 34.47
N TYR A 210 -4.56 14.21 35.62
CA TYR A 210 -4.68 12.77 35.74
C TYR A 210 -5.80 12.40 36.70
N VAL A 211 -6.22 11.14 36.63
CA VAL A 211 -7.40 10.68 37.36
C VAL A 211 -7.09 10.57 38.84
N SER A 212 -7.93 11.21 39.66
CA SER A 212 -7.85 11.12 41.11
C SER A 212 -9.06 10.36 41.63
N ARG A 213 -9.05 10.06 42.93
CA ARG A 213 -10.20 9.35 43.50
C ARG A 213 -11.38 10.28 43.73
N ASP A 214 -11.16 11.60 43.71
CA ASP A 214 -12.28 12.52 43.70
C ASP A 214 -13.08 12.39 42.42
N TYR A 215 -12.38 12.19 41.30
CA TYR A 215 -13.06 11.94 40.03
C TYR A 215 -13.79 10.62 40.04
N ALA A 216 -13.25 9.61 40.73
CA ALA A 216 -13.92 8.32 40.81
C ALA A 216 -15.19 8.42 41.65
N TYR A 217 -15.15 9.17 42.77
CA TYR A 217 -16.35 9.43 43.56
C TYR A 217 -17.40 10.18 42.76
N ALA A 218 -16.98 11.21 42.02
CA ALA A 218 -17.93 12.02 41.27
C ALA A 218 -18.54 11.24 40.10
N LEU A 219 -17.73 10.42 39.43
CA LEU A 219 -18.23 9.60 38.33
C LEU A 219 -19.17 8.50 38.84
N ARG A 220 -18.87 7.93 40.00
CA ARG A 220 -19.79 6.95 40.57
C ARG A 220 -21.09 7.60 41.04
N ALA A 221 -21.01 8.85 41.48
CA ALA A 221 -22.22 9.59 41.81
C ALA A 221 -23.08 9.85 40.58
N ARG A 222 -22.44 10.19 39.46
CA ARG A 222 -23.19 10.43 38.22
C ARG A 222 -23.84 9.16 37.70
N ILE A 223 -23.13 8.03 37.79
CA ILE A 223 -23.71 6.77 37.30
C ILE A 223 -24.84 6.30 38.22
N TYR A 224 -24.66 6.44 39.54
CA TYR A 224 -25.73 6.11 40.49
C TYR A 224 -26.94 7.02 40.33
N LEU A 225 -26.74 8.27 39.92
CA LEU A 225 -27.89 9.13 39.64
C LEU A 225 -28.60 8.69 38.37
N ALA A 226 -27.83 8.37 37.33
CA ALA A 226 -28.43 8.00 36.05
C ALA A 226 -29.18 6.68 36.12
N LEU A 227 -28.74 5.74 36.98
CA LEU A 227 -29.56 4.56 37.23
C LEU A 227 -30.81 4.90 38.04
N GLY A 228 -30.68 5.77 39.04
CA GLY A 228 -31.78 6.19 39.86
C GLY A 228 -31.61 5.96 41.34
N GLU A 229 -30.59 5.21 41.75
CA GLU A 229 -30.35 4.95 43.16
C GLU A 229 -29.83 6.22 43.82
N TYR A 230 -30.69 6.90 44.58
CA TYR A 230 -30.40 8.25 45.06
C TYR A 230 -29.62 8.28 46.36
N GLY A 231 -29.87 7.34 47.27
CA GLY A 231 -29.14 7.31 48.53
C GLY A 231 -27.66 7.02 48.37
N LYS A 232 -27.32 6.09 47.47
CA LYS A 232 -25.93 5.83 47.18
C LYS A 232 -25.28 6.98 46.43
N ALA A 233 -26.05 7.73 45.64
CA ALA A 233 -25.52 8.93 45.00
C ALA A 233 -25.21 10.01 46.03
N ALA A 234 -26.06 10.18 47.05
CA ALA A 234 -25.74 11.12 48.12
C ALA A 234 -24.57 10.63 48.96
N ALA A 235 -24.41 9.32 49.11
CA ALA A 235 -23.29 8.79 49.87
C ALA A 235 -21.97 8.98 49.12
N ASP A 236 -22.00 8.92 47.79
CA ASP A 236 -20.78 9.05 47.02
C ASP A 236 -20.48 10.47 46.56
N ALA A 237 -21.44 11.38 46.60
CA ALA A 237 -21.15 12.76 46.22
C ALA A 237 -20.77 13.64 47.40
N LYS A 238 -21.05 13.22 48.63
CA LYS A 238 -20.70 14.02 49.80
C LYS A 238 -19.22 14.00 50.11
N MET A 239 -18.48 13.01 49.62
CA MET A 239 -17.06 12.89 49.93
C MET A 239 -16.20 13.80 49.07
N VAL A 240 -16.77 14.43 48.05
CA VAL A 240 -16.00 15.21 47.10
C VAL A 240 -16.47 16.66 47.04
N VAL A 241 -17.72 16.96 47.42
CA VAL A 241 -18.34 18.26 47.18
C VAL A 241 -17.71 19.36 48.04
N ASP A 242 -17.19 19.01 49.22
CA ASP A 242 -16.60 20.02 50.09
C ASP A 242 -15.12 20.25 49.85
N LYS A 243 -14.52 19.54 48.89
CA LYS A 243 -13.08 19.66 48.69
C LYS A 243 -12.72 20.82 47.78
N TYR A 244 -13.57 21.13 46.80
CA TYR A 244 -13.25 22.12 45.79
C TYR A 244 -14.12 23.34 45.95
N PRO A 245 -13.55 24.54 45.92
CA PRO A 245 -14.35 25.75 46.14
C PRO A 245 -15.06 26.20 44.89
N LEU A 246 -16.07 27.04 45.09
CA LEU A 246 -16.80 27.63 43.99
C LEU A 246 -16.10 28.88 43.47
N ILE A 247 -16.75 29.54 42.52
CA ILE A 247 -16.17 30.70 41.86
C ILE A 247 -16.28 31.90 42.80
N GLY A 248 -15.44 32.90 42.54
CA GLY A 248 -15.53 34.14 43.27
C GLY A 248 -15.55 35.33 42.33
N ALA A 249 -16.66 36.05 42.31
CA ALA A 249 -16.82 37.17 41.39
C ALA A 249 -17.87 38.12 41.93
N ALA A 250 -17.72 39.40 41.55
CA ALA A 250 -18.69 40.44 41.88
C ALA A 250 -19.41 40.99 40.66
N ASP A 251 -18.74 41.02 39.50
CA ASP A 251 -19.33 41.46 38.25
C ASP A 251 -19.09 40.40 37.18
N ALA A 252 -19.77 40.56 36.05
CA ALA A 252 -19.70 39.55 34.99
C ALA A 252 -18.38 39.57 34.25
N SER A 253 -17.65 40.68 34.29
CA SER A 253 -16.40 40.77 33.54
C SER A 253 -15.32 39.91 34.17
N GLU A 254 -15.19 39.94 35.49
CA GLU A 254 -14.17 39.10 36.12
C GLU A 254 -14.62 37.64 36.19
N PHE A 255 -15.94 37.40 36.20
CA PHE A 255 -16.42 36.01 36.11
C PHE A 255 -16.12 35.42 34.74
N GLU A 256 -16.26 36.23 33.68
CA GLU A 256 -15.86 35.79 32.36
C GLU A 256 -14.36 35.61 32.27
N ASN A 257 -13.59 36.51 32.87
CA ASN A 257 -12.14 36.41 32.78
C ASN A 257 -11.57 35.24 33.58
N ILE A 258 -12.28 34.77 34.61
CA ILE A 258 -11.82 33.60 35.33
C ILE A 258 -12.35 32.31 34.69
N TYR A 259 -13.62 32.27 34.30
CA TYR A 259 -14.24 31.04 33.82
C TYR A 259 -13.67 30.56 32.49
N ARG A 260 -13.33 31.48 31.58
CA ARG A 260 -12.71 31.06 30.33
C ARG A 260 -11.32 30.49 30.56
N SER A 261 -10.61 30.98 31.56
CA SER A 261 -9.27 30.49 31.83
C SER A 261 -9.33 29.12 32.47
N ASP A 262 -8.42 28.23 32.08
CA ASP A 262 -8.43 26.87 32.59
C ASP A 262 -7.59 26.74 33.85
N ALA A 263 -6.44 27.42 33.91
CA ALA A 263 -5.53 27.24 35.04
C ALA A 263 -6.03 27.96 36.28
N ASN A 264 -6.63 29.13 36.12
CA ASN A 264 -7.10 29.91 37.26
C ASN A 264 -8.49 29.51 37.72
N ASN A 265 -9.17 28.65 36.98
CA ASN A 265 -10.48 28.17 37.41
C ASN A 265 -10.30 27.20 38.57
N PRO A 266 -10.97 27.42 39.70
CA PRO A 266 -10.67 26.60 40.88
C PRO A 266 -11.54 25.37 41.02
N GLU A 267 -12.59 25.23 40.22
CA GLU A 267 -13.58 24.18 40.43
C GLU A 267 -13.50 23.06 39.40
N ILE A 268 -12.37 22.89 38.74
CA ILE A 268 -12.22 21.84 37.74
C ILE A 268 -11.59 20.62 38.41
N ILE A 269 -12.31 19.51 38.40
CA ILE A 269 -11.83 18.29 39.07
C ILE A 269 -10.84 17.54 38.19
N PHE A 270 -11.12 17.48 36.88
CA PHE A 270 -10.32 16.68 35.98
C PHE A 270 -10.45 17.27 34.59
N ARG A 271 -9.34 17.69 34.01
CA ARG A 271 -9.31 18.22 32.66
C ARG A 271 -8.09 17.68 31.94
N GLY A 272 -8.07 17.81 30.64
CA GLY A 272 -6.93 17.38 29.88
C GLY A 272 -5.90 18.47 29.73
N PHE A 273 -4.66 18.08 29.49
CA PHE A 273 -3.61 19.06 29.25
C PHE A 273 -3.86 19.75 27.93
N ALA A 274 -3.77 21.07 27.93
CA ALA A 274 -3.96 21.85 26.72
C ALA A 274 -2.97 22.98 26.70
N SER A 275 -2.31 23.16 25.56
CA SER A 275 -1.34 24.22 25.37
C SER A 275 -1.66 24.93 24.06
N ALA A 276 -0.81 25.88 23.69
CA ALA A 276 -1.05 26.63 22.46
C ALA A 276 -0.74 25.79 21.23
N THR A 277 0.18 24.83 21.36
CA THR A 277 0.61 24.04 20.22
C THR A 277 0.14 22.59 20.29
N LEU A 278 -0.41 22.16 21.42
CA LEU A 278 -0.71 20.75 21.64
C LEU A 278 -2.00 20.62 22.44
N GLY A 279 -2.98 19.92 21.87
CA GLY A 279 -4.16 19.57 22.62
C GLY A 279 -5.22 20.64 22.72
N SER A 280 -5.36 21.48 21.70
CA SER A 280 -6.43 22.46 21.66
C SER A 280 -7.22 22.31 20.37
N PHE A 281 -8.46 22.79 20.40
CA PHE A 281 -9.39 22.58 19.29
C PHE A 281 -10.41 23.71 19.30
N THR A 282 -11.21 23.77 18.24
CA THR A 282 -12.24 24.78 18.11
C THR A 282 -13.60 24.12 18.18
N ALA A 283 -14.31 24.33 19.28
CA ALA A 283 -15.65 23.78 19.45
C ALA A 283 -16.69 24.83 19.04
N THR A 284 -16.72 25.10 17.74
CA THR A 284 -17.55 26.15 17.16
C THR A 284 -18.73 25.59 16.38
N THR A 285 -19.42 24.61 16.94
CA THR A 285 -20.65 24.13 16.31
C THR A 285 -21.85 24.90 16.83
N LEU A 286 -21.93 25.11 18.14
CA LEU A 286 -23.10 25.74 18.73
C LEU A 286 -23.13 27.24 18.46
N ASN A 287 -21.99 27.92 18.64
CA ASN A 287 -21.97 29.36 18.42
C ASN A 287 -21.64 29.74 16.98
N GLY A 288 -20.85 28.92 16.29
CA GLY A 288 -20.50 29.22 14.92
C GLY A 288 -19.57 30.40 14.77
N ALA A 289 -18.78 30.70 15.78
CA ALA A 289 -17.92 31.87 15.79
C ALA A 289 -16.76 31.70 14.82
N ALA A 290 -16.18 32.83 14.43
CA ALA A 290 -15.04 32.84 13.53
C ALA A 290 -14.21 34.07 13.83
N PRO A 291 -12.88 34.00 13.67
CA PRO A 291 -12.06 35.20 13.84
C PRO A 291 -12.23 36.14 12.66
N ALA A 292 -12.32 37.43 12.94
CA ALA A 292 -12.43 38.46 11.91
C ALA A 292 -11.54 39.62 12.33
N GLY A 293 -10.36 39.71 11.73
CA GLY A 293 -9.40 40.72 12.10
C GLY A 293 -8.89 40.54 13.51
N LYS A 294 -9.33 41.41 14.42
CA LYS A 294 -9.02 41.29 15.83
C LYS A 294 -10.25 41.02 16.68
N ASP A 295 -11.37 40.67 16.05
CA ASP A 295 -12.62 40.47 16.78
C ASP A 295 -13.24 39.15 16.36
N ILE A 296 -14.47 38.93 16.81
CA ILE A 296 -15.20 37.67 16.59
C ILE A 296 -16.46 37.98 15.79
N LYS A 297 -16.69 37.22 14.72
CA LYS A 297 -17.97 37.26 14.01
C LYS A 297 -18.73 35.98 14.35
N TYR A 298 -20.06 36.06 14.31
CA TYR A 298 -20.93 34.96 14.71
C TYR A 298 -21.90 34.65 13.58
N ASN A 299 -21.88 33.40 13.11
CA ASN A 299 -22.87 32.90 12.15
C ASN A 299 -23.39 31.56 12.68
N PRO A 300 -24.30 31.59 13.64
CA PRO A 300 -24.70 30.35 14.31
C PRO A 300 -25.68 29.54 13.49
N SER A 301 -25.56 28.23 13.61
CA SER A 301 -26.42 27.31 12.88
C SER A 301 -27.59 26.79 13.71
N ALA A 302 -27.65 27.10 14.99
CA ALA A 302 -28.74 26.69 15.85
C ALA A 302 -28.79 27.64 17.05
N VAL A 303 -29.96 28.21 17.29
CA VAL A 303 -30.11 29.17 18.39
C VAL A 303 -31.11 28.61 19.39
N PRO A 304 -31.03 28.98 20.67
CA PRO A 304 -32.00 28.48 21.65
C PRO A 304 -33.37 29.12 21.47
N PHE A 305 -34.33 28.58 22.21
CA PHE A 305 -35.70 29.07 22.18
C PHE A 305 -35.85 30.31 23.05
N GLN A 306 -37.10 30.72 23.27
CA GLN A 306 -37.39 31.81 24.20
C GLN A 306 -37.59 31.30 25.62
N TRP A 307 -38.02 30.05 25.79
CA TRP A 307 -38.11 29.49 27.14
C TRP A 307 -36.73 29.24 27.72
N VAL A 308 -35.71 29.04 26.87
CA VAL A 308 -34.36 28.86 27.37
C VAL A 308 -33.81 30.16 27.92
N VAL A 309 -34.09 31.27 27.25
CA VAL A 309 -33.66 32.57 27.76
C VAL A 309 -34.50 32.99 28.95
N ASP A 310 -35.79 32.60 28.97
CA ASP A 310 -36.69 33.05 30.02
C ASP A 310 -36.42 32.38 31.37
N LEU A 311 -35.72 31.25 31.39
CA LEU A 311 -35.24 30.70 32.65
C LEU A 311 -34.13 31.54 33.26
N TYR A 312 -33.39 32.28 32.44
CA TYR A 312 -32.25 33.05 32.92
C TYR A 312 -32.70 34.42 33.40
N GLU A 313 -32.26 34.79 34.60
CA GLU A 313 -32.51 36.14 35.09
C GLU A 313 -31.59 37.13 34.39
N ASN A 314 -31.98 38.40 34.43
CA ASN A 314 -31.22 39.41 33.71
C ASN A 314 -29.97 39.85 34.47
N GLU A 315 -29.97 39.73 35.78
CA GLU A 315 -28.82 40.08 36.60
C GLU A 315 -27.84 38.93 36.77
N ASP A 316 -28.04 37.83 36.05
CA ASP A 316 -27.18 36.67 36.19
C ASP A 316 -25.86 36.87 35.45
N PHE A 317 -24.82 36.17 35.90
CA PHE A 317 -23.54 36.20 35.21
C PHE A 317 -23.54 35.28 34.00
N ARG A 318 -24.25 34.16 34.07
CA ARG A 318 -24.35 33.21 32.97
C ARG A 318 -25.06 33.79 31.75
N LYS A 319 -25.83 34.86 31.94
CA LYS A 319 -26.41 35.65 30.84
C LYS A 319 -25.33 36.25 29.94
N SER A 320 -24.13 36.50 30.45
CA SER A 320 -23.08 37.06 29.62
C SER A 320 -22.02 36.06 29.20
N VAL A 321 -21.93 34.92 29.87
CA VAL A 321 -20.86 33.96 29.64
C VAL A 321 -21.39 32.69 28.96
N TYR A 322 -22.42 32.08 29.53
CA TYR A 322 -22.88 30.79 29.03
C TYR A 322 -23.65 30.94 27.72
N ILE A 323 -24.75 31.68 27.74
CA ILE A 323 -25.41 32.14 26.54
C ILE A 323 -25.05 33.61 26.37
N ALA A 324 -25.27 34.15 25.18
CA ALA A 324 -24.85 35.51 24.91
C ALA A 324 -25.71 36.15 23.82
N LYS A 325 -26.07 37.41 24.04
CA LYS A 325 -26.85 38.19 23.07
C LYS A 325 -25.88 38.86 22.11
N VAL A 326 -25.41 38.08 21.14
CA VAL A 326 -24.41 38.56 20.19
C VAL A 326 -24.80 38.25 18.75
N VAL A 327 -25.94 37.60 18.55
CA VAL A 327 -26.39 37.27 17.21
C VAL A 327 -26.90 38.52 16.51
N LYS A 328 -26.49 38.68 15.24
CA LYS A 328 -26.92 39.77 14.36
C LYS A 328 -26.59 41.14 14.94
N LYS A 329 -25.42 41.24 15.55
CA LYS A 329 -24.92 42.44 16.25
C LYS A 329 -25.89 42.88 17.34
N ASP A 330 -25.99 42.03 18.36
CA ASP A 330 -26.64 42.16 19.69
C ASP A 330 -28.15 41.98 19.66
N LYS A 331 -28.72 41.40 18.60
CA LYS A 331 -30.16 41.21 18.53
C LYS A 331 -30.64 39.86 19.05
N GLY A 332 -29.80 38.82 19.03
CA GLY A 332 -30.24 37.49 19.38
C GLY A 332 -29.28 36.80 20.33
N TYR A 333 -29.71 35.62 20.79
CA TYR A 333 -28.99 34.83 21.78
C TYR A 333 -28.46 33.56 21.17
N LEU A 334 -27.18 33.27 21.38
CA LEU A 334 -26.60 31.98 21.06
C LEU A 334 -26.00 31.38 22.31
N VAL A 335 -25.39 30.21 22.16
CA VAL A 335 -24.73 29.52 23.25
C VAL A 335 -23.23 29.74 23.15
N ASN A 336 -22.67 30.46 24.11
CA ASN A 336 -21.31 30.95 24.05
C ASN A 336 -20.46 30.34 25.16
N LYS A 337 -20.74 29.09 25.52
CA LYS A 337 -20.05 28.47 26.64
C LYS A 337 -18.65 28.02 26.26
N PHE A 338 -18.48 27.45 25.07
CA PHE A 338 -17.23 26.86 24.63
C PHE A 338 -16.51 27.75 23.64
N LEU A 339 -16.48 29.07 23.89
CA LEU A 339 -15.99 30.01 22.90
C LEU A 339 -14.48 29.91 22.71
N GLU A 340 -13.73 30.25 23.75
CA GLU A 340 -12.27 30.39 23.59
C GLU A 340 -11.61 30.34 24.96
N ASP A 341 -10.31 30.59 24.95
CA ASP A 341 -9.47 30.69 26.12
C ASP A 341 -8.37 31.69 25.81
N LYS A 342 -8.13 32.61 26.72
CA LYS A 342 -7.19 33.71 26.46
C LYS A 342 -5.75 33.25 26.42
N ALA A 343 -5.43 32.11 27.01
CA ALA A 343 -4.04 31.69 27.18
C ALA A 343 -3.52 30.84 26.03
N TYR A 344 -4.40 30.32 25.18
CA TYR A 344 -4.00 29.35 24.18
C TYR A 344 -3.79 29.95 22.80
N ARG A 345 -3.62 31.26 22.71
CA ARG A 345 -3.41 31.91 21.43
C ARG A 345 -1.94 32.20 21.20
N ASP A 346 -1.57 32.33 19.92
CA ASP A 346 -0.18 32.60 19.57
C ASP A 346 0.13 34.09 19.64
N VAL A 347 -0.66 34.91 18.95
CA VAL A 347 -0.58 36.36 19.05
C VAL A 347 -1.69 36.82 19.98
N GLN A 348 -1.33 37.59 21.01
CA GLN A 348 -2.28 37.96 22.05
C GLN A 348 -3.35 38.92 21.56
N ASP A 349 -3.13 39.61 20.44
CA ASP A 349 -4.13 40.52 19.91
C ASP A 349 -5.21 39.75 19.16
N LYS A 350 -4.83 38.96 18.16
CA LYS A 350 -5.87 38.32 17.37
C LYS A 350 -6.28 36.98 17.97
N PRO A 351 -7.55 36.62 17.92
CA PRO A 351 -7.98 35.34 18.49
C PRO A 351 -7.97 34.22 17.46
N ASN A 352 -7.99 32.99 17.97
CA ASN A 352 -8.10 31.80 17.16
C ASN A 352 -9.12 30.80 17.67
N LEU A 353 -9.78 31.09 18.81
CA LEU A 353 -10.93 30.37 19.34
C LEU A 353 -10.60 28.92 19.68
N LYS A 354 -9.59 28.75 20.54
CA LYS A 354 -9.16 27.43 20.96
C LYS A 354 -9.45 27.23 22.43
N VAL A 355 -10.10 26.12 22.75
CA VAL A 355 -10.56 25.81 24.09
C VAL A 355 -10.09 24.41 24.46
N GLY A 356 -9.67 24.22 25.71
CA GLY A 356 -9.26 22.92 26.18
C GLY A 356 -10.45 22.06 26.59
N ALA A 357 -10.15 20.80 26.93
CA ALA A 357 -11.16 19.82 27.28
C ALA A 357 -11.28 19.70 28.79
N ARG A 358 -12.50 19.78 29.29
CA ARG A 358 -12.79 19.58 30.70
C ARG A 358 -13.75 18.41 30.85
N TYR A 359 -13.46 17.51 31.79
CA TYR A 359 -14.26 16.31 31.93
C TYR A 359 -15.19 16.34 33.13
N PHE A 360 -14.93 17.17 34.13
CA PHE A 360 -15.85 17.27 35.26
C PHE A 360 -15.71 18.64 35.90
N SER A 361 -16.67 18.98 36.74
CA SER A 361 -16.68 20.22 37.51
C SER A 361 -17.44 19.98 38.80
N VAL A 362 -17.35 20.94 39.73
CA VAL A 362 -18.03 20.75 41.02
C VAL A 362 -19.51 21.09 40.94
N ALA A 363 -19.94 21.80 39.89
CA ALA A 363 -21.36 22.14 39.77
C ALA A 363 -22.20 20.91 39.47
N GLU A 364 -21.65 19.95 38.73
CA GLU A 364 -22.34 18.67 38.53
C GLU A 364 -22.54 17.95 39.84
N VAL A 365 -21.54 18.00 40.73
CA VAL A 365 -21.66 17.33 42.03
C VAL A 365 -22.67 18.05 42.91
N TYR A 366 -22.71 19.39 42.83
CA TYR A 366 -23.71 20.15 43.57
C TYR A 366 -25.12 19.77 43.14
N LEU A 367 -25.36 19.69 41.84
CA LEU A 367 -26.70 19.37 41.34
C LEU A 367 -27.07 17.92 41.63
N ILE A 368 -26.09 17.00 41.56
CA ILE A 368 -26.30 15.61 41.94
C ILE A 368 -26.72 15.51 43.39
N LEU A 369 -26.05 16.24 44.28
CA LEU A 369 -26.33 16.10 45.69
C LEU A 369 -27.65 16.77 46.09
N VAL A 370 -27.98 17.91 45.47
CA VAL A 370 -29.28 18.54 45.74
C VAL A 370 -30.42 17.66 45.22
N GLU A 371 -30.25 17.04 44.05
CA GLU A 371 -31.31 16.19 43.50
C GLU A 371 -31.50 14.92 44.33
N SER A 372 -30.39 14.29 44.74
CA SER A 372 -30.50 13.08 45.53
C SER A 372 -31.01 13.36 46.93
N ALA A 373 -30.68 14.52 47.50
CA ALA A 373 -31.22 14.86 48.81
C ALA A 373 -32.70 15.23 48.75
N LEU A 374 -33.14 15.86 47.66
CA LEU A 374 -34.56 16.16 47.50
C LEU A 374 -35.37 14.89 47.28
N GLN A 375 -34.82 13.92 46.54
CA GLN A 375 -35.55 12.68 46.33
C GLN A 375 -35.52 11.78 47.55
N THR A 376 -34.42 11.82 48.32
CA THR A 376 -34.32 10.99 49.52
C THR A 376 -35.14 11.56 50.66
N GLY A 377 -35.13 12.89 50.83
CA GLY A 377 -35.93 13.52 51.87
C GLY A 377 -35.20 14.54 52.72
N ASP A 378 -33.90 14.71 52.49
CA ASP A 378 -33.09 15.63 53.29
C ASP A 378 -33.22 17.01 52.65
N THR A 379 -34.20 17.78 53.15
CA THR A 379 -34.38 19.16 52.68
C THR A 379 -33.24 20.12 53.04
N PRO A 380 -32.70 20.17 54.28
CA PRO A 380 -31.75 21.26 54.60
C PRO A 380 -30.44 21.25 53.83
N THR A 381 -29.81 20.09 53.63
CA THR A 381 -28.58 20.07 52.84
C THR A 381 -28.86 20.39 51.37
N ALA A 382 -30.02 19.97 50.87
CA ALA A 382 -30.42 20.28 49.50
C ALA A 382 -30.56 21.78 49.29
N GLU A 383 -31.30 22.44 50.19
CA GLU A 383 -31.48 23.89 50.05
C GLU A 383 -30.20 24.64 50.36
N LYS A 384 -29.35 24.12 51.24
CA LYS A 384 -28.07 24.76 51.55
C LYS A 384 -27.15 24.77 50.34
N TYR A 385 -26.98 23.61 49.70
CA TYR A 385 -26.08 23.55 48.55
C TYR A 385 -26.67 24.23 47.32
N LEU A 386 -28.01 24.23 47.17
CA LEU A 386 -28.59 24.91 46.03
C LEU A 386 -28.54 26.43 46.18
N LYS A 387 -28.75 26.95 47.40
CA LYS A 387 -28.54 28.37 47.60
C LYS A 387 -27.06 28.75 47.50
N ALA A 388 -26.15 27.84 47.85
CA ALA A 388 -24.73 28.12 47.67
C ALA A 388 -24.37 28.24 46.19
N LEU A 389 -24.87 27.32 45.37
CA LEU A 389 -24.63 27.38 43.93
C LEU A 389 -25.31 28.60 43.31
N SER A 390 -26.46 29.00 43.85
CA SER A 390 -27.13 30.19 43.35
C SER A 390 -26.40 31.47 43.74
N LYS A 391 -25.87 31.54 44.96
CA LYS A 391 -25.14 32.73 45.38
C LYS A 391 -23.77 32.83 44.72
N ALA A 392 -23.21 31.69 44.28
CA ALA A 392 -21.92 31.74 43.59
C ALA A 392 -22.01 32.43 42.24
N ARG A 393 -23.17 32.37 41.59
CA ARG A 393 -23.33 32.94 40.25
C ARG A 393 -24.06 34.27 40.24
N GLY A 394 -24.56 34.73 41.39
CA GLY A 394 -25.17 36.04 41.46
C GLY A 394 -26.67 36.08 41.24
N ALA A 395 -27.34 34.93 41.22
CA ALA A 395 -28.79 34.86 41.05
C ALA A 395 -29.35 33.89 42.08
N GLU A 396 -29.82 34.43 43.21
CA GLU A 396 -30.30 33.60 44.31
C GLU A 396 -31.61 32.92 43.96
N VAL A 397 -31.70 31.62 44.27
CA VAL A 397 -32.94 30.89 44.12
C VAL A 397 -33.86 31.26 45.28
N SER A 398 -35.17 31.30 45.00
CA SER A 398 -36.11 31.70 46.04
C SER A 398 -36.51 30.53 46.93
N VAL A 399 -37.15 29.51 46.35
CA VAL A 399 -37.72 28.39 47.10
C VAL A 399 -37.41 27.11 46.34
N VAL A 400 -36.82 26.14 47.03
CA VAL A 400 -36.55 24.84 46.42
C VAL A 400 -37.84 24.01 46.40
N ASN A 401 -38.29 23.64 45.19
CA ASN A 401 -39.59 22.99 45.08
C ASN A 401 -39.61 21.92 43.99
N MET A 402 -38.45 21.32 43.67
CA MET A 402 -38.27 20.23 42.71
C MET A 402 -38.59 20.67 41.28
N GLU A 403 -38.75 21.97 41.07
CA GLU A 403 -38.74 22.56 39.73
C GLU A 403 -37.63 23.58 39.58
N ALA A 404 -37.30 24.30 40.67
CA ALA A 404 -36.15 25.19 40.64
C ALA A 404 -34.84 24.40 40.55
N LEU A 405 -34.86 23.14 41.00
CA LEU A 405 -33.77 22.22 40.71
C LEU A 405 -33.61 22.01 39.22
N GLN A 406 -34.73 21.77 38.52
CA GLN A 406 -34.68 21.59 37.08
C GLN A 406 -34.25 22.86 36.37
N ALA A 407 -34.66 24.02 36.90
CA ALA A 407 -34.23 25.29 36.35
C ALA A 407 -32.73 25.50 36.52
N GLU A 408 -32.18 25.16 37.68
CA GLU A 408 -30.76 25.36 37.89
C GLU A 408 -29.91 24.34 37.12
N ARG A 409 -30.38 23.10 37.03
CA ARG A 409 -29.67 22.10 36.25
C ARG A 409 -29.72 22.42 34.76
N THR A 410 -30.81 23.02 34.29
CA THR A 410 -30.88 23.49 32.92
C THR A 410 -29.95 24.68 32.70
N ARG A 411 -29.88 25.59 33.68
CA ARG A 411 -29.08 26.79 33.52
C ARG A 411 -27.59 26.50 33.57
N GLU A 412 -27.19 25.48 34.34
CA GLU A 412 -25.78 25.20 34.53
C GLU A 412 -25.20 24.26 33.48
N LEU A 413 -25.93 23.20 33.14
CA LEU A 413 -25.44 22.18 32.22
C LEU A 413 -25.94 22.38 30.80
N ILE A 414 -26.07 23.62 30.34
CA ILE A 414 -26.43 23.88 28.95
C ILE A 414 -25.18 23.75 28.09
N GLY A 415 -25.28 22.97 27.02
CA GLY A 415 -24.17 22.75 26.11
C GLY A 415 -23.37 21.49 26.39
N GLU A 416 -23.60 20.83 27.52
CA GLU A 416 -22.82 19.68 27.92
C GLU A 416 -23.47 18.35 27.59
N GLY A 417 -24.60 18.36 26.90
CA GLY A 417 -25.22 17.12 26.49
C GLY A 417 -25.93 16.36 27.59
N SER A 418 -26.50 17.05 28.57
CA SER A 418 -27.21 16.38 29.66
C SER A 418 -28.71 16.64 29.63
N ARG A 419 -29.20 17.41 28.67
CA ARG A 419 -30.62 17.75 28.65
C ARG A 419 -31.48 16.57 28.19
N LEU A 420 -30.95 15.75 27.28
CA LEU A 420 -31.73 14.63 26.75
C LEU A 420 -31.92 13.54 27.80
N ARG A 421 -30.87 13.20 28.54
CA ARG A 421 -30.97 12.16 29.56
C ARG A 421 -31.84 12.61 30.73
N ASP A 422 -31.76 13.90 31.10
CA ASP A 422 -32.63 14.44 32.14
C ASP A 422 -34.07 14.55 31.66
N MET A 423 -34.27 14.78 30.36
CA MET A 423 -35.62 14.74 29.79
C MET A 423 -36.18 13.33 29.81
N VAL A 424 -35.32 12.32 29.66
CA VAL A 424 -35.76 10.93 29.78
C VAL A 424 -36.13 10.60 31.22
N ARG A 425 -35.31 11.06 32.18
CA ARG A 425 -35.52 10.67 33.58
C ARG A 425 -36.76 11.34 34.18
N TRP A 426 -37.01 12.60 33.84
CA TRP A 426 -38.10 13.37 34.40
C TRP A 426 -39.41 13.18 33.64
N SER A 427 -39.43 12.26 32.66
CA SER A 427 -40.61 11.88 31.88
C SER A 427 -41.23 13.07 31.15
N ILE A 428 -40.37 13.90 30.57
CA ILE A 428 -40.78 15.09 29.84
C ILE A 428 -40.86 14.72 28.35
N PRO A 429 -41.95 15.03 27.66
CA PRO A 429 -42.00 14.84 26.21
C PRO A 429 -41.25 15.96 25.51
N ASN A 430 -41.21 15.87 24.17
CA ASN A 430 -40.39 16.81 23.41
C ASN A 430 -41.05 18.18 23.32
N ASN A 431 -42.22 18.25 22.68
CA ASN A 431 -42.99 19.48 22.45
C ASN A 431 -42.17 20.54 21.73
N HIS A 432 -41.75 20.21 20.51
CA HIS A 432 -40.96 21.15 19.71
C HIS A 432 -41.83 22.18 19.01
N ASP A 433 -43.08 21.84 18.71
CA ASP A 433 -43.96 22.77 18.02
C ASP A 433 -44.62 23.75 18.99
N ALA A 434 -44.78 23.37 20.26
CA ALA A 434 -45.49 24.21 21.21
C ALA A 434 -44.66 25.39 21.69
N PHE A 435 -43.35 25.36 21.44
CA PHE A 435 -42.51 26.48 21.86
C PHE A 435 -42.38 27.49 20.73
N GLU A 436 -41.95 28.70 21.10
CA GLU A 436 -41.80 29.78 20.14
C GLU A 436 -40.37 30.26 20.15
N THR A 437 -39.96 30.90 19.06
CA THR A 437 -38.58 31.38 18.92
C THR A 437 -38.43 32.72 19.62
N GLN A 438 -37.31 33.39 19.39
CA GLN A 438 -37.10 34.69 19.98
C GLN A 438 -37.95 35.75 19.27
N PRO A 439 -38.60 36.65 20.02
CA PRO A 439 -39.31 37.74 19.35
C PRO A 439 -38.38 38.79 18.75
N GLY A 440 -37.20 38.98 19.35
CA GLY A 440 -36.27 39.96 18.80
C GLY A 440 -35.55 39.49 17.57
N LEU A 441 -35.57 38.18 17.30
CA LEU A 441 -34.91 37.59 16.14
C LEU A 441 -35.96 36.83 15.36
N GLU A 442 -36.45 37.43 14.27
CA GLU A 442 -37.45 36.81 13.42
C GLU A 442 -36.93 36.79 11.98
N GLY A 443 -37.22 35.70 11.27
CA GLY A 443 -36.76 35.50 9.93
C GLY A 443 -35.44 34.75 9.84
N PHE A 444 -34.53 34.97 10.79
CA PHE A 444 -33.30 34.21 10.81
C PHE A 444 -33.53 32.79 11.31
N ALA A 445 -34.54 32.60 12.15
CA ALA A 445 -34.96 31.27 12.53
C ALA A 445 -35.98 30.74 11.53
N ASN A 446 -36.41 29.50 11.74
CA ASN A 446 -37.48 28.93 10.95
C ASN A 446 -38.30 27.97 11.81
N THR A 447 -39.61 28.03 11.64
CA THR A 447 -40.54 27.18 12.39
C THR A 447 -40.82 25.92 11.58
N THR A 448 -39.89 24.99 11.63
CA THR A 448 -40.02 23.71 10.95
C THR A 448 -40.43 22.66 11.96
N PRO A 449 -41.52 21.93 11.73
CA PRO A 449 -42.00 20.94 12.70
C PRO A 449 -41.12 19.69 12.71
N LEU A 450 -41.45 18.79 13.63
CA LEU A 450 -40.73 17.53 13.73
C LEU A 450 -41.09 16.61 12.58
N LYS A 451 -40.10 15.87 12.10
CA LYS A 451 -40.38 14.82 11.13
C LYS A 451 -41.04 13.62 11.79
N ALA A 452 -40.76 13.38 13.07
CA ALA A 452 -41.32 12.26 13.80
C ALA A 452 -41.72 12.73 15.18
N GLN A 453 -42.94 12.40 15.58
CA GLN A 453 -43.45 12.79 16.89
C GLN A 453 -42.76 11.98 17.99
N ALA A 454 -42.37 12.66 19.06
CA ALA A 454 -41.61 12.05 20.15
C ALA A 454 -42.37 12.16 21.46
N PRO A 455 -43.19 11.17 21.80
CA PRO A 455 -43.81 11.16 23.13
C PRO A 455 -42.87 10.53 24.16
N VAL A 456 -43.35 10.36 25.39
CA VAL A 456 -42.55 9.66 26.39
C VAL A 456 -42.52 8.17 26.04
N GLY A 457 -41.43 7.50 26.39
CA GLY A 457 -41.29 6.10 26.06
C GLY A 457 -40.99 5.84 24.60
N PHE A 458 -40.58 6.86 23.85
CA PHE A 458 -40.26 6.68 22.45
C PHE A 458 -38.89 6.01 22.32
N TYR A 459 -38.75 5.19 21.27
CA TYR A 459 -37.51 4.45 21.11
C TYR A 459 -36.36 5.31 20.58
N ALA A 460 -36.65 6.45 19.98
CA ALA A 460 -35.63 7.24 19.31
C ALA A 460 -34.79 8.08 20.26
N TYR A 461 -35.07 8.02 21.57
CA TYR A 461 -34.20 8.69 22.52
C TYR A 461 -32.84 8.00 22.61
N THR A 462 -32.80 6.69 22.44
CA THR A 462 -31.55 5.95 22.40
C THR A 462 -31.25 5.55 20.96
N TRP A 463 -30.03 5.81 20.51
CA TRP A 463 -29.67 5.70 19.11
C TRP A 463 -29.58 4.24 18.68
N GLU A 464 -29.26 4.04 17.41
CA GLU A 464 -29.17 2.73 16.79
C GLU A 464 -27.71 2.37 16.55
N PHE A 465 -27.40 1.08 16.67
CA PHE A 465 -26.08 0.56 16.33
C PHE A 465 -25.76 0.84 14.86
N PRO A 466 -24.51 1.12 14.52
CA PRO A 466 -24.19 1.57 13.17
C PRO A 466 -24.38 0.49 12.12
N GLN A 467 -24.39 0.93 10.86
CA GLN A 467 -24.78 0.06 9.75
C GLN A 467 -23.68 -0.92 9.36
N ARG A 468 -22.41 -0.56 9.55
CA ARG A 468 -21.34 -1.50 9.25
C ARG A 468 -21.32 -2.63 10.27
N ASP A 469 -21.60 -2.31 11.53
CA ASP A 469 -21.93 -3.36 12.48
C ASP A 469 -23.32 -3.91 12.16
N ARG A 470 -23.60 -5.09 12.72
CA ARG A 470 -24.86 -5.84 12.62
C ARG A 470 -25.19 -6.32 11.20
N GLN A 471 -24.33 -6.00 10.22
CA GLN A 471 -24.31 -6.63 8.92
C GLN A 471 -23.21 -7.68 8.81
N THR A 472 -22.03 -7.36 9.34
CA THR A 472 -20.94 -8.33 9.47
C THR A 472 -21.08 -9.19 10.71
N ASN A 473 -21.95 -8.80 11.64
CA ASN A 473 -22.16 -9.52 12.89
C ASN A 473 -23.58 -10.05 12.94
N PRO A 474 -23.80 -11.34 12.66
CA PRO A 474 -25.17 -11.87 12.70
C PRO A 474 -25.73 -12.08 14.10
N GLN A 475 -24.91 -11.97 15.15
CA GLN A 475 -25.38 -12.16 16.51
C GLN A 475 -25.84 -10.87 17.18
N LEU A 476 -26.07 -9.80 16.42
CA LEU A 476 -26.41 -8.53 17.00
C LEU A 476 -27.90 -8.24 16.83
N ILE A 477 -28.51 -7.73 17.90
CA ILE A 477 -29.91 -7.36 17.93
C ILE A 477 -29.98 -5.84 17.93
N LYS A 478 -30.59 -5.26 16.89
CA LYS A 478 -30.68 -3.82 16.84
C LYS A 478 -31.78 -3.33 17.79
N ASN A 479 -31.79 -2.02 18.03
CA ASN A 479 -32.71 -1.44 18.99
C ASN A 479 -34.04 -1.04 18.37
N TRP A 480 -34.01 -0.38 17.22
CA TRP A 480 -35.22 0.21 16.68
C TRP A 480 -36.05 -0.84 15.92
N PRO A 481 -37.38 -0.73 15.97
CA PRO A 481 -38.20 -1.64 15.17
C PRO A 481 -38.22 -1.28 13.69
N ILE A 482 -37.91 -0.04 13.34
CA ILE A 482 -37.89 0.38 11.95
C ILE A 482 -36.46 0.51 11.43
N GLN B 1 18.62 -36.93 -19.51
CA GLN B 1 18.85 -35.80 -18.61
C GLN B 1 18.63 -36.20 -17.16
N VAL B 2 19.25 -35.45 -16.25
CA VAL B 2 19.17 -35.70 -14.82
C VAL B 2 18.88 -34.36 -14.15
N VAL B 3 17.78 -34.29 -13.40
CA VAL B 3 17.33 -33.05 -12.78
C VAL B 3 17.41 -33.19 -11.27
N VAL B 4 17.98 -32.19 -10.62
CA VAL B 4 18.05 -32.12 -9.17
C VAL B 4 16.91 -31.20 -8.72
N LEU B 5 15.75 -31.79 -8.44
CA LEU B 5 14.62 -30.99 -8.00
C LEU B 5 14.54 -31.02 -6.48
N GLY B 6 14.74 -29.87 -5.87
CA GLY B 6 14.79 -29.79 -4.44
C GLY B 6 16.16 -30.14 -3.91
N TYR B 7 16.28 -31.33 -3.35
CA TYR B 7 17.45 -31.74 -2.57
C TYR B 7 17.79 -33.16 -2.95
N GLY B 8 18.97 -33.60 -2.54
CA GLY B 8 19.44 -34.92 -2.91
C GLY B 8 19.86 -35.00 -4.35
N THR B 9 20.41 -36.15 -4.72
CA THR B 9 20.91 -36.35 -6.08
C THR B 9 19.78 -36.44 -7.08
N GLY B 10 20.11 -36.26 -8.35
CA GLY B 10 19.10 -36.26 -9.38
C GLY B 10 18.56 -37.65 -9.68
N GLN B 11 17.30 -37.69 -10.12
CA GLN B 11 16.71 -39.00 -10.40
C GLN B 11 16.86 -39.38 -11.85
N LYS B 12 16.16 -38.64 -12.71
CA LYS B 12 16.02 -38.84 -14.15
C LYS B 12 15.11 -37.73 -14.61
N LEU B 13 14.80 -37.73 -15.90
CA LEU B 13 13.75 -36.85 -16.38
C LEU B 13 12.52 -37.62 -16.85
N SER B 14 12.67 -38.89 -17.21
CA SER B 14 11.56 -39.76 -17.54
C SER B 14 11.06 -40.54 -16.35
N THR B 15 11.31 -40.06 -15.14
CA THR B 15 10.91 -40.72 -13.90
C THR B 15 10.16 -39.75 -12.99
N VAL B 16 10.52 -38.47 -13.06
CA VAL B 16 9.87 -37.43 -12.27
C VAL B 16 8.41 -37.29 -12.71
N SER B 17 7.54 -37.01 -11.75
CA SER B 17 6.11 -36.92 -11.99
C SER B 17 5.58 -35.50 -11.90
N GLY B 18 6.44 -34.50 -11.79
CA GLY B 18 6.02 -33.19 -11.37
C GLY B 18 5.97 -32.10 -12.41
N SER B 19 6.21 -32.44 -13.68
CA SER B 19 6.18 -31.50 -14.80
C SER B 19 7.16 -30.34 -14.60
N VAL B 20 8.43 -30.68 -14.61
CA VAL B 20 9.47 -29.67 -14.64
C VAL B 20 9.79 -29.38 -16.10
N ALA B 21 10.43 -28.23 -16.34
CA ALA B 21 10.86 -27.86 -17.69
C ALA B 21 12.30 -27.40 -17.62
N LYS B 22 13.19 -28.14 -18.27
CA LYS B 22 14.62 -27.86 -18.21
C LYS B 22 15.05 -27.06 -19.43
N VAL B 23 15.72 -25.94 -19.17
CA VAL B 23 16.27 -25.08 -20.22
C VAL B 23 17.77 -25.28 -20.25
N SER B 24 18.30 -25.63 -21.42
CA SER B 24 19.70 -25.97 -21.57
C SER B 24 20.51 -24.68 -21.75
N SER B 25 21.83 -24.82 -21.83
CA SER B 25 22.72 -23.68 -21.81
C SER B 25 22.77 -22.91 -23.12
N GLU B 26 22.11 -23.39 -24.17
CA GLU B 26 22.12 -22.66 -25.43
C GLU B 26 21.22 -21.44 -25.38
N LYS B 27 20.11 -21.53 -24.63
CA LYS B 27 19.14 -20.45 -24.64
C LYS B 27 19.48 -19.34 -23.66
N LEU B 28 20.43 -19.57 -22.75
CA LEU B 28 20.75 -18.57 -21.74
C LEU B 28 21.90 -17.67 -22.19
N ALA B 29 22.92 -18.25 -22.80
CA ALA B 29 24.16 -17.56 -23.10
C ALA B 29 23.99 -16.59 -24.26
N GLU B 30 25.02 -15.78 -24.48
CA GLU B 30 25.21 -14.80 -25.55
C GLU B 30 24.18 -13.67 -25.55
N LYS B 31 23.39 -13.52 -24.50
CA LYS B 31 22.31 -12.54 -24.51
C LYS B 31 22.84 -11.16 -24.16
N PRO B 32 22.33 -10.10 -24.79
CA PRO B 32 22.91 -8.76 -24.62
C PRO B 32 22.26 -7.87 -23.57
N VAL B 33 21.43 -8.41 -22.67
CA VAL B 33 20.80 -7.61 -21.63
C VAL B 33 21.25 -8.13 -20.27
N ALA B 34 20.87 -7.40 -19.23
CA ALA B 34 21.31 -7.72 -17.87
C ALA B 34 20.42 -8.76 -17.22
N ASN B 35 19.11 -8.73 -17.46
CA ASN B 35 18.22 -9.70 -16.83
C ASN B 35 18.24 -11.00 -17.62
N ILE B 36 18.34 -12.11 -16.90
CA ILE B 36 18.41 -13.42 -17.54
C ILE B 36 17.03 -13.98 -17.81
N MET B 37 15.99 -13.51 -17.12
CA MET B 37 14.68 -14.10 -17.30
C MET B 37 14.02 -13.64 -18.58
N ASP B 38 14.42 -12.49 -19.11
CA ASP B 38 13.81 -11.95 -20.31
C ASP B 38 14.12 -12.78 -21.55
N ALA B 39 15.21 -13.54 -21.52
CA ALA B 39 15.50 -14.47 -22.59
C ALA B 39 14.64 -15.73 -22.55
N LEU B 40 13.69 -15.82 -21.62
CA LEU B 40 12.81 -16.97 -21.54
C LEU B 40 11.37 -16.63 -21.85
N GLN B 41 11.13 -15.62 -22.67
CA GLN B 41 9.76 -15.26 -23.03
C GLN B 41 9.32 -16.17 -24.16
N GLY B 42 8.48 -17.16 -23.84
CA GLY B 42 7.97 -18.07 -24.82
C GLY B 42 8.63 -19.43 -24.85
N GLN B 43 9.54 -19.73 -23.92
CA GLN B 43 10.18 -21.03 -23.93
C GLN B 43 9.47 -22.03 -23.03
N VAL B 44 9.34 -21.73 -21.74
CA VAL B 44 8.71 -22.64 -20.79
C VAL B 44 7.21 -22.43 -20.87
N ALA B 45 6.47 -23.51 -21.11
CA ALA B 45 5.03 -23.42 -21.27
C ALA B 45 4.33 -23.14 -19.94
N GLY B 46 3.47 -22.14 -19.93
CA GLY B 46 2.76 -21.81 -18.72
C GLY B 46 3.42 -20.78 -17.84
N MET B 47 4.48 -20.14 -18.32
CA MET B 47 5.20 -19.11 -17.56
C MET B 47 5.27 -17.88 -18.44
N GLN B 48 4.60 -16.81 -18.02
CA GLN B 48 4.66 -15.55 -18.76
C GLN B 48 5.61 -14.60 -18.08
N VAL B 49 6.45 -13.95 -18.86
CA VAL B 49 7.45 -13.04 -18.34
C VAL B 49 7.41 -11.77 -19.16
N MET B 50 7.41 -10.63 -18.48
CA MET B 50 7.26 -9.35 -19.15
C MET B 50 8.15 -8.33 -18.47
N THR B 51 9.00 -7.68 -19.24
CA THR B 51 9.87 -6.62 -18.78
C THR B 51 9.15 -5.30 -19.02
N THR B 52 8.82 -4.59 -17.95
CA THR B 52 7.96 -3.42 -18.04
C THR B 52 8.73 -2.12 -18.21
N SER B 53 9.98 -2.19 -18.62
CA SER B 53 10.82 -1.02 -18.82
C SER B 53 11.99 -1.43 -19.69
N GLY B 54 12.55 -0.47 -20.39
CA GLY B 54 13.68 -0.73 -21.25
C GLY B 54 14.98 -0.23 -20.67
N ASP B 55 15.00 -0.02 -19.36
CA ASP B 55 16.22 0.30 -18.64
C ASP B 55 17.23 -0.82 -18.74
N PRO B 56 18.52 -0.53 -18.62
CA PRO B 56 19.48 -1.60 -18.35
C PRO B 56 19.30 -2.17 -16.97
N THR B 57 18.82 -1.37 -16.02
CA THR B 57 18.62 -1.78 -14.64
C THR B 57 17.19 -2.20 -14.36
N ALA B 58 16.44 -2.60 -15.38
CA ALA B 58 15.10 -3.12 -15.16
C ALA B 58 15.15 -4.61 -14.88
N VAL B 59 14.05 -5.12 -14.34
CA VAL B 59 13.94 -6.51 -13.93
C VAL B 59 12.60 -7.04 -14.42
N ALA B 60 12.63 -8.18 -15.09
CA ALA B 60 11.43 -8.79 -15.64
C ALA B 60 10.51 -9.29 -14.53
N SER B 61 9.24 -9.42 -14.87
CA SER B 61 8.23 -9.95 -13.95
C SER B 61 7.72 -11.26 -14.48
N VAL B 62 7.83 -12.31 -13.68
CA VAL B 62 7.54 -13.69 -14.08
C VAL B 62 6.29 -14.14 -13.33
N GLU B 63 5.41 -14.87 -14.02
CA GLU B 63 4.21 -15.43 -13.42
C GLU B 63 3.94 -16.79 -14.03
N ILE B 64 3.99 -17.82 -13.21
CA ILE B 64 3.77 -19.20 -13.65
C ILE B 64 2.37 -19.61 -13.25
N HIS B 65 1.58 -20.07 -14.22
CA HIS B 65 0.20 -20.53 -14.05
C HIS B 65 -0.70 -19.45 -13.44
N GLY B 66 -0.66 -18.26 -14.05
CA GLY B 66 -1.57 -17.20 -13.69
C GLY B 66 -1.07 -16.35 -12.54
N THR B 67 -1.94 -15.47 -12.08
CA THR B 67 -1.69 -14.68 -10.88
C THR B 67 -2.47 -15.32 -9.74
N GLY B 68 -1.75 -15.87 -8.77
CA GLY B 68 -2.39 -16.72 -7.79
C GLY B 68 -2.97 -15.98 -6.61
N SER B 69 -2.80 -14.67 -6.55
CA SER B 69 -3.23 -13.94 -5.37
C SER B 69 -3.58 -12.52 -5.73
N LEU B 70 -4.68 -12.06 -5.15
CA LEU B 70 -5.03 -10.64 -5.15
C LEU B 70 -4.76 -10.09 -3.76
N GLY B 71 -3.56 -9.57 -3.56
CA GLY B 71 -3.15 -9.14 -2.24
C GLY B 71 -1.70 -9.36 -1.88
N ALA B 72 -1.10 -10.44 -2.37
CA ALA B 72 0.32 -10.68 -2.17
C ALA B 72 1.04 -10.68 -3.52
N SER B 73 2.29 -11.10 -3.51
CA SER B 73 3.12 -11.09 -4.71
C SER B 73 2.80 -12.27 -5.60
N SER B 74 3.45 -12.30 -6.76
CA SER B 74 3.28 -13.38 -7.70
C SER B 74 4.60 -13.88 -8.28
N ALA B 75 5.72 -13.32 -7.86
CA ALA B 75 7.01 -13.71 -8.39
C ALA B 75 7.44 -15.06 -7.81
N PRO B 76 8.15 -15.88 -8.59
CA PRO B 76 8.57 -17.18 -8.07
C PRO B 76 9.71 -17.10 -7.08
N LEU B 77 10.20 -18.27 -6.70
CA LEU B 77 11.34 -18.42 -5.82
C LEU B 77 12.53 -18.73 -6.70
N TYR B 78 13.51 -17.85 -6.71
CA TYR B 78 14.69 -18.03 -7.56
C TYR B 78 15.82 -18.49 -6.66
N ILE B 79 16.19 -19.76 -6.75
CA ILE B 79 17.33 -20.23 -5.97
C ILE B 79 18.42 -20.64 -6.95
N VAL B 80 19.67 -20.36 -6.56
CA VAL B 80 20.84 -20.51 -7.42
C VAL B 80 21.79 -21.50 -6.78
N ASP B 81 21.79 -22.73 -7.30
CA ASP B 81 22.53 -23.91 -6.82
C ASP B 81 22.59 -24.02 -5.30
N GLY B 82 21.41 -24.03 -4.68
CA GLY B 82 21.39 -23.98 -3.25
C GLY B 82 20.61 -22.81 -2.70
N MET B 83 21.33 -21.80 -2.21
CA MET B 83 20.69 -20.74 -1.45
C MET B 83 20.00 -19.73 -2.36
N GLN B 84 18.91 -19.17 -1.87
CA GLN B 84 18.03 -18.38 -2.71
C GLN B 84 18.55 -16.97 -2.87
N THR B 85 18.09 -16.31 -3.93
CA THR B 85 18.55 -14.98 -4.28
C THR B 85 17.36 -14.13 -4.71
N SER B 86 17.64 -12.87 -5.00
CA SER B 86 16.72 -11.99 -5.70
C SER B 86 17.19 -11.82 -7.13
N LEU B 87 16.34 -11.19 -7.96
CA LEU B 87 16.70 -10.99 -9.35
C LEU B 87 17.76 -9.91 -9.55
N ASP B 88 17.83 -8.94 -8.63
CA ASP B 88 18.87 -7.94 -8.64
C ASP B 88 20.26 -8.51 -8.34
N VAL B 89 20.34 -9.72 -7.79
CA VAL B 89 21.62 -10.35 -7.47
C VAL B 89 22.02 -11.31 -8.57
N VAL B 90 21.07 -11.97 -9.22
CA VAL B 90 21.35 -12.74 -10.44
C VAL B 90 21.72 -11.80 -11.58
N ALA B 91 21.29 -10.54 -11.51
CA ALA B 91 21.73 -9.57 -12.51
C ALA B 91 23.18 -9.16 -12.35
N THR B 92 23.84 -9.50 -11.25
CA THR B 92 25.26 -9.26 -11.07
C THR B 92 26.09 -10.53 -11.27
N MET B 93 25.54 -11.52 -11.95
CA MET B 93 26.23 -12.77 -12.22
C MET B 93 26.30 -12.96 -13.72
N ASN B 94 27.43 -13.46 -14.19
CA ASN B 94 27.64 -13.66 -15.61
C ASN B 94 26.80 -14.82 -16.11
N PRO B 95 25.98 -14.65 -17.14
CA PRO B 95 25.12 -15.74 -17.59
C PRO B 95 25.81 -16.84 -18.39
N ASN B 96 27.11 -16.75 -18.62
CA ASN B 96 27.85 -17.85 -19.22
C ASN B 96 28.26 -18.90 -18.21
N ASP B 97 28.01 -18.67 -16.92
CA ASP B 97 28.31 -19.65 -15.90
C ASP B 97 27.13 -20.54 -15.56
N PHE B 98 25.96 -20.28 -16.13
CA PHE B 98 24.79 -21.08 -15.83
C PHE B 98 24.77 -22.29 -16.75
N GLU B 99 24.77 -23.49 -16.17
CA GLU B 99 24.78 -24.72 -16.95
C GLU B 99 23.38 -25.07 -17.42
N SER B 100 22.38 -24.87 -16.58
CA SER B 100 21.00 -25.18 -16.91
C SER B 100 20.10 -24.23 -16.17
N MET B 101 18.80 -24.39 -16.38
CA MET B 101 17.78 -23.67 -15.60
C MET B 101 16.49 -24.48 -15.66
N SER B 102 16.13 -25.12 -14.58
CA SER B 102 14.92 -25.93 -14.53
C SER B 102 13.83 -25.14 -13.82
N VAL B 103 12.65 -25.14 -14.41
CA VAL B 103 11.48 -24.47 -13.87
C VAL B 103 10.53 -25.53 -13.33
N LEU B 104 10.32 -25.53 -12.03
CA LEU B 104 9.45 -26.46 -11.34
C LEU B 104 8.13 -25.75 -11.13
N LYS B 105 7.03 -26.34 -11.58
CA LYS B 105 5.78 -25.59 -11.58
C LYS B 105 4.56 -26.34 -11.09
N ASP B 106 4.60 -27.65 -10.93
CA ASP B 106 3.46 -28.36 -10.37
C ASP B 106 3.88 -28.96 -9.05
N ALA B 107 2.90 -29.24 -8.19
CA ALA B 107 3.18 -29.83 -6.91
C ALA B 107 3.65 -31.28 -7.08
N SER B 108 4.29 -31.79 -6.03
CA SER B 108 5.23 -32.91 -6.02
C SER B 108 6.45 -32.66 -6.88
N ALA B 109 6.73 -31.39 -7.18
CA ALA B 109 8.05 -30.96 -7.62
C ALA B 109 8.44 -29.77 -6.76
N THR B 110 7.46 -28.92 -6.47
CA THR B 110 7.69 -27.68 -5.73
C THR B 110 7.44 -27.82 -4.25
N SER B 111 6.72 -28.84 -3.82
CA SER B 111 6.16 -28.85 -2.49
C SER B 111 7.11 -29.30 -1.40
N ILE B 112 8.42 -29.27 -1.63
CA ILE B 112 9.34 -29.35 -0.51
C ILE B 112 10.02 -28.02 -0.28
N TYR B 113 9.69 -27.00 -1.06
CA TYR B 113 9.91 -25.63 -0.64
C TYR B 113 8.59 -25.03 -0.16
N GLY B 114 7.94 -25.74 0.76
CA GLY B 114 6.63 -25.31 1.23
C GLY B 114 6.69 -23.99 1.97
N ALA B 115 5.59 -23.25 1.93
CA ALA B 115 5.43 -21.86 2.36
C ALA B 115 6.27 -20.88 1.56
N ARG B 116 6.94 -21.31 0.50
CA ARG B 116 7.61 -20.42 -0.42
C ARG B 116 7.33 -20.75 -1.87
N ALA B 117 6.78 -21.91 -2.15
CA ALA B 117 6.61 -22.39 -3.51
C ALA B 117 5.15 -22.46 -3.89
N ALA B 118 4.38 -21.44 -3.57
CA ALA B 118 3.05 -21.36 -4.14
C ALA B 118 3.09 -20.79 -5.55
N ASN B 119 4.14 -20.08 -5.90
CA ASN B 119 4.28 -19.50 -7.23
C ASN B 119 5.33 -20.20 -8.08
N GLY B 120 5.60 -21.46 -7.83
CA GLY B 120 6.64 -22.15 -8.57
C GLY B 120 8.00 -21.83 -8.00
N VAL B 121 9.02 -22.35 -8.67
CA VAL B 121 10.41 -22.13 -8.30
C VAL B 121 11.30 -22.32 -9.53
N VAL B 122 12.18 -21.35 -9.76
CA VAL B 122 13.21 -21.43 -10.78
C VAL B 122 14.51 -21.86 -10.11
N PHE B 123 15.16 -22.88 -10.66
CA PHE B 123 16.33 -23.48 -10.02
C PHE B 123 17.51 -23.38 -10.99
N ILE B 124 18.39 -22.41 -10.77
CA ILE B 124 19.51 -22.12 -11.65
C ILE B 124 20.74 -22.84 -11.13
N GLN B 125 21.38 -23.63 -12.00
CA GLN B 125 22.52 -24.45 -11.62
C GLN B 125 23.74 -23.94 -12.36
N THR B 126 24.88 -23.89 -11.69
CA THR B 126 26.10 -23.34 -12.29
C THR B 126 27.01 -24.45 -12.80
N LYS B 127 27.93 -24.07 -13.68
CA LYS B 127 28.81 -25.01 -14.35
C LYS B 127 29.83 -25.58 -13.38
N LYS B 128 30.32 -26.79 -13.70
CA LYS B 128 31.25 -27.48 -12.82
C LYS B 128 32.55 -27.91 -13.47
N GLY B 129 32.69 -27.88 -14.79
CA GLY B 129 33.97 -28.16 -15.38
C GLY B 129 34.24 -29.63 -15.58
N LYS B 130 34.68 -29.99 -16.79
CA LYS B 130 34.79 -31.37 -17.22
C LYS B 130 36.20 -31.89 -16.95
N MET B 131 36.28 -33.14 -16.53
CA MET B 131 37.55 -33.76 -16.20
C MET B 131 38.21 -34.31 -17.46
N SER B 132 39.37 -33.77 -17.81
CA SER B 132 40.07 -34.16 -19.03
C SER B 132 41.57 -34.07 -18.78
N GLU B 133 42.34 -34.34 -19.83
CA GLU B 133 43.79 -34.38 -19.69
C GLU B 133 44.39 -32.97 -19.57
N ARG B 134 44.01 -32.06 -20.46
CA ARG B 134 44.39 -30.66 -20.33
C ARG B 134 43.14 -29.80 -20.35
N GLY B 135 43.16 -28.72 -19.57
CA GLY B 135 42.00 -27.86 -19.45
C GLY B 135 41.75 -27.04 -20.70
N ARG B 136 40.67 -26.27 -20.69
CA ARG B 136 40.31 -25.49 -21.84
C ARG B 136 40.01 -24.05 -21.46
N ILE B 137 40.43 -23.13 -22.33
CA ILE B 137 40.24 -21.70 -22.16
C ILE B 137 39.20 -21.27 -23.19
N THR B 138 38.29 -20.40 -22.80
CA THR B 138 37.30 -19.88 -23.73
C THR B 138 37.20 -18.38 -23.56
N PHE B 139 37.33 -17.64 -24.65
CA PHE B 139 37.37 -16.19 -24.63
C PHE B 139 36.23 -15.64 -25.47
N ASN B 140 35.25 -15.00 -24.83
CA ASN B 140 34.10 -14.43 -25.51
C ASN B 140 34.24 -12.92 -25.59
N ALA B 141 33.79 -12.33 -26.70
CA ALA B 141 33.73 -10.88 -26.80
C ALA B 141 32.56 -10.50 -27.69
N SER B 142 31.88 -9.40 -27.35
CA SER B 142 30.71 -8.95 -28.09
C SER B 142 30.73 -7.44 -28.20
N TYR B 143 29.94 -6.92 -29.14
CA TYR B 143 29.73 -5.48 -29.26
C TYR B 143 28.42 -5.25 -29.98
N GLY B 144 27.61 -4.32 -29.47
CA GLY B 144 26.34 -4.06 -30.11
C GLY B 144 25.88 -2.64 -29.91
N ILE B 145 24.79 -2.30 -30.60
CA ILE B 145 24.12 -1.02 -30.45
C ILE B 145 22.66 -1.25 -30.14
N SER B 146 22.05 -0.25 -29.50
CA SER B 146 20.69 -0.33 -29.00
C SER B 146 19.93 0.93 -29.37
N GLN B 147 18.68 0.78 -29.82
CA GLN B 147 17.87 1.94 -30.14
C GLN B 147 16.40 1.61 -29.95
N ILE B 148 15.56 2.63 -30.10
CA ILE B 148 14.15 2.53 -29.75
C ILE B 148 13.41 1.71 -30.81
N LEU B 149 12.39 0.96 -30.36
CA LEU B 149 11.65 0.01 -31.18
C LEU B 149 10.95 0.61 -32.39
N ASN B 150 9.95 1.47 -32.16
CA ASN B 150 9.17 2.02 -33.26
C ASN B 150 8.85 3.48 -32.98
N THR B 151 8.78 4.26 -34.05
CA THR B 151 8.46 5.68 -34.00
C THR B 151 7.12 5.92 -34.69
N LYS B 152 6.15 5.08 -34.42
CA LYS B 152 4.82 5.22 -34.99
C LYS B 152 3.93 6.31 -34.39
N PRO B 153 3.92 6.59 -33.07
CA PRO B 153 3.05 7.69 -32.61
C PRO B 153 3.52 9.09 -32.99
N LEU B 154 4.61 9.25 -33.72
CA LEU B 154 4.98 10.56 -34.24
C LEU B 154 4.38 10.82 -35.61
N ASP B 155 3.75 9.82 -36.22
CA ASP B 155 3.08 9.98 -37.50
C ASP B 155 1.72 10.64 -37.35
N ASN B 156 1.21 10.76 -36.13
CA ASN B 156 -0.11 11.31 -35.89
C ASN B 156 -0.09 12.75 -35.39
N MET B 157 1.05 13.24 -34.95
CA MET B 157 1.08 14.53 -34.26
C MET B 157 1.01 15.69 -35.25
N MET B 158 0.61 16.84 -34.74
CA MET B 158 0.57 18.06 -35.53
C MET B 158 1.98 18.57 -35.80
N THR B 159 2.07 19.49 -36.75
CA THR B 159 3.30 20.22 -37.00
C THR B 159 3.27 21.52 -36.20
N GLY B 160 4.17 22.45 -36.51
CA GLY B 160 4.14 23.73 -35.83
C GLY B 160 3.10 24.65 -36.42
N ASP B 161 3.04 24.68 -37.75
CA ASP B 161 2.13 25.55 -38.46
C ASP B 161 0.68 25.11 -38.35
N GLU B 162 0.43 23.85 -37.98
CA GLU B 162 -0.94 23.41 -37.71
C GLU B 162 -1.33 23.69 -36.27
N LEU B 163 -0.38 23.51 -35.35
CA LEU B 163 -0.66 23.72 -33.94
C LEU B 163 -0.90 25.18 -33.62
N LEU B 164 -0.20 26.09 -34.30
CA LEU B 164 -0.45 27.51 -34.11
C LEU B 164 -1.86 27.88 -34.54
N ASP B 165 -2.32 27.36 -35.68
CA ASP B 165 -3.66 27.65 -36.15
C ASP B 165 -4.73 27.08 -35.23
N PHE B 166 -4.53 25.84 -34.77
CA PHE B 166 -5.49 25.23 -33.86
C PHE B 166 -5.51 25.94 -32.51
N GLN B 167 -4.37 26.41 -32.03
CA GLN B 167 -4.32 27.12 -30.76
C GLN B 167 -4.95 28.51 -30.86
N VAL B 168 -4.73 29.22 -31.97
CA VAL B 168 -5.30 30.55 -32.07
C VAL B 168 -6.79 30.50 -32.42
N LYS B 169 -7.25 29.43 -33.07
CA LYS B 169 -8.69 29.28 -33.29
C LYS B 169 -9.41 28.80 -32.04
N ALA B 170 -8.73 28.02 -31.20
CA ALA B 170 -9.32 27.61 -29.92
C ALA B 170 -9.34 28.73 -28.89
N GLY B 171 -8.68 29.86 -29.16
CA GLY B 171 -8.70 30.97 -28.24
C GLY B 171 -7.72 30.90 -27.10
N PHE B 172 -6.61 30.17 -27.26
CA PHE B 172 -5.66 30.03 -26.16
C PHE B 172 -4.79 31.27 -26.03
N TRP B 173 -4.34 31.84 -27.16
CA TRP B 173 -3.46 32.99 -27.08
C TRP B 173 -4.21 34.28 -26.77
N GLY B 174 -5.35 34.50 -27.41
CA GLY B 174 -6.10 35.72 -27.16
C GLY B 174 -7.48 35.64 -27.76
N ASN B 175 -8.29 36.66 -27.45
CA ASN B 175 -9.66 36.67 -27.93
C ASN B 175 -9.75 37.10 -29.38
N ASN B 176 -8.96 38.10 -29.77
CA ASN B 176 -8.95 38.60 -31.14
C ASN B 176 -7.58 38.49 -31.79
N GLN B 177 -6.74 37.58 -31.32
CA GLN B 177 -5.41 37.42 -31.85
C GLN B 177 -5.44 36.68 -33.18
N THR B 178 -4.27 36.60 -33.82
CA THR B 178 -4.12 35.90 -35.09
C THR B 178 -2.66 35.51 -35.27
N VAL B 179 -2.43 34.55 -36.18
CA VAL B 179 -1.07 34.25 -36.57
C VAL B 179 -0.51 35.42 -37.39
N GLN B 180 0.83 35.53 -37.38
CA GLN B 180 1.70 36.63 -37.81
C GLN B 180 1.61 37.82 -36.86
N LYS B 181 0.70 37.79 -35.89
CA LYS B 181 0.67 38.67 -34.74
C LYS B 181 0.98 37.92 -33.46
N VAL B 182 0.61 36.64 -33.38
CA VAL B 182 1.06 35.77 -32.31
C VAL B 182 2.42 35.17 -32.63
N LYS B 183 2.62 34.76 -33.88
CA LYS B 183 3.89 34.19 -34.32
C LYS B 183 5.02 35.19 -34.24
N ASP B 184 4.77 36.45 -34.56
CA ASP B 184 5.85 37.40 -34.73
C ASP B 184 6.39 37.97 -33.43
N MET B 185 5.53 38.37 -32.50
CA MET B 185 6.02 39.17 -31.40
C MET B 185 5.73 38.63 -30.01
N ILE B 186 4.56 38.03 -29.75
CA ILE B 186 4.23 37.76 -28.36
C ILE B 186 5.01 36.55 -27.84
N LEU B 187 5.38 35.61 -28.70
CA LEU B 187 6.17 34.46 -28.25
C LEU B 187 7.50 34.30 -28.96
N ALA B 188 7.78 35.10 -29.98
CA ALA B 188 9.17 35.26 -30.41
C ALA B 188 9.86 36.37 -29.63
N GLY B 189 9.23 36.89 -28.59
CA GLY B 189 9.88 37.69 -27.58
C GLY B 189 10.47 36.80 -26.49
N ALA B 190 11.32 35.86 -26.92
CA ALA B 190 12.17 35.08 -26.04
C ALA B 190 13.54 35.70 -25.92
N GLU B 191 13.71 36.91 -26.48
CA GLU B 191 14.89 37.69 -26.23
C GLU B 191 14.79 38.50 -24.95
N ASP B 192 13.59 38.63 -24.40
CA ASP B 192 13.45 39.23 -23.07
C ASP B 192 13.84 38.25 -21.98
N LEU B 193 13.78 36.95 -22.24
CA LEU B 193 14.24 35.96 -21.28
C LEU B 193 15.71 35.62 -21.51
N TYR B 194 16.13 35.57 -22.76
CA TYR B 194 17.51 35.27 -23.08
C TYR B 194 18.42 36.48 -22.93
N GLY B 195 17.93 37.59 -22.43
CA GLY B 195 18.74 38.78 -22.30
C GLY B 195 19.22 38.99 -20.87
N ASN B 196 18.56 38.35 -19.92
CA ASN B 196 18.94 38.51 -18.52
C ASN B 196 20.17 37.70 -18.18
N TYR B 197 20.37 36.59 -18.89
CA TYR B 197 21.40 35.64 -18.50
C TYR B 197 22.66 35.87 -19.31
N ASP B 198 23.79 35.99 -18.60
CA ASP B 198 25.05 36.39 -19.20
C ASP B 198 25.60 35.36 -20.17
N SER B 199 25.26 34.07 -19.99
CA SER B 199 25.86 33.04 -20.83
C SER B 199 25.25 32.98 -22.21
N LEU B 200 24.08 33.56 -22.40
CA LEU B 200 23.35 33.51 -23.66
C LEU B 200 22.71 34.85 -23.98
N LYS B 201 23.26 35.92 -23.42
CA LYS B 201 22.77 37.27 -23.71
C LYS B 201 23.16 37.69 -25.12
N ASP B 202 24.40 37.43 -25.50
CA ASP B 202 24.92 37.84 -26.80
C ASP B 202 24.83 36.75 -27.85
N GLU B 203 24.16 35.65 -27.54
CA GLU B 203 24.12 34.52 -28.47
C GLU B 203 22.74 34.25 -29.02
N TYR B 204 21.71 34.95 -28.55
CA TYR B 204 20.40 34.82 -29.17
C TYR B 204 20.42 35.44 -30.55
N GLY B 205 19.83 34.74 -31.53
CA GLY B 205 19.76 35.26 -32.87
C GLY B 205 21.05 35.20 -33.65
N LYS B 206 22.11 34.65 -33.08
CA LYS B 206 23.39 34.51 -33.77
C LYS B 206 23.81 33.06 -33.89
N THR B 207 23.75 32.29 -32.81
CA THR B 207 24.13 30.89 -32.86
C THR B 207 23.15 29.93 -32.20
N LEU B 208 22.06 30.40 -31.63
CA LEU B 208 20.98 29.51 -31.23
C LEU B 208 19.65 30.23 -31.34
N PHE B 209 18.67 29.56 -31.91
CA PHE B 209 17.32 30.10 -32.08
C PHE B 209 16.34 29.26 -31.28
N PRO B 210 15.79 29.77 -30.19
CA PRO B 210 14.88 28.94 -29.39
C PRO B 210 13.51 28.75 -30.01
N VAL B 211 12.98 29.76 -30.70
CA VAL B 211 11.68 29.65 -31.36
C VAL B 211 11.90 29.75 -32.85
N ASP B 212 11.48 28.72 -33.58
CA ASP B 212 11.72 28.63 -35.02
C ASP B 212 10.43 28.12 -35.65
N PHE B 213 9.90 28.88 -36.62
CA PHE B 213 8.63 28.56 -37.26
C PHE B 213 8.77 28.04 -38.68
N ASN B 214 9.92 28.22 -39.31
CA ASN B 214 10.06 27.86 -40.72
C ASN B 214 10.11 26.36 -40.94
N HIS B 215 10.61 25.61 -39.96
CA HIS B 215 10.64 24.16 -40.03
C HIS B 215 10.68 23.61 -38.62
N ASP B 216 10.05 22.45 -38.43
CA ASP B 216 9.90 21.90 -37.10
C ASP B 216 11.19 21.25 -36.61
N ALA B 217 11.24 20.99 -35.31
CA ALA B 217 12.39 20.40 -34.66
C ALA B 217 12.15 18.91 -34.41
N ASP B 218 13.25 18.18 -34.24
CA ASP B 218 13.22 16.75 -34.03
C ASP B 218 13.41 16.51 -32.54
N TRP B 219 12.32 16.20 -31.84
CA TRP B 219 12.40 15.97 -30.41
C TRP B 219 12.79 14.54 -30.07
N LEU B 220 12.62 13.60 -31.00
CA LEU B 220 13.14 12.25 -30.78
C LEU B 220 14.66 12.22 -30.74
N LYS B 221 15.31 12.97 -31.63
CA LYS B 221 16.77 13.09 -31.55
C LYS B 221 17.21 13.91 -30.36
N ALA B 222 16.35 14.77 -29.84
CA ALA B 222 16.68 15.54 -28.65
C ALA B 222 16.49 14.76 -27.37
N LEU B 223 15.70 13.69 -27.39
CA LEU B 223 15.42 12.96 -26.17
C LEU B 223 15.82 11.48 -26.20
N PHE B 224 16.26 10.94 -27.33
CA PHE B 224 16.65 9.55 -27.42
C PHE B 224 17.83 9.41 -28.36
N LYS B 225 18.72 8.47 -28.07
CA LYS B 225 19.94 8.30 -28.85
C LYS B 225 20.19 6.83 -29.12
N THR B 226 21.33 6.53 -29.71
CA THR B 226 21.76 5.18 -30.07
C THR B 226 22.92 4.77 -29.18
N ALA B 227 22.75 3.71 -28.43
CA ALA B 227 23.68 3.54 -27.33
C ALA B 227 24.48 2.24 -27.43
N PRO B 228 25.77 2.26 -27.13
CA PRO B 228 26.58 1.06 -27.31
C PRO B 228 26.44 0.07 -26.17
N THR B 229 27.03 -1.10 -26.37
CA THR B 229 27.00 -2.20 -25.41
C THR B 229 28.22 -3.09 -25.64
N SER B 230 29.00 -3.34 -24.59
CA SER B 230 30.19 -4.17 -24.69
C SER B 230 30.16 -5.28 -23.66
N GLN B 231 30.93 -6.33 -23.90
CA GLN B 231 30.86 -7.55 -23.09
C GLN B 231 32.06 -8.43 -23.42
N GLY B 232 32.69 -8.99 -22.39
CA GLY B 232 33.81 -9.89 -22.60
C GLY B 232 33.94 -10.85 -21.44
N ASP B 233 34.64 -11.97 -21.68
CA ASP B 233 34.73 -13.02 -20.68
C ASP B 233 35.91 -13.91 -21.02
N ILE B 234 36.61 -14.41 -19.99
CA ILE B 234 37.60 -15.48 -20.11
C ILE B 234 37.28 -16.53 -19.08
N SER B 235 37.21 -17.79 -19.50
CA SER B 235 36.82 -18.88 -18.61
C SER B 235 37.75 -20.06 -18.76
N PHE B 236 38.21 -20.62 -17.65
CA PHE B 236 39.09 -21.77 -17.62
C PHE B 236 38.34 -22.95 -17.00
N SER B 237 38.24 -24.05 -17.72
CA SER B 237 37.55 -25.22 -17.22
C SER B 237 38.51 -26.39 -17.20
N GLY B 238 38.63 -27.08 -16.07
CA GLY B 238 39.61 -28.13 -16.01
C GLY B 238 39.24 -29.18 -15.00
N GLY B 239 40.00 -30.28 -15.03
CA GLY B 239 39.77 -31.33 -14.07
C GLY B 239 40.98 -32.22 -13.99
N SER B 240 40.87 -33.24 -13.13
CA SER B 240 41.90 -34.25 -12.96
C SER B 240 41.24 -35.45 -12.31
N GLN B 241 42.03 -36.32 -11.69
CA GLN B 241 41.47 -37.48 -11.01
C GLN B 241 40.78 -37.03 -9.72
N GLY B 242 39.47 -36.82 -9.78
CA GLY B 242 38.69 -36.44 -8.63
C GLY B 242 38.40 -34.96 -8.49
N THR B 243 39.35 -34.10 -8.86
CA THR B 243 39.28 -32.65 -8.65
C THR B 243 38.82 -32.01 -9.95
N SER B 244 37.91 -31.04 -9.86
CA SER B 244 37.40 -30.36 -11.04
C SER B 244 37.07 -28.91 -10.71
N TYR B 245 37.51 -28.00 -11.58
CA TYR B 245 37.36 -26.57 -11.33
C TYR B 245 36.80 -25.87 -12.55
N TYR B 246 36.18 -24.73 -12.31
CA TYR B 246 35.68 -23.84 -13.34
C TYR B 246 35.84 -22.41 -12.86
N ALA B 247 36.73 -21.64 -13.47
CA ALA B 247 36.92 -20.24 -13.10
C ALA B 247 36.54 -19.36 -14.26
N SER B 248 36.20 -18.11 -13.97
CA SER B 248 35.73 -17.19 -14.99
C SER B 248 35.88 -15.75 -14.52
N ILE B 249 36.31 -14.87 -15.43
CA ILE B 249 36.31 -13.43 -15.17
C ILE B 249 35.66 -12.71 -16.34
N GLY B 250 34.79 -11.76 -16.05
CA GLY B 250 33.98 -11.16 -17.09
C GLY B 250 33.68 -9.70 -16.83
N TYR B 251 33.17 -9.05 -17.87
CA TYR B 251 32.88 -7.62 -17.87
C TYR B 251 31.69 -7.38 -18.77
N PHE B 252 30.78 -6.50 -18.33
CA PHE B 252 29.57 -6.24 -19.10
C PHE B 252 29.14 -4.79 -18.89
N ASP B 253 29.11 -4.02 -19.97
CA ASP B 253 28.82 -2.59 -19.93
C ASP B 253 27.65 -2.38 -20.85
N GLN B 254 26.58 -1.76 -20.36
CA GLN B 254 25.42 -1.48 -21.19
C GLN B 254 24.87 -0.10 -20.87
N GLU B 255 24.64 0.68 -21.93
CA GLU B 255 24.24 2.08 -21.80
C GLU B 255 22.82 2.25 -22.33
N GLY B 256 22.03 3.07 -21.64
CA GLY B 256 20.65 3.22 -21.99
C GLY B 256 20.44 4.11 -23.20
N MET B 257 19.35 3.87 -23.92
CA MET B 257 19.09 4.54 -25.17
C MET B 257 18.55 5.96 -25.00
N ALA B 258 17.95 6.28 -23.87
CA ALA B 258 17.45 7.63 -23.69
C ALA B 258 18.61 8.56 -23.34
N ARG B 259 18.37 9.85 -23.48
CA ARG B 259 19.43 10.81 -23.22
C ARG B 259 19.65 11.00 -21.73
N GLU B 260 18.60 10.91 -20.93
CA GLU B 260 18.74 10.87 -19.48
C GLU B 260 19.44 9.58 -19.10
N PRO B 261 20.50 9.62 -18.30
CA PRO B 261 21.41 8.48 -18.21
C PRO B 261 20.82 7.31 -17.44
N ALA B 262 21.15 6.11 -17.89
CA ALA B 262 20.86 4.87 -17.21
C ALA B 262 21.84 3.85 -17.73
N ASN B 263 22.83 3.48 -16.92
CA ASN B 263 23.77 2.47 -17.35
C ASN B 263 23.80 1.35 -16.35
N PHE B 264 24.24 0.18 -16.80
CA PHE B 264 24.51 -0.94 -15.92
C PHE B 264 25.86 -1.52 -16.31
N LYS B 265 26.79 -1.55 -15.37
CA LYS B 265 28.14 -2.00 -15.65
C LYS B 265 28.62 -2.91 -14.54
N ARG B 266 29.18 -4.06 -14.90
CA ARG B 266 29.69 -4.97 -13.87
C ARG B 266 30.98 -5.64 -14.30
N TYR B 267 31.80 -5.96 -13.30
CA TYR B 267 33.01 -6.76 -13.42
C TYR B 267 32.82 -7.92 -12.46
N SER B 268 32.84 -9.14 -12.96
CA SER B 268 32.50 -10.27 -12.10
C SER B 268 33.51 -11.40 -12.24
N GLY B 269 33.47 -12.30 -11.27
CA GLY B 269 34.34 -13.46 -11.27
C GLY B 269 33.68 -14.61 -10.55
N ARG B 270 34.04 -15.82 -10.94
CA ARG B 270 33.48 -17.02 -10.33
C ARG B 270 34.55 -18.10 -10.25
N LEU B 271 34.59 -18.83 -9.13
CA LEU B 271 35.41 -20.02 -8.99
C LEU B 271 34.57 -21.14 -8.40
N ASN B 272 34.11 -22.07 -9.23
CA ASN B 272 33.52 -23.31 -8.76
C ASN B 272 34.61 -24.35 -8.62
N PHE B 273 34.61 -25.05 -7.51
CA PHE B 273 35.67 -26.01 -7.22
C PHE B 273 35.04 -27.20 -6.54
N GLU B 274 35.47 -28.40 -6.89
CA GLU B 274 34.94 -29.58 -6.24
C GLU B 274 35.96 -30.69 -6.31
N SER B 275 36.31 -31.24 -5.16
CA SER B 275 37.36 -32.24 -5.10
C SER B 275 37.05 -33.21 -3.99
N ARG B 276 37.28 -34.49 -4.24
CA ARG B 276 37.05 -35.50 -3.22
C ARG B 276 38.35 -35.80 -2.50
N ILE B 277 38.28 -35.92 -1.19
CA ILE B 277 39.50 -35.95 -0.38
C ILE B 277 39.98 -37.37 -0.18
N ASN B 278 39.07 -38.27 0.17
CA ASN B 278 39.43 -39.68 0.35
C ASN B 278 38.22 -40.50 -0.04
N GLU B 279 38.16 -41.74 0.43
CA GLU B 279 37.13 -42.68 -0.02
C GLU B 279 35.75 -42.36 0.52
N TRP B 280 35.65 -41.50 1.54
CA TRP B 280 34.38 -41.27 2.21
C TRP B 280 34.02 -39.80 2.36
N LEU B 281 34.73 -38.89 1.69
CA LEU B 281 34.49 -37.47 1.86
C LEU B 281 34.69 -36.73 0.55
N LYS B 282 33.83 -35.75 0.29
CA LYS B 282 33.97 -34.87 -0.86
C LYS B 282 33.57 -33.46 -0.45
N VAL B 283 34.42 -32.48 -0.73
CA VAL B 283 34.11 -31.10 -0.37
C VAL B 283 34.01 -30.27 -1.64
N GLY B 284 33.36 -29.11 -1.51
CA GLY B 284 33.24 -28.22 -2.65
C GLY B 284 32.86 -26.84 -2.22
N ALA B 285 33.10 -25.87 -3.10
CA ALA B 285 32.82 -24.47 -2.83
C ALA B 285 32.51 -23.72 -4.12
N ASN B 286 31.42 -22.98 -4.12
CA ASN B 286 31.05 -22.03 -5.16
C ASN B 286 31.28 -20.64 -4.62
N LEU B 287 32.22 -19.91 -5.22
CA LEU B 287 32.54 -18.57 -4.79
C LEU B 287 32.30 -17.61 -5.94
N SER B 288 31.67 -16.48 -5.65
CA SER B 288 31.43 -15.49 -6.69
C SER B 288 31.50 -14.10 -6.12
N GLY B 289 31.77 -13.12 -6.98
CA GLY B 289 31.83 -11.74 -6.56
C GLY B 289 31.48 -10.84 -7.72
N ALA B 290 31.24 -9.58 -7.41
CA ALA B 290 30.92 -8.58 -8.42
C ALA B 290 31.13 -7.19 -7.86
N ILE B 291 31.49 -6.26 -8.74
CA ILE B 291 31.50 -4.84 -8.44
C ILE B 291 30.65 -4.16 -9.50
N ALA B 292 29.43 -3.76 -9.15
CA ALA B 292 28.46 -3.30 -10.15
C ALA B 292 28.08 -1.85 -9.90
N ASN B 293 28.03 -1.06 -10.97
CA ASN B 293 27.68 0.36 -10.90
C ASN B 293 26.39 0.62 -11.66
N ARG B 294 25.27 0.75 -10.96
CA ARG B 294 24.00 0.99 -11.61
C ARG B 294 23.67 2.48 -11.65
N ARG B 295 22.71 2.82 -12.50
CA ARG B 295 22.09 4.13 -12.58
C ARG B 295 20.81 3.95 -13.37
N SER B 296 19.72 4.58 -12.95
CA SER B 296 18.42 4.33 -13.58
C SER B 296 17.71 5.64 -13.87
N ALA B 297 16.99 5.68 -14.98
CA ALA B 297 16.25 6.87 -15.38
C ALA B 297 15.00 6.98 -14.52
N ASP B 298 14.96 7.99 -13.66
CA ASP B 298 13.92 8.05 -12.64
C ASP B 298 12.64 8.71 -13.14
N TYR B 299 12.73 9.64 -14.09
CA TYR B 299 11.56 10.41 -14.48
C TYR B 299 10.75 9.74 -15.58
N PHE B 300 10.46 8.46 -15.43
CA PHE B 300 9.67 7.70 -16.38
C PHE B 300 8.58 7.01 -15.57
N GLY B 301 7.33 7.20 -15.99
CA GLY B 301 6.20 6.87 -15.16
C GLY B 301 5.57 8.07 -14.50
N LYS B 302 6.19 9.24 -14.65
CA LYS B 302 5.65 10.51 -14.19
C LYS B 302 5.55 11.45 -15.37
N TYR B 303 4.70 12.45 -15.24
CA TYR B 303 4.45 13.40 -16.32
C TYR B 303 5.16 14.70 -15.99
N TYR B 304 6.25 14.97 -16.70
CA TYR B 304 6.97 16.23 -16.62
C TYR B 304 7.07 16.81 -18.02
N MET B 305 7.01 18.12 -18.12
CA MET B 305 6.93 18.79 -19.42
C MET B 305 8.30 18.77 -20.08
N GLY B 306 8.52 17.81 -20.97
CA GLY B 306 9.72 17.80 -21.78
C GLY B 306 10.66 16.66 -21.52
N SER B 307 10.15 15.52 -21.07
CA SER B 307 11.02 14.42 -20.71
C SER B 307 10.29 13.12 -20.96
N GLY B 308 11.03 12.11 -21.40
CA GLY B 308 10.42 10.83 -21.63
C GLY B 308 9.91 10.70 -23.04
N THR B 309 8.87 9.88 -23.20
CA THR B 309 8.15 9.83 -24.46
C THR B 309 6.97 10.79 -24.47
N PHE B 310 6.51 11.18 -23.29
CA PHE B 310 5.55 12.28 -23.17
C PHE B 310 6.11 13.58 -23.73
N GLY B 311 7.41 13.81 -23.54
CA GLY B 311 8.03 14.99 -24.11
C GLY B 311 8.27 14.90 -25.60
N VAL B 312 8.37 13.68 -26.13
CA VAL B 312 8.44 13.53 -27.59
C VAL B 312 7.08 13.74 -28.22
N LEU B 313 6.02 13.27 -27.59
CA LEU B 313 4.68 13.42 -28.14
C LEU B 313 4.14 14.84 -28.01
N THR B 314 4.30 15.48 -26.85
CA THR B 314 3.51 16.65 -26.53
C THR B 314 4.25 17.98 -26.62
N MET B 315 5.55 17.99 -26.70
CA MET B 315 6.22 19.28 -26.73
C MET B 315 6.09 19.91 -28.12
N PRO B 316 5.64 21.17 -28.20
CA PRO B 316 5.30 21.76 -29.50
C PRO B 316 6.50 21.92 -30.41
N ARG B 317 6.24 21.73 -31.69
CA ARG B 317 7.29 21.58 -32.68
C ARG B 317 7.95 22.90 -33.07
N TYR B 318 7.38 24.03 -32.68
CA TYR B 318 8.01 25.30 -33.00
C TYR B 318 8.98 25.77 -31.92
N TYR B 319 9.28 24.94 -30.92
CA TYR B 319 10.37 25.19 -30.00
C TYR B 319 11.57 24.37 -30.45
N ASN B 320 12.77 24.89 -30.24
CA ASN B 320 13.97 24.31 -30.83
C ASN B 320 15.07 24.19 -29.78
N PRO B 321 15.43 22.97 -29.37
CA PRO B 321 16.52 22.81 -28.39
C PRO B 321 17.91 22.76 -28.99
N PHE B 322 18.06 22.68 -30.31
CA PHE B 322 19.37 22.60 -30.92
C PHE B 322 19.89 24.00 -31.22
N ASP B 323 21.19 24.08 -31.49
CA ASP B 323 21.76 25.30 -32.02
C ASP B 323 21.76 25.22 -33.55
N VAL B 324 22.50 26.11 -34.21
CA VAL B 324 22.53 26.07 -35.68
C VAL B 324 23.42 24.97 -36.22
N ASN B 325 24.18 24.28 -35.38
CA ASN B 325 25.08 23.23 -35.85
C ASN B 325 24.51 21.83 -35.70
N GLY B 326 23.25 21.70 -35.30
CA GLY B 326 22.65 20.39 -35.16
C GLY B 326 22.97 19.65 -33.88
N ASP B 327 23.69 20.29 -32.94
CA ASP B 327 23.98 19.70 -31.65
C ASP B 327 23.03 20.25 -30.59
N LEU B 328 22.91 19.52 -29.50
CA LEU B 328 21.97 19.89 -28.45
C LEU B 328 22.54 21.03 -27.62
N ALA B 329 21.72 22.04 -27.35
CA ALA B 329 22.17 23.19 -26.58
C ALA B 329 21.96 22.97 -25.09
N ASP B 330 22.35 23.96 -24.29
CA ASP B 330 22.20 23.84 -22.85
C ASP B 330 20.77 24.07 -22.39
N VAL B 331 20.03 24.97 -23.04
CA VAL B 331 18.68 25.33 -22.60
C VAL B 331 17.78 25.45 -23.82
N TYR B 332 16.48 25.31 -23.60
CA TYR B 332 15.47 25.68 -24.56
C TYR B 332 14.45 26.56 -23.86
N TYR B 333 13.43 26.98 -24.60
CA TYR B 333 12.49 27.99 -24.15
C TYR B 333 11.07 27.47 -24.23
N MET B 334 10.29 27.71 -23.19
CA MET B 334 8.85 27.54 -23.22
C MET B 334 8.22 28.89 -22.91
N TYR B 335 6.97 29.07 -23.32
CA TYR B 335 6.34 30.37 -23.16
C TYR B 335 5.88 30.58 -21.73
N GLY B 336 6.08 31.79 -21.23
CA GLY B 336 5.70 32.11 -19.87
C GLY B 336 6.65 31.56 -18.83
N ALA B 337 7.84 31.11 -19.25
CA ALA B 337 8.79 30.53 -18.34
C ALA B 337 9.56 31.62 -17.61
N THR B 338 9.78 31.41 -16.32
CA THR B 338 10.61 32.35 -15.56
C THR B 338 12.08 32.11 -15.81
N ARG B 339 12.48 30.85 -15.92
CA ARG B 339 13.84 30.45 -16.23
C ARG B 339 13.84 29.57 -17.46
N PRO B 340 14.92 29.56 -18.24
CA PRO B 340 15.00 28.62 -19.36
C PRO B 340 15.12 27.20 -18.87
N SER B 341 14.52 26.28 -19.61
CA SER B 341 14.48 24.89 -19.19
C SER B 341 15.69 24.14 -19.70
N MET B 342 16.35 23.40 -18.82
CA MET B 342 17.57 22.71 -19.16
C MET B 342 17.28 21.45 -19.98
N THR B 343 18.15 21.17 -20.95
CA THR B 343 18.03 19.95 -21.74
C THR B 343 18.50 18.75 -20.95
N GLU B 344 18.57 17.60 -21.60
CA GLU B 344 18.89 16.40 -20.85
C GLU B 344 20.38 16.17 -20.56
N PRO B 345 21.34 16.43 -21.47
CA PRO B 345 22.75 16.31 -21.04
C PRO B 345 23.19 17.36 -20.04
N TYR B 346 22.65 18.57 -20.09
CA TYR B 346 23.01 19.57 -19.09
C TYR B 346 22.44 19.23 -17.73
N PHE B 347 21.23 18.70 -17.68
CA PHE B 347 20.66 18.28 -16.41
C PHE B 347 21.31 17.02 -15.89
N ALA B 348 21.86 16.19 -16.78
CA ALA B 348 22.66 15.06 -16.35
C ALA B 348 24.02 15.47 -15.87
N LYS B 349 24.50 16.62 -16.32
CA LYS B 349 25.78 17.16 -15.88
C LYS B 349 25.67 17.91 -14.58
N MET B 350 24.51 18.50 -14.31
CA MET B 350 24.31 19.29 -13.10
C MET B 350 23.77 18.48 -11.94
N ARG B 351 23.27 17.27 -12.18
CA ARG B 351 22.82 16.36 -11.13
C ARG B 351 23.58 15.05 -11.27
N PRO B 352 24.78 14.95 -10.70
CA PRO B 352 25.51 13.69 -10.73
C PRO B 352 24.86 12.63 -9.84
N PHE B 353 25.26 11.39 -10.08
CA PHE B 353 24.81 10.24 -9.31
C PHE B 353 25.83 9.14 -9.52
N SER B 354 26.17 8.43 -8.45
CA SER B 354 27.12 7.34 -8.56
C SER B 354 26.79 6.29 -7.52
N SER B 355 26.59 5.05 -7.98
CA SER B 355 26.37 3.91 -7.12
C SER B 355 27.49 2.91 -7.29
N GLU B 356 27.85 2.22 -6.21
CA GLU B 356 28.83 1.13 -6.30
C GLU B 356 28.38 0.02 -5.38
N SER B 357 28.27 -1.19 -5.90
CA SER B 357 27.76 -2.32 -5.14
C SER B 357 28.81 -3.41 -5.14
N HIS B 358 29.20 -3.87 -3.95
CA HIS B 358 30.12 -4.97 -3.81
C HIS B 358 29.34 -6.18 -3.36
N GLN B 359 29.36 -7.24 -4.16
CA GLN B 359 28.56 -8.43 -3.92
C GLN B 359 29.46 -9.64 -3.79
N ALA B 360 29.26 -10.44 -2.74
CA ALA B 360 29.98 -11.68 -2.54
C ALA B 360 29.01 -12.81 -2.24
N ASN B 361 29.23 -13.96 -2.86
CA ASN B 361 28.49 -15.18 -2.59
C ASN B 361 29.50 -16.25 -2.20
N VAL B 362 29.28 -16.92 -1.09
CA VAL B 362 30.15 -18.01 -0.65
C VAL B 362 29.28 -19.19 -0.30
N ASN B 363 29.49 -20.31 -0.96
CA ASN B 363 28.65 -21.49 -0.86
C ASN B 363 29.55 -22.69 -0.69
N GLY B 364 29.30 -23.52 0.30
CA GLY B 364 30.21 -24.62 0.57
C GLY B 364 29.46 -25.84 1.01
N PHE B 365 29.91 -27.01 0.56
CA PHE B 365 29.25 -28.23 0.97
C PHE B 365 30.28 -29.31 1.26
N ALA B 366 29.90 -30.23 2.14
CA ALA B 366 30.70 -31.41 2.45
C ALA B 366 29.78 -32.62 2.49
N GLN B 367 30.18 -33.68 1.78
CA GLN B 367 29.32 -34.83 1.53
C GLN B 367 30.06 -36.10 1.93
N ILE B 368 29.41 -36.93 2.74
CA ILE B 368 30.01 -38.14 3.31
C ILE B 368 29.19 -39.34 2.89
N THR B 369 29.84 -40.37 2.33
CA THR B 369 29.19 -41.61 1.92
C THR B 369 29.76 -42.78 2.70
N PRO B 370 29.31 -43.00 3.95
CA PRO B 370 29.87 -44.12 4.72
C PRO B 370 29.46 -45.51 4.23
N ILE B 371 28.17 -45.76 4.08
CA ILE B 371 27.68 -47.06 3.65
C ILE B 371 27.38 -46.95 2.16
N LYS B 372 27.11 -48.09 1.52
CA LYS B 372 26.96 -48.23 0.07
C LYS B 372 25.90 -47.32 -0.56
N GLY B 373 24.85 -46.99 0.20
CA GLY B 373 23.79 -46.14 -0.30
C GLY B 373 23.60 -44.82 0.41
N LEU B 374 24.08 -44.70 1.65
CA LEU B 374 23.85 -43.50 2.45
C LEU B 374 24.67 -42.33 1.92
N THR B 375 24.13 -41.13 2.04
CA THR B 375 24.81 -39.90 1.63
C THR B 375 24.38 -38.78 2.56
N LEU B 376 25.31 -38.30 3.37
CA LEU B 376 25.05 -37.25 4.33
C LEU B 376 25.64 -35.96 3.80
N LYS B 377 24.84 -34.92 3.63
CA LYS B 377 25.33 -33.68 3.05
C LYS B 377 25.07 -32.53 3.98
N ALA B 378 26.09 -31.69 4.20
CA ALA B 378 25.94 -30.48 4.99
C ALA B 378 26.43 -29.31 4.16
N GLN B 379 25.61 -28.26 4.07
CA GLN B 379 25.87 -27.15 3.17
C GLN B 379 25.60 -25.84 3.88
N ALA B 380 26.56 -24.91 3.79
CA ALA B 380 26.40 -23.59 4.35
C ALA B 380 26.60 -22.54 3.26
N GLY B 381 26.00 -21.39 3.45
CA GLY B 381 26.16 -20.32 2.50
C GLY B 381 25.95 -18.95 3.09
N VAL B 382 26.73 -17.97 2.64
CA VAL B 382 26.61 -16.57 3.02
C VAL B 382 26.49 -15.75 1.75
N ASP B 383 25.70 -14.68 1.80
CA ASP B 383 25.44 -13.80 0.67
C ASP B 383 25.49 -12.37 1.18
N ILE B 384 26.53 -11.62 0.83
CA ILE B 384 26.81 -10.33 1.43
C ILE B 384 26.78 -9.26 0.35
N THR B 385 26.05 -8.16 0.58
CA THR B 385 25.97 -7.06 -0.37
C THR B 385 26.16 -5.75 0.36
N ASN B 386 27.16 -4.97 -0.05
CA ASN B 386 27.40 -3.64 0.51
C ASN B 386 27.30 -2.63 -0.62
N THR B 387 26.29 -1.78 -0.56
CA THR B 387 26.07 -0.80 -1.62
C THR B 387 26.37 0.58 -1.04
N ARG B 388 26.76 1.51 -1.89
CA ARG B 388 27.10 2.83 -1.43
C ARG B 388 26.85 3.80 -2.57
N THR B 389 25.83 4.65 -2.41
CA THR B 389 25.41 5.56 -3.45
C THR B 389 25.61 6.99 -3.00
N SER B 390 25.72 7.89 -3.95
CA SER B 390 25.92 9.31 -3.66
C SER B 390 25.33 10.14 -4.78
N SER B 391 24.53 11.14 -4.43
CA SER B 391 23.92 12.01 -5.42
C SER B 391 24.02 13.45 -4.96
N LYS B 392 24.49 14.33 -5.82
CA LYS B 392 24.61 15.72 -5.45
C LYS B 392 23.84 16.58 -6.42
N ARG B 393 23.85 17.88 -6.15
CA ARG B 393 23.18 18.88 -6.96
C ARG B 393 24.07 20.11 -6.94
N MET B 394 24.58 20.48 -8.11
CA MET B 394 25.79 21.27 -8.18
C MET B 394 25.49 22.75 -7.94
N PRO B 395 26.38 23.46 -7.26
CA PRO B 395 26.12 24.86 -6.96
C PRO B 395 26.42 25.75 -8.16
N ASN B 396 25.84 26.96 -8.10
CA ASN B 396 26.14 28.07 -9.00
C ASN B 396 25.78 27.78 -10.44
N ASN B 397 24.67 27.05 -10.65
CA ASN B 397 24.31 27.10 -12.07
C ASN B 397 23.23 28.13 -12.30
N PRO B 398 23.26 28.86 -13.42
CA PRO B 398 22.39 30.03 -13.54
C PRO B 398 20.93 29.70 -13.83
N TYR B 399 20.63 28.51 -14.35
CA TYR B 399 19.28 28.25 -14.83
C TYR B 399 18.48 27.52 -13.75
N ASP B 400 18.58 27.99 -12.51
CA ASP B 400 18.01 27.24 -11.39
C ASP B 400 17.40 28.21 -10.39
N SER B 401 16.80 27.66 -9.34
CA SER B 401 16.11 28.46 -8.34
C SER B 401 17.08 29.14 -7.39
N THR B 402 18.07 28.39 -6.91
CA THR B 402 19.06 28.88 -5.97
C THR B 402 20.45 28.53 -6.46
N PRO B 403 21.45 29.36 -6.15
CA PRO B 403 22.83 29.02 -6.55
C PRO B 403 23.52 28.04 -5.63
N LEU B 404 22.84 27.53 -4.61
CA LEU B 404 23.44 26.66 -3.61
C LEU B 404 23.23 25.20 -3.98
N GLY B 405 24.13 24.35 -3.49
CA GLY B 405 24.14 22.96 -3.87
C GLY B 405 23.88 22.04 -2.70
N GLU B 406 23.47 20.82 -3.03
CA GLU B 406 23.08 19.82 -2.05
C GLU B 406 23.85 18.53 -2.29
N ARG B 407 23.86 17.66 -1.29
CA ARG B 407 24.56 16.39 -1.42
C ARG B 407 23.87 15.36 -0.53
N ARG B 408 23.87 14.11 -0.96
CA ARG B 408 23.27 13.04 -0.18
C ARG B 408 24.05 11.75 -0.35
N GLU B 409 24.36 11.08 0.76
CA GLU B 409 25.14 9.85 0.77
C GLU B 409 24.33 8.75 1.40
N ARG B 410 24.38 7.53 0.86
CA ARG B 410 23.64 6.41 1.42
C ARG B 410 24.48 5.15 1.41
N ALA B 411 24.37 4.34 2.47
CA ALA B 411 25.09 3.10 2.61
C ALA B 411 24.12 1.99 2.94
N TYR B 412 24.13 0.92 2.15
CA TYR B 412 23.21 -0.21 2.29
C TYR B 412 23.99 -1.46 2.64
N ARG B 413 23.39 -2.36 3.41
CA ARG B 413 24.04 -3.63 3.74
C ARG B 413 23.00 -4.72 3.86
N ASP B 414 23.08 -5.73 3.01
CA ASP B 414 22.15 -6.87 3.02
C ASP B 414 22.98 -8.13 3.24
N VAL B 415 22.76 -8.83 4.35
CA VAL B 415 23.48 -10.06 4.65
C VAL B 415 22.47 -11.19 4.82
N SER B 416 22.62 -12.24 4.02
CA SER B 416 21.77 -13.41 4.06
C SER B 416 22.62 -14.63 4.33
N LYS B 417 22.06 -15.63 5.01
CA LYS B 417 22.80 -16.87 5.23
C LYS B 417 21.86 -18.05 5.36
N SER B 418 22.33 -19.21 4.90
CA SER B 418 21.47 -20.36 4.74
C SER B 418 22.22 -21.64 5.04
N PHE B 419 21.55 -22.56 5.74
CA PHE B 419 22.14 -23.84 6.12
C PHE B 419 21.19 -24.97 5.75
N THR B 420 21.73 -26.05 5.19
CA THR B 420 20.93 -27.17 4.73
C THR B 420 21.64 -28.48 5.04
N ASN B 421 20.97 -29.39 5.72
CA ASN B 421 21.56 -30.66 6.14
C ASN B 421 20.63 -31.79 5.75
N THR B 422 21.03 -32.62 4.79
CA THR B 422 20.18 -33.70 4.32
C THR B 422 20.86 -35.04 4.54
N ALA B 423 20.04 -36.10 4.56
CA ALA B 423 20.53 -37.47 4.64
C ALA B 423 19.70 -38.32 3.69
N GLU B 424 20.33 -38.87 2.66
CA GLU B 424 19.62 -39.68 1.67
C GLU B 424 20.06 -41.14 1.76
N TYR B 425 19.10 -42.04 1.52
CA TYR B 425 19.39 -43.47 1.49
C TYR B 425 18.56 -44.11 0.40
N LYS B 426 19.20 -44.79 -0.55
CA LYS B 426 18.49 -45.50 -1.60
C LYS B 426 18.91 -46.95 -1.65
N PHE B 427 17.96 -47.83 -1.92
CA PHE B 427 18.19 -49.27 -1.82
C PHE B 427 17.10 -50.02 -2.57
N SER B 428 17.43 -51.22 -3.01
CA SER B 428 16.52 -52.07 -3.76
C SER B 428 16.12 -53.27 -2.91
N ILE B 429 14.82 -53.42 -2.68
CA ILE B 429 14.34 -54.48 -1.78
C ILE B 429 14.41 -55.83 -2.47
N ASP B 430 13.91 -55.92 -3.70
CA ASP B 430 13.94 -57.13 -4.49
C ASP B 430 14.71 -56.86 -5.78
N GLU B 431 14.58 -57.80 -6.72
CA GLU B 431 15.16 -57.60 -8.04
C GLU B 431 14.41 -56.56 -8.85
N LYS B 432 13.17 -56.21 -8.46
CA LYS B 432 12.35 -55.30 -9.23
C LYS B 432 11.70 -54.18 -8.42
N HIS B 433 12.04 -54.04 -7.14
CA HIS B 433 11.52 -52.94 -6.34
C HIS B 433 12.66 -51.98 -6.03
N ASP B 434 12.32 -50.73 -5.74
CA ASP B 434 13.36 -49.75 -5.44
C ASP B 434 12.76 -48.70 -4.53
N LEU B 435 13.57 -48.18 -3.60
CA LEU B 435 13.14 -47.11 -2.71
C LEU B 435 14.25 -46.12 -2.51
N THR B 436 13.85 -44.88 -2.22
CA THR B 436 14.75 -43.79 -1.87
C THR B 436 14.08 -42.97 -0.77
N ALA B 437 14.84 -42.60 0.24
CA ALA B 437 14.31 -41.86 1.38
C ALA B 437 15.23 -40.70 1.70
N LEU B 438 14.65 -39.49 1.77
CA LEU B 438 15.41 -38.30 2.09
C LEU B 438 14.75 -37.58 3.25
N MET B 439 15.56 -37.04 4.15
CA MET B 439 15.07 -36.21 5.23
C MET B 439 16.12 -35.18 5.58
N GLY B 440 15.67 -33.98 5.92
CA GLY B 440 16.64 -32.92 6.11
C GLY B 440 16.10 -31.73 6.85
N HIS B 441 16.99 -30.76 7.03
CA HIS B 441 16.81 -29.58 7.86
C HIS B 441 17.29 -28.37 7.10
N GLU B 442 16.57 -27.25 7.23
CA GLU B 442 16.95 -26.03 6.53
C GLU B 442 16.75 -24.83 7.44
N TYR B 443 17.63 -23.83 7.32
CA TYR B 443 17.53 -22.60 8.09
C TYR B 443 17.93 -21.42 7.23
N ILE B 444 17.03 -20.46 7.07
CA ILE B 444 17.25 -19.27 6.24
C ILE B 444 17.23 -18.06 7.15
N GLU B 445 18.11 -17.10 6.91
CA GLU B 445 18.12 -15.91 7.74
C GLU B 445 18.54 -14.71 6.90
N TYR B 446 17.84 -13.59 7.07
CA TYR B 446 18.18 -12.38 6.34
C TYR B 446 18.14 -11.19 7.27
N GLU B 447 19.13 -10.29 7.16
CA GLU B 447 19.04 -9.01 7.82
C GLU B 447 19.69 -7.95 6.95
N GLY B 448 19.07 -6.77 6.89
CA GLY B 448 19.58 -5.71 6.05
C GLY B 448 19.19 -4.35 6.58
N ASP B 449 19.99 -3.35 6.23
CA ASP B 449 19.76 -2.01 6.73
C ASP B 449 20.25 -0.95 5.74
N VAL B 450 19.72 0.27 5.91
CA VAL B 450 20.01 1.44 5.11
C VAL B 450 20.33 2.59 6.06
N ILE B 451 21.42 3.31 5.79
CA ILE B 451 21.85 4.50 6.51
C ILE B 451 22.00 5.63 5.50
N GLY B 452 21.54 6.81 5.84
CA GLY B 452 21.65 7.92 4.91
C GLY B 452 21.87 9.27 5.55
N ALA B 453 22.65 10.13 4.91
CA ALA B 453 22.99 11.42 5.48
C ALA B 453 23.01 12.46 4.38
N SER B 454 22.36 13.59 4.62
CA SER B 454 22.20 14.61 3.59
C SER B 454 22.62 15.97 4.12
N SER B 455 23.03 16.83 3.20
CA SER B 455 23.49 18.16 3.58
C SER B 455 23.21 19.10 2.42
N LYS B 456 23.22 20.40 2.71
CA LYS B 456 22.83 21.37 1.71
C LYS B 456 23.45 22.71 2.06
N GLY B 457 23.47 23.59 1.07
CA GLY B 457 23.97 24.93 1.25
C GLY B 457 25.40 25.18 0.79
N PHE B 458 25.89 24.44 -0.19
CA PHE B 458 27.28 24.61 -0.61
C PHE B 458 27.39 25.70 -1.66
N GLU B 459 28.53 26.38 -1.65
CA GLU B 459 28.77 27.48 -2.58
C GLU B 459 29.97 27.27 -3.49
N SER B 460 30.71 26.18 -3.35
CA SER B 460 31.84 25.88 -4.22
C SER B 460 31.73 24.45 -4.74
N ASP B 461 32.35 24.20 -5.88
CA ASP B 461 32.32 22.85 -6.46
C ASP B 461 33.36 21.95 -5.83
N LYS B 462 34.46 22.52 -5.35
CA LYS B 462 35.52 21.75 -4.73
C LYS B 462 35.24 21.44 -3.27
N LEU B 463 34.54 22.34 -2.58
CA LEU B 463 34.28 22.21 -1.16
C LEU B 463 32.90 21.56 -0.95
N MET B 464 32.77 20.35 -1.46
CA MET B 464 31.53 19.58 -1.42
C MET B 464 31.66 18.33 -0.55
N LEU B 465 32.34 18.40 0.59
CA LEU B 465 32.17 17.31 1.52
C LEU B 465 30.86 17.45 2.24
N LEU B 466 30.52 16.47 3.06
CA LEU B 466 29.24 16.49 3.73
C LEU B 466 29.29 17.22 5.06
N SER B 467 30.48 17.46 5.60
CA SER B 467 30.67 18.25 6.80
C SER B 467 31.06 19.68 6.49
N GLN B 468 30.69 20.19 5.31
CA GLN B 468 30.95 21.56 4.92
C GLN B 468 29.69 22.27 4.45
N GLY B 469 28.53 21.80 4.88
CA GLY B 469 27.28 22.47 4.58
C GLY B 469 27.06 23.64 5.49
N LYS B 470 25.86 24.20 5.41
CA LYS B 470 25.48 25.33 6.23
C LYS B 470 24.66 24.84 7.41
N THR B 471 25.02 25.29 8.60
CA THR B 471 24.36 24.88 9.83
C THR B 471 23.06 25.65 10.02
N GLY B 472 22.48 25.54 11.21
CA GLY B 472 21.33 26.36 11.53
C GLY B 472 20.01 25.76 11.12
N ASN B 473 19.54 26.16 9.94
CA ASN B 473 18.24 25.73 9.43
C ASN B 473 18.41 24.82 8.21
N SER B 474 19.61 24.73 7.67
CA SER B 474 19.87 23.99 6.44
C SER B 474 20.35 22.57 6.71
N LEU B 475 19.87 21.96 7.80
CA LEU B 475 20.33 20.62 8.14
C LEU B 475 19.16 19.85 8.76
N SER B 476 19.08 18.57 8.42
CA SER B 476 17.91 17.74 8.67
C SER B 476 18.34 16.44 9.30
N LEU B 477 17.36 15.58 9.57
CA LEU B 477 17.50 14.28 10.22
C LEU B 477 18.01 13.23 9.23
N PRO B 478 18.79 12.27 9.71
CA PRO B 478 19.27 11.20 8.83
C PRO B 478 18.19 10.22 8.37
N GLU B 479 18.57 9.22 7.60
CA GLU B 479 17.67 8.16 7.17
C GLU B 479 18.19 6.85 7.73
N HIS B 480 17.27 5.98 8.14
CA HIS B 480 17.67 4.75 8.80
C HIS B 480 16.52 3.77 8.72
N ARG B 481 16.76 2.62 8.11
CA ARG B 481 15.72 1.59 7.95
C ARG B 481 16.35 0.22 8.15
N VAL B 482 15.65 -0.69 8.81
CA VAL B 482 16.17 -2.01 9.18
C VAL B 482 15.09 -3.06 8.98
N ALA B 483 15.40 -4.15 8.27
CA ALA B 483 14.46 -5.26 8.11
C ALA B 483 15.20 -6.58 8.25
N GLU B 484 14.48 -7.64 8.65
CA GLU B 484 15.05 -8.95 8.92
C GLU B 484 13.98 -10.02 9.03
N TYR B 485 14.34 -11.26 8.71
CA TYR B 485 13.47 -12.40 8.92
C TYR B 485 14.28 -13.67 9.08
N ALA B 486 13.58 -14.78 9.38
CA ALA B 486 14.19 -16.09 9.52
C ALA B 486 13.15 -17.18 9.31
N TYR B 487 13.62 -18.32 8.81
CA TYR B 487 12.83 -19.51 8.53
C TYR B 487 13.54 -20.73 9.08
N LEU B 488 12.79 -21.65 9.66
CA LEU B 488 13.31 -22.96 10.07
C LEU B 488 12.45 -24.03 9.43
N SER B 489 13.03 -25.16 9.06
CA SER B 489 12.23 -26.16 8.36
C SER B 489 12.80 -27.55 8.49
N PHE B 490 11.89 -28.53 8.42
CA PHE B 490 12.26 -29.94 8.40
C PHE B 490 11.43 -30.64 7.33
N PHE B 491 12.08 -31.33 6.41
CA PHE B 491 11.36 -31.93 5.29
C PHE B 491 11.73 -33.39 5.10
N SER B 492 10.92 -34.08 4.30
CA SER B 492 11.12 -35.50 4.04
C SER B 492 10.45 -35.87 2.72
N ARG B 493 10.99 -36.89 2.06
CA ARG B 493 10.48 -37.30 0.75
C ARG B 493 10.83 -38.76 0.48
N PHE B 494 9.85 -39.54 0.04
CA PHE B 494 10.03 -40.95 -0.27
C PHE B 494 9.70 -41.21 -1.74
N ASN B 495 10.60 -41.91 -2.42
CA ASN B 495 10.46 -42.25 -3.84
C ASN B 495 10.41 -43.76 -3.93
N TYR B 496 9.23 -44.33 -4.18
CA TYR B 496 9.09 -45.77 -4.37
C TYR B 496 8.90 -46.05 -5.85
N GLY B 497 9.77 -46.85 -6.41
CA GLY B 497 9.68 -47.21 -7.80
C GLY B 497 9.51 -48.71 -7.96
N PHE B 498 8.68 -49.08 -8.94
CA PHE B 498 8.48 -50.47 -9.32
C PHE B 498 9.55 -50.75 -10.38
N ASP B 499 9.42 -51.82 -11.18
CA ASP B 499 10.55 -52.23 -12.02
C ASP B 499 10.90 -51.19 -13.09
N LYS B 500 9.99 -50.92 -14.02
CA LYS B 500 10.28 -49.94 -15.05
C LYS B 500 9.16 -48.91 -15.14
N TRP B 501 7.93 -49.31 -14.81
CA TRP B 501 6.77 -48.59 -15.32
C TRP B 501 5.97 -47.82 -14.29
N MET B 502 6.17 -48.01 -12.99
CA MET B 502 5.40 -47.29 -11.99
C MET B 502 6.32 -46.58 -11.02
N TYR B 503 6.13 -45.27 -10.86
CA TYR B 503 6.91 -44.50 -9.90
C TYR B 503 5.97 -43.64 -9.08
N ILE B 504 6.17 -43.61 -7.76
CA ILE B 504 5.28 -42.91 -6.85
C ILE B 504 6.13 -42.19 -5.82
N ASP B 505 5.94 -40.89 -5.67
CA ASP B 505 6.69 -40.14 -4.67
C ASP B 505 5.76 -39.34 -3.78
N PHE B 506 6.16 -39.25 -2.51
CA PHE B 506 5.35 -38.66 -1.46
C PHE B 506 6.26 -37.79 -0.61
N SER B 507 5.89 -36.52 -0.42
CA SER B 507 6.75 -35.59 0.28
C SER B 507 5.97 -34.81 1.33
N VAL B 508 6.68 -34.31 2.33
CA VAL B 508 6.09 -33.56 3.43
C VAL B 508 7.12 -32.55 3.93
N ARG B 509 6.66 -31.43 4.48
CA ARG B 509 7.55 -30.40 4.99
C ARG B 509 6.88 -29.60 6.09
N ASN B 510 7.64 -29.26 7.12
CA ASN B 510 7.20 -28.40 8.20
C ASN B 510 8.02 -27.11 8.16
N ASP B 511 7.34 -25.97 8.08
CA ASP B 511 8.00 -24.67 8.09
C ASP B 511 7.54 -23.82 9.26
N GLN B 512 8.49 -23.21 9.95
CA GLN B 512 8.22 -22.16 10.92
C GLN B 512 8.93 -20.91 10.45
N SER B 513 8.43 -19.75 10.82
CA SER B 513 8.98 -18.52 10.29
C SER B 513 8.76 -17.39 11.26
N SER B 514 9.48 -16.29 11.03
CA SER B 514 9.32 -15.11 11.84
C SER B 514 8.16 -14.25 11.39
N ARG B 515 7.60 -14.53 10.22
CA ARG B 515 6.54 -13.71 9.66
C ARG B 515 5.16 -14.17 10.11
N PHE B 516 5.00 -15.46 10.41
CA PHE B 516 3.70 -15.99 10.77
C PHE B 516 3.33 -15.52 12.17
N GLY B 517 2.04 -15.34 12.38
CA GLY B 517 1.58 -14.79 13.64
C GLY B 517 1.78 -15.75 14.78
N SER B 518 1.78 -15.20 15.99
CA SER B 518 2.28 -15.93 17.15
C SER B 518 1.31 -16.99 17.68
N ASN B 519 0.19 -17.25 17.01
CA ASN B 519 -0.68 -18.32 17.45
C ASN B 519 -0.58 -19.55 16.55
N ASN B 520 -0.43 -19.36 15.25
CA ASN B 520 -0.09 -20.45 14.34
C ASN B 520 1.23 -20.17 13.63
N ARG B 521 2.32 -20.68 14.20
CA ARG B 521 3.63 -20.48 13.61
C ARG B 521 4.16 -21.72 12.90
N SER B 522 3.57 -22.88 13.09
CA SER B 522 4.04 -24.10 12.45
C SER B 522 3.12 -24.48 11.32
N ALA B 523 3.67 -24.68 10.13
CA ALA B 523 2.92 -24.97 8.92
C ALA B 523 3.29 -26.32 8.35
N TRP B 524 2.28 -27.11 7.99
CA TRP B 524 2.49 -28.44 7.46
C TRP B 524 2.04 -28.48 6.00
N PHE B 525 2.90 -28.99 5.13
CA PHE B 525 2.59 -29.12 3.71
C PHE B 525 2.94 -30.52 3.26
N TYR B 526 2.21 -31.01 2.25
CA TYR B 526 2.45 -32.35 1.74
C TYR B 526 2.18 -32.38 0.25
N SER B 527 2.58 -33.49 -0.37
CA SER B 527 2.26 -33.73 -1.77
C SER B 527 2.39 -35.20 -2.08
N VAL B 528 1.61 -35.66 -3.06
CA VAL B 528 1.68 -37.03 -3.54
C VAL B 528 1.63 -36.98 -5.06
N GLY B 529 2.42 -37.82 -5.71
CA GLY B 529 2.48 -37.81 -7.17
C GLY B 529 2.83 -39.17 -7.70
N GLY B 530 2.43 -39.39 -8.95
CA GLY B 530 2.68 -40.67 -9.58
C GLY B 530 2.83 -40.58 -11.08
N MET B 531 3.73 -41.40 -11.63
CA MET B 531 3.94 -41.49 -13.07
C MET B 531 3.89 -42.95 -13.49
N PHE B 532 3.17 -43.22 -14.57
CA PHE B 532 3.01 -44.56 -15.12
C PHE B 532 3.49 -44.57 -16.56
N ASP B 533 4.43 -45.45 -16.86
CA ASP B 533 4.97 -45.61 -18.21
C ASP B 533 4.11 -46.65 -18.92
N ILE B 534 3.17 -46.19 -19.74
CA ILE B 534 2.25 -47.11 -20.40
C ILE B 534 2.92 -47.81 -21.57
N TYR B 535 4.00 -47.25 -22.10
CA TYR B 535 4.66 -47.86 -23.25
C TYR B 535 5.52 -49.05 -22.83
N ASN B 536 6.14 -49.00 -21.65
CA ASN B 536 7.03 -50.09 -21.28
C ASN B 536 6.29 -51.31 -20.75
N LYS B 537 4.99 -51.22 -20.52
CA LYS B 537 4.22 -52.35 -20.02
C LYS B 537 3.10 -52.77 -20.97
N PHE B 538 2.26 -51.83 -21.39
CA PHE B 538 1.03 -52.20 -22.08
C PHE B 538 1.29 -52.51 -23.55
N ILE B 539 1.72 -51.52 -24.31
CA ILE B 539 2.01 -51.71 -25.74
C ILE B 539 3.53 -51.71 -25.93
N GLN B 540 4.08 -52.92 -26.08
CA GLN B 540 5.53 -53.10 -25.97
C GLN B 540 6.26 -52.49 -27.15
N GLU B 541 5.65 -52.52 -28.33
CA GLU B 541 6.25 -51.91 -29.52
C GLU B 541 5.16 -51.58 -30.52
N SER B 542 5.42 -50.57 -31.34
CA SER B 542 4.56 -50.19 -32.44
C SER B 542 5.43 -49.54 -33.51
N ASN B 543 4.80 -49.22 -34.64
CA ASN B 543 5.56 -48.63 -35.74
C ASN B 543 5.66 -47.11 -35.66
N TRP B 544 4.67 -46.45 -35.07
CA TRP B 544 4.64 -44.99 -35.04
C TRP B 544 4.82 -44.40 -33.66
N LEU B 545 4.52 -45.11 -32.59
CA LEU B 545 4.62 -44.58 -31.24
C LEU B 545 5.91 -45.10 -30.60
N SER B 546 6.65 -44.20 -29.98
CA SER B 546 7.92 -44.60 -29.37
C SER B 546 7.99 -44.31 -27.88
N ASP B 547 7.12 -43.46 -27.35
CA ASP B 547 7.08 -43.20 -25.92
C ASP B 547 5.69 -42.70 -25.54
N LEU B 548 5.23 -43.10 -24.37
CA LEU B 548 3.94 -42.62 -23.87
C LEU B 548 3.93 -42.73 -22.36
N ARG B 549 3.82 -41.60 -21.67
CA ARG B 549 3.83 -41.57 -20.21
C ARG B 549 2.62 -40.80 -19.72
N LEU B 550 2.09 -41.21 -18.58
CA LEU B 550 0.98 -40.53 -17.94
C LEU B 550 1.38 -40.17 -16.52
N LYS B 551 0.92 -39.03 -16.02
CA LYS B 551 1.29 -38.66 -14.66
C LYS B 551 0.20 -37.81 -14.03
N MET B 552 0.12 -37.85 -12.71
CA MET B 552 -0.85 -37.07 -11.98
C MET B 552 -0.36 -36.81 -10.57
N SER B 553 -0.75 -35.68 -10.01
CA SER B 553 -0.27 -35.32 -8.68
C SER B 553 -1.25 -34.39 -7.99
N TYR B 554 -1.11 -34.31 -6.67
CA TYR B 554 -1.90 -33.41 -5.85
C TYR B 554 -1.00 -32.91 -4.73
N GLY B 555 -1.04 -31.62 -4.44
CA GLY B 555 -0.21 -31.13 -3.36
C GLY B 555 -0.71 -29.83 -2.77
N THR B 556 -0.24 -29.52 -1.56
CA THR B 556 -0.55 -28.26 -0.90
C THR B 556 0.73 -27.48 -0.66
N THR B 557 0.71 -26.20 -1.01
CA THR B 557 1.82 -25.29 -0.77
C THR B 557 1.30 -24.02 -0.15
N GLY B 558 2.20 -23.07 0.13
CA GLY B 558 1.81 -21.82 0.73
C GLY B 558 2.70 -20.70 0.23
N ASN B 559 2.29 -19.46 0.53
CA ASN B 559 2.97 -18.27 0.03
C ASN B 559 3.22 -17.32 1.19
N SER B 560 4.40 -17.42 1.81
CA SER B 560 4.73 -16.52 2.90
C SER B 560 5.46 -15.29 2.43
N GLU B 561 4.96 -14.64 1.38
CA GLU B 561 5.44 -13.34 0.98
C GLU B 561 4.54 -12.24 1.52
N ILE B 562 4.05 -12.44 2.73
CA ILE B 562 3.43 -11.44 3.58
C ILE B 562 4.55 -10.59 4.15
N GLY B 563 4.25 -9.48 4.78
CA GLY B 563 5.30 -8.60 5.26
C GLY B 563 6.07 -9.17 6.43
N ASN B 564 7.16 -8.49 6.80
CA ASN B 564 7.99 -8.98 7.89
C ASN B 564 7.34 -8.77 9.24
N TYR B 565 6.44 -7.81 9.36
CA TYR B 565 6.00 -7.31 10.66
C TYR B 565 4.50 -7.05 10.66
N ASN B 566 3.71 -7.93 10.05
CA ASN B 566 2.31 -7.64 9.81
C ASN B 566 1.36 -8.39 10.73
N HIS B 567 1.85 -8.89 11.86
CA HIS B 567 1.04 -9.72 12.74
C HIS B 567 1.01 -9.21 14.16
N GLN B 568 1.37 -7.96 14.38
CA GLN B 568 1.61 -7.46 15.71
C GLN B 568 1.20 -6.00 15.79
N ALA B 569 0.79 -5.59 16.99
CA ALA B 569 0.09 -4.34 17.19
C ALA B 569 1.10 -3.25 17.50
N LEU B 570 1.54 -2.54 16.48
CA LEU B 570 2.62 -1.58 16.61
C LEU B 570 2.18 -0.34 17.36
N VAL B 571 2.97 0.09 18.33
CA VAL B 571 2.65 1.33 19.05
C VAL B 571 3.57 2.43 18.53
N THR B 572 3.04 3.63 18.50
CA THR B 572 3.76 4.80 18.00
C THR B 572 3.61 5.95 18.98
N VAL B 573 4.04 7.14 18.58
CA VAL B 573 4.11 8.28 19.47
C VAL B 573 2.77 9.00 19.49
N ASN B 574 2.24 9.21 20.69
CA ASN B 574 1.06 10.04 20.91
C ASN B 574 1.32 10.78 22.22
N ASN B 575 1.90 11.98 22.13
CA ASN B 575 2.33 12.70 23.31
C ASN B 575 1.15 13.29 24.06
N TYR B 576 1.29 13.39 25.37
CA TYR B 576 0.29 14.03 26.23
C TYR B 576 0.70 15.45 26.61
N THR B 577 1.89 15.62 27.16
CA THR B 577 2.40 16.92 27.57
C THR B 577 3.64 17.23 26.73
N GLU B 578 4.36 18.28 27.12
CA GLU B 578 5.54 18.70 26.38
C GLU B 578 6.83 18.06 26.87
N ASP B 579 6.83 17.44 28.05
CA ASP B 579 8.07 16.92 28.61
C ASP B 579 8.26 15.42 28.39
N ALA B 580 7.18 14.64 28.47
CA ALA B 580 7.28 13.19 28.38
C ALA B 580 6.57 12.70 27.13
N MET B 581 7.04 11.59 26.59
CA MET B 581 6.42 11.06 25.40
C MET B 581 5.35 10.04 25.78
N GLY B 582 4.47 9.75 24.83
CA GLY B 582 3.44 8.76 25.04
C GLY B 582 3.45 7.79 23.89
N LEU B 583 2.95 6.60 24.15
CA LEU B 583 2.89 5.56 23.13
C LEU B 583 1.48 4.98 23.07
N SER B 584 0.95 4.87 21.87
CA SER B 584 -0.39 4.37 21.67
C SER B 584 -0.41 3.42 20.48
N ILE B 585 -1.29 2.41 20.56
CA ILE B 585 -1.35 1.36 19.56
C ILE B 585 -1.94 1.90 18.27
N SER B 586 -1.38 1.46 17.13
CA SER B 586 -1.77 2.06 15.86
C SER B 586 -2.01 1.11 14.70
N THR B 587 -1.90 -0.22 14.84
CA THR B 587 -2.21 -1.11 13.73
C THR B 587 -3.04 -2.33 14.09
N ALA B 588 -3.06 -2.76 15.34
CA ALA B 588 -3.85 -3.84 15.95
C ALA B 588 -3.44 -5.26 15.58
N GLY B 589 -2.58 -5.42 14.57
CA GLY B 589 -2.08 -6.72 14.15
C GLY B 589 -3.13 -7.78 13.89
N ASN B 590 -2.75 -9.05 13.99
CA ASN B 590 -3.62 -10.15 14.34
C ASN B 590 -2.65 -11.29 14.62
N PRO B 591 -2.88 -12.08 15.68
CA PRO B 591 -2.02 -13.22 15.93
C PRO B 591 -2.25 -14.38 14.99
N ASP B 592 -3.41 -14.46 14.35
CA ASP B 592 -3.75 -15.60 13.51
C ASP B 592 -3.49 -15.27 12.04
N LEU B 593 -2.22 -15.04 11.72
CA LEU B 593 -1.83 -14.64 10.38
C LEU B 593 -1.20 -15.84 9.68
N SER B 594 -1.86 -16.35 8.66
CA SER B 594 -1.47 -17.59 8.02
C SER B 594 -0.47 -17.31 6.90
N TRP B 595 -0.25 -18.30 6.04
CA TRP B 595 0.77 -18.27 5.00
C TRP B 595 0.15 -18.36 3.61
N GLU B 596 -1.14 -18.06 3.49
CA GLU B 596 -1.86 -17.99 2.21
C GLU B 596 -1.84 -19.34 1.47
N LYS B 597 -2.52 -20.29 2.08
CA LYS B 597 -2.42 -21.69 1.68
C LYS B 597 -3.11 -21.95 0.35
N GLN B 598 -2.45 -22.68 -0.54
CA GLN B 598 -3.05 -23.07 -1.81
C GLN B 598 -2.86 -24.55 -2.04
N SER B 599 -3.64 -25.11 -2.97
CA SER B 599 -3.55 -26.53 -3.29
C SER B 599 -3.74 -26.72 -4.77
N GLN B 600 -2.94 -27.59 -5.38
CA GLN B 600 -2.91 -27.76 -6.82
C GLN B 600 -3.09 -29.22 -7.17
N PHE B 601 -4.01 -29.49 -8.10
CA PHE B 601 -4.20 -30.80 -8.71
C PHE B 601 -3.76 -30.74 -10.15
N ASN B 602 -2.96 -31.71 -10.59
CA ASN B 602 -2.38 -31.67 -11.91
C ASN B 602 -2.47 -33.04 -12.58
N PHE B 603 -2.76 -33.05 -13.87
CA PHE B 603 -2.90 -34.29 -14.62
C PHE B 603 -2.34 -34.07 -16.01
N GLY B 604 -1.41 -34.92 -16.45
CA GLY B 604 -0.83 -34.69 -17.76
C GLY B 604 -0.34 -35.96 -18.40
N LEU B 605 0.04 -35.84 -19.67
CA LEU B 605 0.62 -36.97 -20.38
C LEU B 605 1.56 -36.48 -21.46
N ALA B 606 2.60 -37.26 -21.71
CA ALA B 606 3.66 -36.90 -22.63
C ALA B 606 3.92 -38.03 -23.61
N ALA B 607 3.82 -37.74 -24.90
CA ALA B 607 3.99 -38.75 -25.94
C ALA B 607 5.16 -38.39 -26.83
N GLY B 608 5.66 -39.40 -27.54
CA GLY B 608 6.76 -39.19 -28.46
C GLY B 608 6.72 -40.19 -29.61
N ALA B 609 6.78 -39.71 -30.84
CA ALA B 609 6.48 -40.51 -32.01
C ALA B 609 7.61 -40.45 -33.03
N PHE B 610 7.61 -41.49 -33.89
CA PHE B 610 8.53 -41.67 -35.02
C PHE B 610 9.99 -41.75 -34.55
N ASN B 611 10.20 -42.55 -33.50
CA ASN B 611 11.49 -42.77 -32.84
C ASN B 611 12.07 -41.44 -32.35
N ASN B 612 11.34 -40.82 -31.43
CA ASN B 612 11.67 -39.57 -30.76
C ASN B 612 11.86 -38.40 -31.73
N ARG B 613 11.25 -38.49 -32.90
CA ARG B 613 11.28 -37.39 -33.85
C ARG B 613 10.32 -36.28 -33.41
N LEU B 614 9.05 -36.62 -33.28
CA LEU B 614 8.04 -35.70 -32.78
C LEU B 614 7.85 -35.94 -31.29
N SER B 615 7.58 -34.88 -30.55
CA SER B 615 7.32 -35.00 -29.13
C SER B 615 6.20 -34.04 -28.74
N ALA B 616 5.29 -34.50 -27.89
CA ALA B 616 4.19 -33.69 -27.44
C ALA B 616 3.99 -33.87 -25.95
N GLU B 617 3.48 -32.84 -25.30
CA GLU B 617 3.16 -32.94 -23.88
C GLU B 617 1.97 -32.05 -23.57
N VAL B 618 0.96 -32.61 -22.91
CA VAL B 618 -0.27 -31.90 -22.58
C VAL B 618 -0.46 -31.95 -21.07
N ASP B 619 -0.92 -30.85 -20.48
CA ASP B 619 -1.01 -30.72 -19.03
C ASP B 619 -2.29 -29.96 -18.71
N PHE B 620 -3.04 -30.45 -17.72
CA PHE B 620 -4.26 -29.82 -17.22
CA PHE B 620 -4.27 -29.82 -17.23
C PHE B 620 -4.11 -29.59 -15.74
N TYR B 621 -4.32 -28.35 -15.30
CA TYR B 621 -4.11 -28.02 -13.90
C TYR B 621 -5.28 -27.25 -13.33
N VAL B 622 -5.58 -27.52 -12.06
CA VAL B 622 -6.52 -26.73 -11.27
C VAL B 622 -5.78 -26.29 -10.02
N ARG B 623 -5.64 -24.98 -9.84
CA ARG B 623 -4.85 -24.41 -8.76
C ARG B 623 -5.76 -23.53 -7.93
N THR B 624 -6.10 -23.97 -6.72
CA THR B 624 -7.05 -23.27 -5.87
C THR B 624 -6.31 -22.57 -4.75
N THR B 625 -6.38 -21.24 -4.73
CA THR B 625 -5.78 -20.46 -3.67
C THR B 625 -6.81 -20.17 -2.59
N ASN B 626 -6.41 -20.34 -1.35
CA ASN B 626 -7.27 -20.07 -0.21
C ASN B 626 -6.55 -19.10 0.70
N ASP B 627 -7.31 -18.43 1.57
CA ASP B 627 -6.78 -17.61 2.66
C ASP B 627 -5.83 -16.51 2.18
N MET B 628 -6.28 -15.75 1.17
CA MET B 628 -5.47 -14.64 0.67
C MET B 628 -5.46 -13.50 1.66
N LEU B 629 -4.52 -12.58 1.47
CA LEU B 629 -4.38 -11.44 2.37
C LEU B 629 -5.00 -10.19 1.77
N ILE B 630 -5.90 -9.56 2.50
CA ILE B 630 -6.41 -8.24 2.15
C ILE B 630 -6.44 -7.41 3.42
N ASP B 631 -6.03 -6.14 3.32
CA ASP B 631 -6.25 -5.15 4.37
C ASP B 631 -7.72 -4.78 4.42
N VAL B 632 -8.52 -5.54 5.18
CA VAL B 632 -9.97 -5.42 5.13
C VAL B 632 -10.43 -4.17 5.87
N PRO B 633 -11.60 -3.61 5.55
CA PRO B 633 -12.17 -2.56 6.40
C PRO B 633 -12.96 -3.19 7.55
N MET B 634 -12.75 -2.66 8.74
CA MET B 634 -13.21 -3.32 9.94
C MET B 634 -14.47 -2.69 10.50
N PRO B 635 -15.27 -3.44 11.25
CA PRO B 635 -16.36 -2.85 12.01
C PRO B 635 -15.85 -1.96 13.13
N TYR B 636 -16.77 -1.20 13.71
CA TYR B 636 -16.40 -0.15 14.65
C TYR B 636 -16.04 -0.68 16.02
N ILE B 637 -16.39 -1.92 16.35
CA ILE B 637 -15.99 -2.49 17.63
C ILE B 637 -14.50 -2.84 17.67
N SER B 638 -13.83 -2.83 16.51
CA SER B 638 -12.38 -2.97 16.52
C SER B 638 -11.72 -1.73 17.10
N GLY B 639 -12.25 -0.55 16.79
CA GLY B 639 -11.56 0.66 17.13
C GLY B 639 -10.43 1.01 16.19
N PHE B 640 -10.38 0.39 15.02
CA PHE B 640 -9.37 0.64 14.02
C PHE B 640 -10.02 0.71 12.66
N PHE B 641 -9.25 1.06 11.66
CA PHE B 641 -9.77 1.11 10.30
C PHE B 641 -9.42 -0.12 9.47
N SER B 642 -8.48 -0.94 9.90
CA SER B 642 -8.09 -2.13 9.15
C SER B 642 -7.55 -3.19 10.10
N GLN B 643 -7.53 -4.44 9.64
CA GLN B 643 -7.06 -5.54 10.48
C GLN B 643 -6.00 -6.35 9.76
N TYR B 644 -6.11 -6.42 8.44
CA TYR B 644 -5.16 -7.08 7.54
C TYR B 644 -5.06 -8.58 7.86
N GLN B 645 -6.13 -9.28 7.53
CA GLN B 645 -6.33 -10.68 7.89
C GLN B 645 -6.37 -11.57 6.64
N ASN B 646 -6.68 -12.85 6.86
CA ASN B 646 -6.73 -13.88 5.82
C ASN B 646 -8.18 -14.18 5.45
N VAL B 647 -8.64 -13.64 4.33
CA VAL B 647 -9.96 -13.90 3.81
C VAL B 647 -9.88 -14.11 2.30
N GLY B 648 -10.85 -14.82 1.76
CA GLY B 648 -11.00 -14.92 0.32
C GLY B 648 -10.61 -16.28 -0.21
N SER B 649 -10.80 -16.43 -1.52
CA SER B 649 -10.47 -17.65 -2.26
C SER B 649 -10.50 -17.36 -3.76
N MET B 650 -9.69 -18.09 -4.51
CA MET B 650 -9.55 -17.90 -5.94
C MET B 650 -9.24 -19.25 -6.56
N LYS B 651 -9.52 -19.42 -7.86
CA LYS B 651 -9.06 -20.62 -8.53
C LYS B 651 -8.70 -20.34 -9.97
N ASN B 652 -7.62 -20.97 -10.44
CA ASN B 652 -7.15 -20.87 -11.80
C ASN B 652 -7.20 -22.25 -12.44
N THR B 653 -7.98 -22.39 -13.51
CA THR B 653 -8.08 -23.62 -14.25
C THR B 653 -7.42 -23.41 -15.60
N GLY B 654 -6.60 -24.36 -16.04
CA GLY B 654 -5.87 -24.11 -17.27
C GLY B 654 -5.35 -25.36 -17.93
N VAL B 655 -4.87 -25.16 -19.15
CA VAL B 655 -4.33 -26.23 -19.99
C VAL B 655 -3.15 -25.67 -20.77
N ASP B 656 -2.04 -26.40 -20.77
CA ASP B 656 -0.89 -25.99 -21.55
C ASP B 656 -0.31 -27.17 -22.29
N LEU B 657 0.22 -26.91 -23.49
CA LEU B 657 0.81 -27.99 -24.28
C LEU B 657 2.07 -27.49 -24.98
N SER B 658 2.89 -28.46 -25.37
CA SER B 658 4.20 -28.19 -25.95
C SER B 658 4.54 -29.25 -26.97
N LEU B 659 4.90 -28.82 -28.19
CA LEU B 659 5.30 -29.72 -29.26
C LEU B 659 6.73 -29.39 -29.68
N LYS B 660 7.50 -30.42 -29.97
CA LYS B 660 8.85 -30.29 -30.51
C LYS B 660 9.00 -31.23 -31.69
N GLY B 661 9.75 -30.82 -32.71
CA GLY B 661 9.86 -31.64 -33.90
C GLY B 661 11.14 -31.36 -34.67
N THR B 662 11.48 -32.31 -35.53
CA THR B 662 12.71 -32.26 -36.33
C THR B 662 12.40 -32.64 -37.77
N ILE B 663 12.82 -31.82 -38.71
CA ILE B 663 12.64 -32.04 -40.14
C ILE B 663 14.03 -32.11 -40.78
N TYR B 664 14.13 -32.84 -41.89
CA TYR B 664 15.41 -32.99 -42.55
C TYR B 664 15.26 -32.71 -44.04
N GLN B 665 16.41 -32.58 -44.70
CA GLN B 665 16.51 -32.63 -46.15
C GLN B 665 17.67 -33.48 -46.65
N ASN B 666 18.73 -33.66 -45.87
CA ASN B 666 19.92 -34.40 -46.29
C ASN B 666 20.65 -34.87 -45.04
N LYS B 667 21.90 -35.29 -45.20
CA LYS B 667 22.70 -35.73 -44.06
C LYS B 667 23.42 -34.57 -43.37
N ASP B 668 23.45 -33.38 -43.99
CA ASP B 668 24.07 -32.22 -43.36
C ASP B 668 23.06 -31.14 -42.98
N TRP B 669 21.97 -30.99 -43.72
CA TRP B 669 20.89 -30.11 -43.32
C TRP B 669 20.21 -30.64 -42.07
N ASN B 670 19.64 -29.72 -41.29
CA ASN B 670 18.96 -30.08 -40.04
C ASN B 670 18.02 -28.95 -39.67
N VAL B 671 16.71 -29.18 -39.73
CA VAL B 671 15.71 -28.18 -39.39
C VAL B 671 14.98 -28.67 -38.15
N TYR B 672 14.61 -27.77 -37.26
CA TYR B 672 13.79 -28.16 -36.12
C TYR B 672 12.83 -27.04 -35.78
N ALA B 673 11.80 -27.40 -35.01
CA ALA B 673 10.77 -26.43 -34.65
C ALA B 673 10.19 -26.81 -33.30
N SER B 674 9.61 -25.81 -32.63
CA SER B 674 8.97 -26.01 -31.34
C SER B 674 7.84 -25.02 -31.22
N ALA B 675 6.82 -25.36 -30.42
CA ALA B 675 5.70 -24.46 -30.21
C ALA B 675 5.00 -24.83 -28.92
N ASN B 676 4.79 -23.85 -28.04
CA ASN B 676 4.09 -24.12 -26.81
C ASN B 676 3.07 -23.03 -26.54
N PHE B 677 2.07 -23.39 -25.73
CA PHE B 677 0.84 -22.63 -25.61
C PHE B 677 0.29 -22.87 -24.22
N ASN B 678 -0.34 -21.84 -23.65
CA ASN B 678 -0.94 -21.98 -22.33
C ASN B 678 -2.16 -21.09 -22.22
N TYR B 679 -3.29 -21.69 -21.87
CA TYR B 679 -4.53 -20.99 -21.58
C TYR B 679 -4.87 -21.15 -20.12
N ASN B 680 -5.34 -20.07 -19.50
CA ASN B 680 -5.52 -20.02 -18.05
C ASN B 680 -6.66 -19.07 -17.74
N ARG B 681 -7.77 -19.58 -17.19
CA ARG B 681 -8.86 -18.70 -16.79
C ARG B 681 -9.05 -18.81 -15.29
N GLN B 682 -9.30 -17.69 -14.64
CA GLN B 682 -9.36 -17.63 -13.19
C GLN B 682 -10.70 -17.07 -12.76
N GLU B 683 -11.06 -17.32 -11.51
CA GLU B 683 -12.27 -16.74 -10.95
C GLU B 683 -12.12 -16.61 -9.44
N ILE B 684 -12.86 -15.68 -8.88
CA ILE B 684 -12.79 -15.33 -7.46
C ILE B 684 -13.97 -16.01 -6.78
N THR B 685 -13.69 -16.88 -5.82
CA THR B 685 -14.74 -17.70 -5.25
C THR B 685 -15.46 -16.98 -4.11
N LYS B 686 -14.72 -16.45 -3.14
CA LYS B 686 -15.36 -15.69 -2.07
C LYS B 686 -14.45 -14.57 -1.61
N LEU B 687 -14.92 -13.82 -0.61
CA LEU B 687 -14.45 -12.48 -0.29
C LEU B 687 -14.64 -12.26 1.21
N PHE B 688 -14.85 -11.00 1.60
CA PHE B 688 -14.98 -10.55 2.98
C PHE B 688 -16.30 -10.99 3.61
N PHE B 689 -16.79 -10.21 4.58
CA PHE B 689 -17.92 -10.58 5.42
C PHE B 689 -19.19 -10.64 4.56
N GLY B 690 -19.30 -11.73 3.80
CA GLY B 690 -20.46 -11.99 2.95
C GLY B 690 -20.67 -11.03 1.80
N LEU B 691 -19.61 -10.41 1.31
CA LEU B 691 -19.72 -9.51 0.17
C LEU B 691 -19.79 -10.29 -1.14
N ASN B 692 -20.24 -9.61 -2.18
CA ASN B 692 -20.30 -10.16 -3.52
C ASN B 692 -19.34 -9.46 -4.47
N LYS B 693 -19.26 -8.13 -4.39
CA LYS B 693 -18.28 -7.38 -5.15
C LYS B 693 -17.52 -6.47 -4.21
N TYR B 694 -16.28 -6.15 -4.58
CA TYR B 694 -15.47 -5.24 -3.78
C TYR B 694 -14.49 -4.56 -4.70
N MET B 695 -14.52 -3.23 -4.74
CA MET B 695 -13.57 -2.49 -5.55
C MET B 695 -12.50 -1.89 -4.66
N LEU B 696 -11.25 -2.14 -5.03
CA LEU B 696 -10.14 -1.57 -4.28
C LEU B 696 -10.07 -0.08 -4.55
N PRO B 697 -9.85 0.75 -3.54
CA PRO B 697 -9.97 2.21 -3.71
C PRO B 697 -8.90 2.76 -4.65
N ASN B 698 -9.35 3.62 -5.57
CA ASN B 698 -8.66 4.29 -6.67
C ASN B 698 -7.55 3.46 -7.31
N THR B 699 -7.93 2.28 -7.80
CA THR B 699 -7.07 1.38 -8.56
C THR B 699 -7.52 1.20 -10.00
N GLY B 700 -8.82 1.06 -10.22
CA GLY B 700 -9.39 0.90 -11.54
C GLY B 700 -9.97 -0.47 -11.80
N THR B 701 -9.90 -1.39 -10.84
CA THR B 701 -10.37 -2.75 -10.99
C THR B 701 -11.46 -3.05 -9.96
N ILE B 702 -12.10 -4.20 -10.14
CA ILE B 702 -13.14 -4.67 -9.24
C ILE B 702 -12.98 -6.18 -9.08
N TRP B 703 -13.15 -6.67 -7.86
CA TRP B 703 -13.13 -8.10 -7.58
C TRP B 703 -14.58 -8.51 -7.44
N GLU B 704 -15.10 -9.19 -8.45
CA GLU B 704 -16.46 -9.69 -8.48
C GLU B 704 -16.41 -11.19 -8.30
N ILE B 705 -17.34 -11.74 -7.52
CA ILE B 705 -17.38 -13.18 -7.28
C ILE B 705 -17.90 -13.86 -8.54
N GLY B 706 -17.13 -14.79 -9.06
CA GLY B 706 -17.51 -15.53 -10.26
C GLY B 706 -16.78 -15.14 -11.52
N TYR B 707 -15.97 -14.08 -11.49
CA TYR B 707 -15.27 -13.56 -12.64
C TYR B 707 -13.83 -13.27 -12.26
N PRO B 708 -12.93 -13.20 -13.22
CA PRO B 708 -11.61 -12.63 -12.92
C PRO B 708 -11.72 -11.14 -12.62
N ASN B 709 -10.69 -10.60 -11.99
CA ASN B 709 -10.74 -9.18 -11.66
C ASN B 709 -10.57 -8.36 -12.94
N SER B 710 -11.61 -7.64 -13.28
CA SER B 710 -11.72 -6.98 -14.56
C SER B 710 -11.51 -5.48 -14.38
N PHE B 711 -11.74 -4.75 -15.44
CA PHE B 711 -11.66 -3.30 -15.37
C PHE B 711 -13.01 -2.73 -14.95
N TYR B 712 -12.96 -1.67 -14.15
CA TYR B 712 -14.16 -1.07 -13.54
C TYR B 712 -14.19 0.38 -13.96
N MET B 713 -14.88 0.67 -15.08
CA MET B 713 -14.84 2.02 -15.66
C MET B 713 -16.18 2.31 -16.31
N ALA B 714 -16.26 3.45 -16.98
CA ALA B 714 -17.47 3.80 -17.71
C ALA B 714 -17.41 3.24 -19.11
N GLU B 715 -18.58 3.00 -19.69
CA GLU B 715 -18.64 2.63 -21.08
C GLU B 715 -18.65 3.88 -21.96
N TYR B 716 -18.24 3.73 -23.21
CA TYR B 716 -18.18 4.83 -24.14
C TYR B 716 -19.03 4.49 -25.36
N ALA B 717 -19.92 5.41 -25.73
CA ALA B 717 -20.84 5.20 -26.84
C ALA B 717 -20.63 6.17 -27.99
N GLY B 718 -19.55 6.93 -27.97
CA GLY B 718 -19.30 7.88 -29.04
C GLY B 718 -20.06 9.18 -28.81
N ILE B 719 -20.10 10.00 -29.85
CA ILE B 719 -20.76 11.29 -29.81
C ILE B 719 -22.06 11.21 -30.57
N ASP B 720 -22.90 12.23 -30.39
CA ASP B 720 -24.11 12.36 -31.18
C ASP B 720 -23.94 13.44 -32.23
N LYS B 721 -24.72 13.34 -33.30
CA LYS B 721 -24.61 14.28 -34.41
C LYS B 721 -25.55 15.47 -34.27
N LYS B 722 -26.17 15.66 -33.10
CA LYS B 722 -27.03 16.81 -32.88
C LYS B 722 -26.25 17.97 -32.24
N THR B 723 -25.66 17.73 -31.06
CA THR B 723 -24.92 18.76 -30.36
C THR B 723 -23.44 18.44 -30.19
N GLY B 724 -23.03 17.21 -30.45
CA GLY B 724 -21.62 16.87 -30.44
C GLY B 724 -20.98 16.82 -29.07
N LYS B 725 -21.60 16.08 -28.15
CA LYS B 725 -21.06 15.89 -26.81
C LYS B 725 -20.73 14.42 -26.62
N GLN B 726 -19.95 14.13 -25.57
CA GLN B 726 -19.59 12.76 -25.27
C GLN B 726 -20.75 12.06 -24.59
N LEU B 727 -21.02 10.82 -25.00
CA LEU B 727 -22.13 10.04 -24.50
C LEU B 727 -21.63 8.74 -23.90
N TRP B 728 -21.85 8.55 -22.62
CA TRP B 728 -21.50 7.32 -21.93
C TRP B 728 -22.75 6.48 -21.73
N TYR B 729 -22.59 5.17 -21.73
CA TYR B 729 -23.72 4.27 -21.53
C TYR B 729 -24.13 4.26 -20.06
N VAL B 730 -25.30 3.69 -19.80
CA VAL B 730 -25.82 3.55 -18.45
C VAL B 730 -25.76 2.08 -18.07
N PRO B 731 -25.30 1.71 -16.87
CA PRO B 731 -25.38 0.31 -16.46
C PRO B 731 -26.81 -0.14 -16.23
N GLY B 732 -27.33 -0.95 -17.14
CA GLY B 732 -28.75 -1.26 -17.15
C GLY B 732 -29.52 -0.27 -18.01
N GLN B 733 -30.83 -0.23 -17.78
CA GLN B 733 -31.80 0.60 -18.51
C GLN B 733 -31.71 0.38 -20.02
N VAL B 734 -31.98 -0.85 -20.42
CA VAL B 734 -31.85 -1.25 -21.81
C VAL B 734 -33.08 -0.76 -22.59
N ASP B 735 -32.84 -0.26 -23.79
CA ASP B 735 -33.93 0.19 -24.67
C ASP B 735 -33.62 -0.15 -26.12
N LYS B 740 -29.84 0.37 -25.53
CA LYS B 740 -29.21 1.00 -24.38
C LYS B 740 -29.33 2.51 -24.47
N VAL B 741 -29.50 3.17 -23.33
CA VAL B 741 -29.71 4.62 -23.27
C VAL B 741 -28.40 5.27 -22.87
N THR B 742 -28.12 6.44 -23.45
CA THR B 742 -26.90 7.19 -23.22
C THR B 742 -27.24 8.53 -22.58
N THR B 743 -26.40 8.96 -21.63
CA THR B 743 -26.52 10.27 -21.03
C THR B 743 -25.29 11.10 -21.32
N SER B 744 -25.48 12.41 -21.46
CA SER B 744 -24.37 13.31 -21.73
C SER B 744 -23.64 13.73 -20.46
N GLN B 745 -24.33 13.71 -19.32
CA GLN B 745 -23.70 14.07 -18.06
C GLN B 745 -22.88 12.91 -17.53
N TYR B 746 -21.69 13.20 -17.03
CA TYR B 746 -20.84 12.19 -16.42
C TYR B 746 -20.93 12.28 -14.91
N SER B 747 -21.18 11.15 -14.26
CA SER B 747 -21.11 11.04 -12.82
C SER B 747 -20.42 9.73 -12.49
N ALA B 748 -20.09 9.54 -11.22
CA ALA B 748 -19.43 8.32 -10.82
C ALA B 748 -20.39 7.14 -10.64
N ASP B 749 -21.68 7.33 -10.94
CA ASP B 749 -22.63 6.23 -10.97
C ASP B 749 -22.72 5.57 -12.33
N LEU B 750 -21.96 6.04 -13.32
CA LEU B 750 -21.95 5.48 -14.66
C LEU B 750 -20.89 4.41 -14.84
N GLU B 751 -20.22 4.00 -13.76
CA GLU B 751 -19.18 3.00 -13.86
C GLU B 751 -19.75 1.61 -13.68
N THR B 752 -19.22 0.67 -14.45
CA THR B 752 -19.61 -0.72 -14.37
C THR B 752 -18.38 -1.57 -14.62
N ARG B 753 -18.57 -2.89 -14.47
CA ARG B 753 -17.49 -3.82 -14.72
C ARG B 753 -17.38 -4.06 -16.23
N ILE B 754 -16.23 -3.76 -16.79
CA ILE B 754 -15.96 -4.07 -18.19
C ILE B 754 -15.68 -5.56 -18.27
N ASP B 755 -15.92 -6.17 -19.43
CA ASP B 755 -15.73 -7.62 -19.55
C ASP B 755 -14.36 -7.98 -20.08
N LYS B 756 -13.33 -7.23 -19.71
CA LYS B 756 -11.96 -7.47 -20.15
C LYS B 756 -11.08 -7.65 -18.93
N SER B 757 -10.42 -8.80 -18.84
CA SER B 757 -9.66 -9.17 -17.64
C SER B 757 -8.34 -8.41 -17.57
N VAL B 758 -7.74 -8.45 -16.38
CA VAL B 758 -6.50 -7.71 -16.15
C VAL B 758 -5.30 -8.52 -16.62
N THR B 759 -5.15 -9.75 -16.11
CA THR B 759 -4.00 -10.52 -16.57
C THR B 759 -4.33 -11.24 -17.87
N PRO B 760 -3.42 -11.29 -18.83
CA PRO B 760 -3.74 -11.89 -20.13
C PRO B 760 -3.82 -13.40 -20.04
N PRO B 761 -4.90 -14.00 -20.53
CA PRO B 761 -5.05 -15.46 -20.43
C PRO B 761 -4.16 -16.28 -21.36
N ILE B 762 -4.06 -15.96 -22.66
CA ILE B 762 -3.38 -16.81 -23.62
C ILE B 762 -1.95 -16.35 -23.79
N THR B 763 -1.00 -17.24 -23.49
CA THR B 763 0.42 -16.94 -23.53
C THR B 763 1.15 -18.05 -24.28
N GLY B 764 1.97 -17.69 -25.26
CA GLY B 764 2.68 -18.76 -25.92
C GLY B 764 3.91 -18.30 -26.67
N GLY B 765 4.51 -19.24 -27.39
CA GLY B 765 5.67 -18.91 -28.20
C GLY B 765 6.14 -20.06 -29.04
N PHE B 766 6.78 -19.77 -30.17
CA PHE B 766 7.20 -20.83 -31.08
C PHE B 766 8.55 -20.49 -31.71
N SER B 767 9.38 -21.50 -31.88
CA SER B 767 10.73 -21.34 -32.36
C SER B 767 10.94 -22.19 -33.60
N LEU B 768 11.85 -21.74 -34.46
CA LEU B 768 12.19 -22.50 -35.66
C LEU B 768 13.65 -22.24 -35.99
N GLY B 769 14.38 -23.30 -36.32
CA GLY B 769 15.80 -23.16 -36.59
C GLY B 769 16.26 -24.11 -37.68
N ALA B 770 17.40 -23.77 -38.27
CA ALA B 770 18.00 -24.54 -39.34
C ALA B 770 19.51 -24.56 -39.17
N SER B 771 20.15 -25.55 -39.78
CA SER B 771 21.60 -25.69 -39.72
C SER B 771 22.08 -26.43 -40.97
N TRP B 772 23.14 -25.92 -41.58
CA TRP B 772 23.60 -26.46 -42.86
C TRP B 772 24.98 -27.12 -42.75
N LYS B 773 26.02 -26.37 -42.45
CA LYS B 773 27.37 -26.93 -42.37
C LYS B 773 28.16 -26.25 -41.27
N GLY B 774 27.55 -26.07 -40.11
CA GLY B 774 28.12 -25.24 -39.08
C GLY B 774 27.62 -23.82 -39.12
N LEU B 775 26.96 -23.42 -40.19
CA LEU B 775 26.28 -22.13 -40.28
C LEU B 775 24.81 -22.39 -39.98
N SER B 776 24.35 -21.91 -38.83
CA SER B 776 22.98 -22.16 -38.42
C SER B 776 22.22 -20.84 -38.33
N LEU B 777 20.91 -20.93 -38.18
CA LEU B 777 20.04 -19.78 -38.06
C LEU B 777 18.82 -20.15 -37.26
N ASP B 778 18.58 -19.46 -36.15
CA ASP B 778 17.42 -19.74 -35.32
C ASP B 778 16.59 -18.47 -35.13
N ALA B 779 15.29 -18.67 -34.90
CA ALA B 779 14.37 -17.56 -34.74
C ALA B 779 13.30 -17.96 -33.74
N ASP B 780 13.10 -17.14 -32.73
CA ASP B 780 12.15 -17.41 -31.67
C ASP B 780 11.09 -16.31 -31.66
N PHE B 781 9.82 -16.70 -31.55
CA PHE B 781 8.71 -15.78 -31.53
C PHE B 781 7.97 -15.96 -30.21
N ALA B 782 7.40 -14.86 -29.71
CA ALA B 782 6.70 -14.87 -28.43
C ALA B 782 5.46 -14.03 -28.52
N TYR B 783 4.30 -14.59 -28.15
CA TYR B 783 3.07 -13.85 -28.28
C TYR B 783 2.29 -13.87 -26.96
N ILE B 784 1.61 -12.76 -26.70
CA ILE B 784 0.68 -12.65 -25.59
C ILE B 784 -0.59 -12.04 -26.15
N VAL B 785 -1.70 -12.77 -26.06
CA VAL B 785 -2.93 -12.26 -26.65
C VAL B 785 -4.05 -12.28 -25.62
N GLY B 786 -4.77 -11.17 -25.54
CA GLY B 786 -5.82 -11.01 -24.56
C GLY B 786 -5.49 -9.99 -23.49
N LYS B 787 -4.60 -9.05 -23.79
CA LYS B 787 -4.06 -8.12 -22.81
C LYS B 787 -4.52 -6.72 -23.14
N TRP B 788 -5.22 -6.07 -22.21
CA TRP B 788 -5.74 -4.73 -22.40
C TRP B 788 -4.98 -3.77 -21.51
N MET B 789 -4.82 -2.53 -21.97
CA MET B 789 -4.00 -1.59 -21.22
C MET B 789 -4.54 -0.17 -21.39
N ILE B 790 -4.61 0.57 -20.30
CA ILE B 790 -5.10 1.94 -20.32
C ILE B 790 -3.98 2.83 -20.85
N ASN B 791 -4.22 3.48 -21.98
CA ASN B 791 -3.23 4.37 -22.58
C ASN B 791 -3.42 5.75 -21.98
N ASN B 792 -2.47 6.19 -21.18
CA ASN B 792 -2.63 7.42 -20.43
C ASN B 792 -2.19 8.65 -21.19
N ASP B 793 -1.21 8.52 -22.09
CA ASP B 793 -0.76 9.65 -22.89
C ASP B 793 -1.84 10.18 -23.82
N ARG B 794 -2.78 9.34 -24.24
CA ARG B 794 -3.94 9.78 -25.01
C ARG B 794 -4.93 10.59 -24.19
N TYR B 795 -4.72 10.72 -22.88
CA TYR B 795 -5.46 11.74 -22.14
C TYR B 795 -4.98 13.13 -22.53
N PHE B 796 -3.72 13.27 -22.89
CA PHE B 796 -3.16 14.59 -23.12
C PHE B 796 -3.03 14.95 -24.59
N THR B 797 -2.86 13.97 -25.47
CA THR B 797 -2.60 14.26 -26.87
C THR B 797 -3.87 14.46 -27.68
N GLU B 798 -5.03 14.09 -27.16
CA GLU B 798 -6.27 14.30 -27.90
C GLU B 798 -7.40 14.75 -26.97
N ASN B 799 -7.14 15.69 -26.08
CA ASN B 799 -8.22 16.32 -25.33
C ASN B 799 -8.57 17.65 -25.97
N GLY B 800 -9.86 17.97 -25.96
CA GLY B 800 -10.33 19.19 -26.57
C GLY B 800 -9.96 20.40 -25.73
N GLY B 801 -10.53 20.50 -24.55
CA GLY B 801 -10.27 21.61 -23.65
C GLY B 801 -9.33 21.18 -22.53
N GLY B 802 -8.57 22.14 -22.02
CA GLY B 802 -7.59 21.84 -20.99
C GLY B 802 -6.31 21.26 -21.57
N LEU B 803 -5.17 21.67 -21.00
CA LEU B 803 -3.83 21.32 -21.47
C LEU B 803 -3.67 21.68 -22.94
N MET B 804 -3.88 22.97 -23.23
CA MET B 804 -3.88 23.40 -24.62
C MET B 804 -2.50 23.79 -25.13
N GLN B 805 -1.53 24.00 -24.24
CA GLN B 805 -0.21 24.41 -24.68
C GLN B 805 0.60 23.25 -25.27
N LEU B 806 0.12 22.02 -25.15
CA LEU B 806 0.84 20.86 -25.60
C LEU B 806 0.50 20.54 -27.06
N ASN B 807 1.36 19.73 -27.67
CA ASN B 807 1.10 19.26 -29.03
C ASN B 807 -0.01 18.22 -29.02
N LYS B 808 -0.86 18.27 -30.03
CA LYS B 808 -2.06 17.46 -30.06
C LYS B 808 -1.97 16.42 -31.17
N ASP B 809 -3.05 15.67 -31.33
CA ASP B 809 -3.18 14.74 -32.44
C ASP B 809 -3.65 15.48 -33.68
N LYS B 810 -3.52 14.82 -34.83
CA LYS B 810 -4.03 15.43 -36.05
C LYS B 810 -5.55 15.34 -36.13
N MET B 811 -6.16 14.42 -35.41
CA MET B 811 -7.60 14.22 -35.46
C MET B 811 -8.38 15.21 -34.60
N LEU B 812 -7.75 16.26 -34.10
CA LEU B 812 -8.47 17.38 -33.54
C LEU B 812 -8.72 18.48 -34.56
N LEU B 813 -8.14 18.35 -35.76
CA LEU B 813 -8.44 19.30 -36.82
C LEU B 813 -9.81 19.05 -37.42
N ASN B 814 -10.27 17.79 -37.40
CA ASN B 814 -11.62 17.45 -37.83
C ASN B 814 -12.59 17.48 -36.65
N ALA B 815 -12.58 18.56 -35.87
CA ALA B 815 -13.43 18.63 -34.71
C ALA B 815 -14.87 18.89 -35.11
N TRP B 816 -15.79 18.56 -34.20
CA TRP B 816 -17.20 18.79 -34.46
C TRP B 816 -17.51 20.27 -34.36
N THR B 817 -18.14 20.80 -35.41
CA THR B 817 -18.61 22.17 -35.41
C THR B 817 -19.87 22.22 -36.27
N GLU B 818 -20.36 23.44 -36.52
CA GLU B 818 -21.63 23.59 -37.23
C GLU B 818 -21.51 23.25 -38.72
N ASP B 819 -20.39 23.60 -39.35
CA ASP B 819 -20.21 23.32 -40.76
C ASP B 819 -19.54 21.98 -41.02
N ASN B 820 -19.10 21.28 -39.97
CA ASN B 820 -18.46 19.98 -40.08
C ASN B 820 -19.14 19.11 -39.03
N LYS B 821 -20.15 18.36 -39.45
CA LYS B 821 -21.03 17.67 -38.52
C LYS B 821 -21.04 16.16 -38.68
N GLU B 822 -20.13 15.57 -39.45
CA GLU B 822 -20.04 14.12 -39.59
C GLU B 822 -18.60 13.67 -39.33
N THR B 823 -18.28 13.49 -38.05
CA THR B 823 -16.97 13.05 -37.59
C THR B 823 -17.17 12.11 -36.40
N ASP B 824 -16.05 11.75 -35.77
CA ASP B 824 -16.07 10.87 -34.61
C ASP B 824 -15.44 11.51 -33.38
N VAL B 825 -15.02 12.77 -33.46
CA VAL B 825 -14.38 13.40 -32.31
C VAL B 825 -15.31 14.47 -31.77
N PRO B 826 -15.29 14.78 -30.48
CA PRO B 826 -16.23 15.76 -29.93
C PRO B 826 -15.88 17.20 -30.24
N LYS B 827 -16.59 18.13 -29.62
CA LYS B 827 -16.26 19.55 -29.70
C LYS B 827 -14.96 19.85 -28.95
N LEU B 828 -14.56 21.11 -28.99
CA LEU B 828 -13.31 21.48 -28.35
C LEU B 828 -13.49 21.98 -26.92
N GLY B 829 -14.72 22.24 -26.49
CA GLY B 829 -14.91 22.74 -25.14
C GLY B 829 -15.24 21.69 -24.09
N GLN B 830 -14.53 20.57 -24.07
CA GLN B 830 -14.85 19.48 -23.16
C GLN B 830 -13.60 18.95 -22.50
N SER B 831 -13.79 18.00 -21.59
CA SER B 831 -12.68 17.34 -20.91
C SER B 831 -12.99 15.85 -20.89
N PRO B 832 -12.16 15.00 -21.52
CA PRO B 832 -12.43 13.56 -21.54
C PRO B 832 -12.12 12.93 -20.20
N GLN B 833 -12.88 11.90 -19.84
CA GLN B 833 -12.66 11.19 -18.60
C GLN B 833 -11.94 9.86 -18.88
N PHE B 834 -11.61 9.15 -17.80
CA PHE B 834 -11.05 7.82 -17.94
C PHE B 834 -12.17 6.81 -18.12
N ASP B 835 -12.27 6.25 -19.31
CA ASP B 835 -13.39 5.39 -19.65
C ASP B 835 -12.89 4.33 -20.63
N THR B 836 -13.82 3.71 -21.34
CA THR B 836 -13.50 2.55 -22.17
C THR B 836 -12.68 2.95 -23.40
N HIS B 837 -12.80 4.19 -23.85
CA HIS B 837 -12.05 4.61 -25.04
C HIS B 837 -10.57 4.82 -24.78
N LEU B 838 -10.09 4.65 -23.56
CA LEU B 838 -8.66 4.62 -23.29
C LEU B 838 -8.11 3.22 -23.16
N LEU B 839 -8.95 2.20 -22.99
CA LEU B 839 -8.48 0.82 -23.02
C LEU B 839 -8.09 0.45 -24.44
N GLU B 840 -6.87 -0.03 -24.62
CA GLU B 840 -6.42 -0.46 -25.93
C GLU B 840 -6.00 -1.92 -25.87
N ASN B 841 -6.05 -2.56 -27.03
CA ASN B 841 -5.67 -3.96 -27.20
C ASN B 841 -4.16 -4.02 -27.26
N ALA B 842 -3.53 -4.50 -26.20
CA ALA B 842 -2.07 -4.58 -26.13
C ALA B 842 -1.54 -5.96 -26.47
N SER B 843 -2.29 -6.76 -27.23
CA SER B 843 -1.83 -8.08 -27.62
C SER B 843 -0.71 -7.96 -28.64
N PHE B 844 0.35 -8.74 -28.49
CA PHE B 844 1.49 -8.57 -29.37
C PHE B 844 2.08 -9.92 -29.77
N LEU B 845 2.81 -9.88 -30.88
CA LEU B 845 3.68 -10.96 -31.32
C LEU B 845 5.05 -10.38 -31.64
N ARG B 846 6.06 -10.79 -30.90
CA ARG B 846 7.43 -10.33 -31.10
C ARG B 846 8.30 -11.41 -31.71
N LEU B 847 9.29 -10.97 -32.48
CA LEU B 847 10.42 -11.79 -32.87
C LEU B 847 11.52 -11.48 -31.88
N LYS B 848 11.76 -12.41 -30.95
CA LYS B 848 12.58 -12.12 -29.78
C LYS B 848 14.06 -11.98 -30.14
N ASN B 849 14.62 -12.96 -30.84
CA ASN B 849 15.94 -12.78 -31.40
C ASN B 849 16.10 -13.61 -32.66
N LEU B 850 16.81 -13.04 -33.62
CA LEU B 850 17.24 -13.70 -34.84
C LEU B 850 18.75 -13.78 -34.77
N LYS B 851 19.29 -15.00 -34.79
CA LYS B 851 20.72 -15.20 -34.59
C LYS B 851 21.29 -16.05 -35.70
N LEU B 852 22.35 -15.56 -36.34
CA LEU B 852 23.03 -16.28 -37.41
C LEU B 852 24.48 -16.49 -36.98
N THR B 853 24.86 -17.73 -36.72
CA THR B 853 26.19 -18.05 -36.23
C THR B 853 26.94 -18.90 -37.24
N TYR B 854 28.23 -19.09 -36.97
CA TYR B 854 29.11 -19.82 -37.86
C TYR B 854 30.32 -20.28 -37.08
N VAL B 855 30.53 -21.58 -37.00
CA VAL B 855 31.71 -22.16 -36.39
C VAL B 855 32.72 -22.51 -37.48
N LEU B 856 33.94 -22.00 -37.34
CA LEU B 856 34.96 -22.23 -38.35
C LEU B 856 35.39 -23.69 -38.35
N PRO B 857 35.65 -24.26 -39.52
CA PRO B 857 35.84 -25.72 -39.59
C PRO B 857 37.17 -26.16 -39.00
N ASN B 858 37.22 -27.43 -38.63
CA ASN B 858 38.37 -27.98 -37.92
C ASN B 858 39.61 -28.12 -38.81
N SER B 859 39.46 -28.07 -40.13
CA SER B 859 40.60 -28.18 -41.02
C SER B 859 41.41 -26.89 -41.08
N LEU B 860 40.87 -25.77 -40.61
CA LEU B 860 41.60 -24.52 -40.68
C LEU B 860 42.62 -24.41 -39.55
N PHE B 861 42.37 -25.06 -38.43
CA PHE B 861 43.32 -25.11 -37.31
C PHE B 861 43.87 -26.53 -37.25
N ALA B 862 44.91 -26.79 -38.05
CA ALA B 862 45.50 -28.12 -38.16
C ALA B 862 46.93 -28.17 -37.65
N GLY B 863 47.79 -27.28 -38.12
CA GLY B 863 49.15 -27.24 -37.60
C GLY B 863 49.28 -26.49 -36.29
N GLN B 864 48.43 -25.49 -36.09
CA GLN B 864 48.49 -24.66 -34.89
C GLN B 864 47.97 -25.45 -33.70
N ASN B 865 48.84 -25.66 -32.71
CA ASN B 865 48.46 -26.33 -31.48
C ASN B 865 47.92 -25.37 -30.42
N VAL B 866 47.83 -24.07 -30.73
CA VAL B 866 47.36 -23.11 -29.75
C VAL B 866 45.85 -22.98 -29.79
N ILE B 867 45.29 -22.56 -30.93
CA ILE B 867 43.88 -22.26 -31.06
C ILE B 867 43.15 -23.48 -31.57
N GLY B 868 42.07 -23.86 -30.89
CA GLY B 868 41.35 -25.07 -31.21
C GLY B 868 39.97 -24.88 -31.82
N GLY B 869 39.57 -23.64 -32.06
CA GLY B 869 38.28 -23.39 -32.68
C GLY B 869 37.88 -21.95 -32.49
N ALA B 870 36.80 -21.57 -33.19
CA ALA B 870 36.29 -20.21 -33.13
C ALA B 870 34.82 -20.22 -33.55
N ARG B 871 34.09 -19.21 -33.11
CA ARG B 871 32.71 -19.02 -33.50
C ARG B 871 32.45 -17.54 -33.72
N VAL B 872 31.67 -17.21 -34.73
CA VAL B 872 31.26 -15.84 -35.02
C VAL B 872 29.74 -15.83 -35.02
N TYR B 873 29.13 -14.76 -34.49
CA TYR B 873 27.68 -14.71 -34.55
C TYR B 873 27.19 -13.28 -34.68
N LEU B 874 26.08 -13.12 -35.42
CA LEU B 874 25.33 -11.89 -35.50
C LEU B 874 23.98 -12.12 -34.83
N MET B 875 23.46 -11.11 -34.15
CA MET B 875 22.20 -11.28 -33.42
C MET B 875 21.41 -9.99 -33.45
N ALA B 876 20.11 -10.11 -33.70
CA ALA B 876 19.20 -8.97 -33.65
C ALA B 876 18.07 -9.30 -32.68
N ARG B 877 17.94 -8.49 -31.65
CA ARG B 877 16.90 -8.65 -30.64
C ARG B 877 15.82 -7.62 -30.85
N ASN B 878 14.56 -8.05 -30.76
CA ASN B 878 13.34 -7.26 -30.96
C ASN B 878 13.29 -6.65 -32.36
N LEU B 879 13.40 -7.52 -33.36
CA LEU B 879 13.50 -7.04 -34.72
C LEU B 879 12.15 -6.61 -35.28
N LEU B 880 11.10 -7.39 -35.03
CA LEU B 880 9.75 -7.05 -35.43
C LEU B 880 8.80 -7.20 -34.25
N THR B 881 7.71 -6.44 -34.29
CA THR B 881 6.63 -6.54 -33.32
C THR B 881 5.35 -6.19 -34.04
N VAL B 882 4.38 -7.10 -34.05
CA VAL B 882 3.08 -6.83 -34.64
C VAL B 882 2.04 -6.74 -33.53
N THR B 883 1.29 -5.64 -33.52
CA THR B 883 0.33 -5.32 -32.47
C THR B 883 -0.60 -4.23 -32.96
N LYS B 884 -1.59 -3.88 -32.13
CA LYS B 884 -2.56 -2.85 -32.44
C LYS B 884 -2.53 -1.71 -31.43
N TYR B 885 -1.48 -1.63 -30.61
CA TYR B 885 -1.32 -0.60 -29.60
C TYR B 885 -0.73 0.67 -30.22
N LYS B 886 -0.93 1.79 -29.53
CA LYS B 886 -0.53 3.12 -30.01
C LYS B 886 0.27 3.87 -28.96
N GLY B 887 1.27 3.24 -28.36
CA GLY B 887 1.99 3.89 -27.28
C GLY B 887 3.47 3.60 -27.12
N PHE B 888 4.16 3.28 -28.22
CA PHE B 888 5.57 2.93 -28.40
C PHE B 888 5.95 1.54 -27.92
N ASP B 889 5.12 0.88 -27.10
CA ASP B 889 5.43 -0.45 -26.60
C ASP B 889 4.19 -1.02 -25.96
N PRO B 890 3.70 -2.19 -26.37
CA PRO B 890 2.57 -2.79 -25.66
C PRO B 890 2.97 -3.53 -24.42
N GLU B 891 4.21 -3.98 -24.33
CA GLU B 891 4.67 -4.78 -23.20
C GLU B 891 5.01 -3.91 -22.00
N ALA B 892 5.47 -2.69 -22.22
CA ALA B 892 5.96 -1.86 -21.13
C ALA B 892 4.84 -1.28 -20.31
N GLY B 893 4.33 -2.06 -19.37
CA GLY B 893 3.41 -1.55 -18.39
C GLY B 893 2.54 -2.69 -17.86
N GLY B 894 1.28 -2.35 -17.65
CA GLY B 894 0.31 -3.26 -17.09
C GLY B 894 -0.64 -2.50 -16.20
N ASN B 895 -1.91 -2.57 -16.61
CA ASN B 895 -3.12 -1.86 -16.19
C ASN B 895 -3.12 -0.38 -16.55
N VAL B 896 -1.96 0.23 -16.78
CA VAL B 896 -1.82 1.65 -17.06
C VAL B 896 -0.52 1.82 -17.85
N GLY B 897 -0.59 2.41 -19.04
CA GLY B 897 0.63 2.75 -19.74
C GLY B 897 0.96 4.23 -19.65
N LYS B 898 1.90 4.58 -18.76
CA LYS B 898 2.25 5.96 -18.48
C LYS B 898 3.40 6.40 -19.38
N ASN B 899 4.06 7.51 -19.01
CA ASN B 899 5.27 7.97 -19.67
C ASN B 899 6.31 6.90 -19.47
N GLN B 900 6.55 6.10 -20.51
CA GLN B 900 7.19 4.81 -20.35
C GLN B 900 8.56 4.80 -21.00
N TYR B 901 9.37 3.84 -20.57
CA TYR B 901 10.66 3.58 -21.19
C TYR B 901 10.42 2.41 -22.12
N PRO B 902 10.46 2.60 -23.43
CA PRO B 902 10.16 1.48 -24.33
C PRO B 902 11.27 0.44 -24.31
N ASN B 903 10.89 -0.79 -24.64
CA ASN B 903 11.89 -1.80 -24.92
C ASN B 903 12.67 -1.40 -26.17
N SER B 904 13.89 -1.90 -26.26
CA SER B 904 14.79 -1.45 -27.31
C SER B 904 15.17 -2.62 -28.21
N LYS B 905 15.36 -2.33 -29.49
CA LYS B 905 15.93 -3.32 -30.38
C LYS B 905 17.44 -3.19 -30.36
N GLN B 906 18.11 -4.30 -30.57
CA GLN B 906 19.56 -4.34 -30.42
C GLN B 906 20.17 -5.15 -31.54
N TYR B 907 21.34 -4.72 -32.00
CA TYR B 907 22.13 -5.49 -32.95
C TYR B 907 23.47 -5.76 -32.30
N VAL B 908 23.82 -7.02 -32.08
CA VAL B 908 25.13 -7.34 -31.55
C VAL B 908 25.86 -8.25 -32.51
N ALA B 909 27.18 -8.23 -32.41
CA ALA B 909 28.08 -9.08 -33.19
C ALA B 909 29.15 -9.55 -32.23
N GLY B 910 29.52 -10.82 -32.29
CA GLY B 910 30.44 -11.36 -31.31
C GLY B 910 31.33 -12.45 -31.87
N ILE B 911 32.46 -12.63 -31.21
CA ILE B 911 33.38 -13.73 -31.46
C ILE B 911 33.53 -14.55 -30.19
N GLN B 912 33.96 -15.79 -30.38
CA GLN B 912 34.29 -16.67 -29.27
C GLN B 912 35.43 -17.58 -29.70
N LEU B 913 36.59 -17.41 -29.08
CA LEU B 913 37.77 -18.20 -29.36
C LEU B 913 37.88 -19.29 -28.32
N SER B 914 37.80 -20.54 -28.75
CA SER B 914 37.96 -21.67 -27.83
C SER B 914 39.39 -22.19 -27.87
N PHE B 915 40.33 -21.29 -27.59
CA PHE B 915 41.74 -21.59 -27.78
C PHE B 915 42.38 -22.21 -26.56
N GLY C 1 14.88 15.77 -16.90
CA GLY C 1 14.28 17.10 -16.84
C GLY C 1 13.11 17.21 -15.90
N THR C 2 12.68 18.43 -15.62
CA THR C 2 11.59 18.69 -14.69
C THR C 2 10.86 19.95 -15.14
N GLY C 3 10.08 20.53 -14.23
CA GLY C 3 9.43 21.80 -14.46
C GLY C 3 7.97 21.62 -14.83
N GLY C 4 7.07 21.71 -13.85
CA GLY C 4 5.68 21.41 -14.09
C GLY C 4 5.40 19.93 -14.08
N SER C 5 4.41 19.48 -13.30
CA SER C 5 4.13 18.06 -13.19
C SER C 5 2.86 17.64 -13.91
N THR C 6 2.21 18.58 -14.64
CA THR C 6 1.26 18.41 -15.75
C THR C 6 0.35 17.19 -15.70
N GLY C 7 -0.21 16.91 -14.54
CA GLY C 7 -0.79 15.61 -14.27
C GLY C 7 -2.29 15.64 -14.05
N THR C 8 -2.97 14.76 -14.78
CA THR C 8 -4.31 14.27 -14.43
C THR C 8 -4.31 12.76 -14.68
N THR C 9 -3.29 12.08 -14.17
CA THR C 9 -3.04 10.69 -14.52
C THR C 9 -3.79 9.73 -13.61
N SER C 10 -3.87 8.47 -14.05
CA SER C 10 -4.52 7.42 -13.30
C SER C 10 -3.50 6.69 -12.43
N ALA C 11 -4.00 5.93 -11.46
CA ALA C 11 -3.14 5.22 -10.54
C ALA C 11 -2.69 3.90 -11.14
N GLY C 12 -1.40 3.60 -11.02
CA GLY C 12 -0.81 2.44 -11.63
C GLY C 12 -1.28 1.10 -11.11
OCO 5PL D . 18.22 -27.29 14.26
CBL 5PL D . 19.23 -26.79 14.59
CBM 5PL D . 20.56 -27.57 14.55
OCL 5PL D . 19.22 -25.45 15.05
CBN 5PL D . 20.46 -28.77 13.58
CBO 5PL D . 21.89 -29.13 13.09
CBP 5PL D . 21.86 -30.41 12.23
CAA 5PL D . 23.30 -30.95 12.07
CBR 5PL D . 23.33 -32.00 10.91
CBS 5PL D . 24.75 -32.61 10.76
CBT 5PL D . 24.80 -33.55 9.52
CBI 5PL D . 18.55 -24.54 14.20
CBH 5PL D . 19.09 -23.13 14.48
CAW 5PL D . 17.96 -22.19 14.91
CBV 5PL D . 21.71 -23.57 12.07
CBW 5PL D . 23.10 -24.07 12.47
CBX 5PL D . 23.30 -25.47 11.89
CBY 5PL D . 24.77 -25.90 12.04
CAE 5PL D . 26.59 -27.33 11.11
CAF 5PL D . 26.87 -28.50 10.15
CAG 5PL D . 27.80 -29.53 10.84
CAK 5PL D . 28.99 -29.89 9.91
CBZ 5PL D . 25.21 -26.70 10.80
CBU 5PL D . 21.07 -22.85 13.27
OCK 5PL D . 19.67 -22.63 13.32
OCN 5PL D . 21.73 -22.48 14.15
C1 PLM E . 17.88 -23.88 19.95
O2 PLM E . 17.24 -23.81 18.86
C2 PLM E . 18.64 -25.23 20.25
C3 PLM E . 18.93 -26.13 19.04
C4 PLM E . 20.28 -26.86 19.11
C5 PLM E . 20.29 -28.21 18.39
C6 PLM E . 21.61 -28.99 18.52
C7 PLM E . 21.65 -30.31 17.74
#